data_1SA1
#
_entry.id   1SA1
#
_cell.length_a   328.061
_cell.length_b   328.061
_cell.length_c   54.301
_cell.angle_alpha   90.00
_cell.angle_beta   90.00
_cell.angle_gamma   120.00
#
_symmetry.space_group_name_H-M   'P 65'
#
loop_
_entity.id
_entity.type
_entity.pdbx_description
1 polymer 'Tubulin alpha chain'
2 polymer 'Tubulin beta chain'
3 polymer 'Stathmin 4'
4 non-polymer 'MAGNESIUM ION'
5 non-polymer "GUANOSINE-5'-TRIPHOSPHATE"
6 non-polymer "GUANOSINE-5'-DIPHOSPHATE"
7 non-polymer "9-HYDROXY-5-(3,4,5-TRIMETHOXYPHENYL)-5,8,8A,9-TETRAHYDROFURO[3',4':6,7]NAPHTHO[2,3-D][1,3]DIOXOL-6(5AH)-ONE"
#
loop_
_entity_poly.entity_id
_entity_poly.type
_entity_poly.pdbx_seq_one_letter_code
_entity_poly.pdbx_strand_id
1 'polypeptide(L)'
;MRECISIHVGQAGVQIGNACWELYCLEHGIQPDGQMPSDKTIGGGDDSFNTFFSETGAGKHVPRAVFVDLEPTVIDEVRT
GTYRQLFHPEQLITGKEDAANNYARGHYTIGKEIIDLVLDRIRKLADQCTGLQGFSVFHSFGGGTGSGFTSLLMERLSVD
YGKKSKLEFSIYPAPQVSTAVVEPYNSILTTHTTLEHSDCAFMVDNEAIYDICRRNLDIERPTYTNLNRLIGQIVSSITA
SLRFDGALNVDLTEFQTNLVPYPRIHFPLATYAPVISAEKAYHEQLSVAEITNACFEPANQMVKCDPRHGKYMACCLLYR
GDVVPKDVNAAIATIKTKRTIQFVDWCPTGFKVGINYEPPTVVPGGDLAKVQRAVCMLSNTTAIAEAWARLDHKFDLMYA
KRAFVHWYVGEGMEEGEFSEAREDMAALEKDYEEVGVDSVEGEGEEEGEEY
;
A,C
2 'polypeptide(L)'
;MREIVHIQAGQCGNQIGAKFWEVISDEHGIDPTGSYHGDSDLQLERINVYYNEAAGNKYVPRAILVDLEPGTMDSVRSGP
FGQIFRPDNFVFGQSGAGNNWAKGHYTEGAELVDSVLDVVRKESESCDCLQGFQLTHSLGGGTGSGMGTLLISKIREEYP
DRIMNTFSVVPSPKVSDTVVEPYNATLSVHQLVENTDETYCIDNEALYDICFRTLKLTTPTYGDLNHLVSATMSGVTTCL
RFPGQLNADLRKLAVNMVPFPRLHFFMPGFAPLTSRGSQQYRALTVPELTQQMFDAKNMMAACDPRHGRYLTVAAVFRGR
MSMKEVDEQMLNVQNKNSSYFVEWIPNNVKTAVCDIPPRGLKMSATFIGNSTAIQELFKRISEQFTAMFRRKAFLHWYTG
EGMDEMEFTEAESNMNDLVSEYQQYQDATADEQGEFEEEGEEDEA
;
B,D
3 'polypeptide(L)'
;ADMEVIELNKCTSGQSFEVILKPPSFDGVPEFNASLPRRRDPSLEEIQKKLEAAEERRKYQEAELLKHLAEKREHEREVI
QKAIEENNNFIKMAKEKLAQKMESNKENREAHLAAMLERLQEKDKHAEEVRKNKELKEEASR
;
E
#
# COMPACT_ATOMS: atom_id res chain seq x y z
N ARG A 2 65.34 -32.76 26.13
CA ARG A 2 65.68 -31.43 26.76
C ARG A 2 64.46 -30.52 26.99
N GLU A 3 64.01 -29.80 25.99
CA GLU A 3 63.12 -28.69 26.27
C GLU A 3 61.77 -28.89 25.68
N CYS A 4 60.85 -27.97 25.95
CA CYS A 4 59.42 -28.27 25.78
C CYS A 4 58.40 -27.11 25.62
N ILE A 5 57.87 -26.90 24.42
CA ILE A 5 57.00 -25.76 24.18
C ILE A 5 55.51 -26.04 24.34
N SER A 6 54.88 -25.34 25.26
CA SER A 6 53.45 -25.43 25.37
C SER A 6 52.73 -24.56 24.33
N ILE A 7 51.85 -25.14 23.53
CA ILE A 7 50.99 -24.34 22.65
C ILE A 7 49.54 -24.48 23.06
N HIS A 8 48.90 -23.38 23.41
CA HIS A 8 47.47 -23.41 23.67
C HIS A 8 46.74 -22.60 22.69
N VAL A 9 46.30 -23.26 21.64
CA VAL A 9 45.35 -22.68 20.72
C VAL A 9 44.00 -22.92 21.34
N GLY A 10 43.10 -21.96 21.11
CA GLY A 10 41.69 -22.22 21.30
C GLY A 10 41.17 -22.02 22.69
N GLN A 11 40.16 -21.17 22.77
CA GLN A 11 39.62 -20.67 24.02
C GLN A 11 39.70 -21.56 25.25
N ALA A 12 39.27 -22.81 25.09
CA ALA A 12 39.42 -23.83 26.13
C ALA A 12 40.89 -24.05 26.43
N GLY A 13 41.64 -24.57 25.46
CA GLY A 13 43.09 -24.68 25.57
C GLY A 13 43.70 -23.52 26.38
N VAL A 14 43.40 -22.30 25.95
CA VAL A 14 43.89 -21.10 26.59
C VAL A 14 43.60 -21.09 28.07
N GLN A 15 42.33 -21.14 28.43
CA GLN A 15 42.03 -21.07 29.86
C GLN A 15 42.68 -22.21 30.61
N ILE A 16 42.58 -23.42 30.05
CA ILE A 16 43.21 -24.61 30.62
C ILE A 16 44.68 -24.32 30.81
N GLY A 17 45.30 -23.79 29.76
CA GLY A 17 46.71 -23.44 29.82
C GLY A 17 46.87 -22.56 31.01
N ASN A 18 46.25 -21.39 30.88
CA ASN A 18 46.32 -20.36 31.90
C ASN A 18 46.26 -20.92 33.32
N ALA A 19 45.57 -22.04 33.47
CA ALA A 19 45.25 -22.56 34.80
C ALA A 19 46.04 -23.82 35.19
N CYS A 20 46.83 -24.26 34.23
CA CYS A 20 47.83 -25.18 34.58
C CYS A 20 49.19 -24.51 34.55
N TRP A 21 49.34 -23.43 33.78
CA TRP A 21 50.59 -22.68 33.93
C TRP A 21 50.65 -22.16 35.34
N GLU A 22 49.50 -21.75 35.84
CA GLU A 22 49.32 -21.31 37.20
C GLU A 22 49.93 -22.32 38.16
N LEU A 23 49.50 -23.56 37.99
CA LEU A 23 49.95 -24.67 38.86
C LEU A 23 51.42 -25.01 38.69
N TYR A 24 51.93 -24.79 37.47
CA TYR A 24 53.34 -25.00 37.24
C TYR A 24 54.02 -24.11 38.23
N CYS A 25 53.75 -22.82 38.14
CA CYS A 25 54.40 -21.86 39.00
C CYS A 25 54.37 -22.24 40.44
N LEU A 26 53.14 -22.35 40.95
CA LEU A 26 52.95 -22.63 42.34
C LEU A 26 53.93 -23.71 42.76
N GLU A 27 54.09 -24.71 41.90
CA GLU A 27 54.92 -25.86 42.22
C GLU A 27 56.44 -25.57 42.17
N HIS A 28 56.87 -24.75 41.23
CA HIS A 28 58.30 -24.57 41.08
C HIS A 28 58.86 -23.39 41.85
N GLY A 29 57.96 -22.55 42.37
CA GLY A 29 58.35 -21.38 43.15
C GLY A 29 58.58 -20.21 42.23
N ILE A 30 57.48 -19.65 41.73
CA ILE A 30 57.56 -18.54 40.81
C ILE A 30 56.52 -17.51 41.21
N GLN A 31 56.97 -16.42 41.84
CA GLN A 31 56.12 -15.24 41.97
C GLN A 31 55.82 -14.68 40.52
N PRO A 32 54.56 -14.61 40.04
CA PRO A 32 54.20 -14.09 38.70
C PRO A 32 55.22 -13.28 37.90
N ASP A 33 55.63 -12.13 38.42
CA ASP A 33 56.75 -11.40 37.85
C ASP A 33 58.04 -12.22 37.96
N GLY A 34 58.75 -11.99 39.09
CA GLY A 34 60.13 -12.40 39.34
C GLY A 34 60.57 -13.85 39.58
N GLN A 35 61.71 -13.93 40.26
CA GLN A 35 62.48 -15.17 40.47
C GLN A 35 61.92 -16.00 41.61
N MET A 36 62.40 -17.23 41.72
CA MET A 36 62.27 -17.99 42.93
C MET A 36 63.40 -17.44 43.83
N PRO A 37 63.15 -16.44 44.71
CA PRO A 37 64.27 -15.78 45.41
C PRO A 37 64.69 -16.41 46.78
N SER A 38 64.22 -17.64 47.01
CA SER A 38 64.13 -18.32 48.33
C SER A 38 65.45 -18.77 48.98
N ASP A 39 65.83 -18.08 50.06
CA ASP A 39 66.92 -18.49 50.95
C ASP A 39 67.67 -19.78 50.54
N GLY A 45 70.99 -28.38 40.61
CA GLY A 45 72.34 -28.58 40.09
C GLY A 45 72.76 -27.51 39.08
N ASP A 46 71.97 -27.37 38.01
CA ASP A 46 72.08 -26.30 36.97
C ASP A 46 70.93 -26.47 35.95
N ASP A 47 69.74 -25.99 36.33
CA ASP A 47 68.42 -26.13 35.63
C ASP A 47 67.31 -26.91 36.43
N SER A 48 66.84 -28.05 35.90
CA SER A 48 65.79 -28.94 36.52
C SER A 48 64.34 -28.50 36.27
N PHE A 49 64.12 -27.18 36.38
CA PHE A 49 62.85 -26.48 36.12
C PHE A 49 62.85 -25.88 34.72
N ASN A 50 64.03 -25.87 34.10
CA ASN A 50 64.30 -25.44 32.72
C ASN A 50 63.64 -26.34 31.66
N THR A 51 62.98 -27.37 32.16
CA THR A 51 62.38 -28.39 31.33
C THR A 51 61.45 -27.66 30.41
N PHE A 52 60.64 -26.79 31.01
CA PHE A 52 59.71 -25.92 30.29
C PHE A 52 60.19 -24.50 30.07
N PHE A 53 60.71 -23.84 31.12
CA PHE A 53 60.99 -22.40 31.05
C PHE A 53 62.40 -22.04 30.58
N SER A 54 62.58 -20.83 30.03
CA SER A 54 63.90 -20.26 29.77
C SER A 54 64.18 -19.12 30.74
N GLU A 55 65.31 -19.13 31.42
CA GLU A 55 65.59 -18.11 32.44
C GLU A 55 66.12 -16.75 31.87
N THR A 56 65.21 -15.97 31.29
CA THR A 56 65.54 -14.69 30.61
C THR A 56 65.90 -13.53 31.57
N GLY A 57 66.37 -12.42 30.99
CA GLY A 57 66.80 -11.24 31.74
C GLY A 57 67.85 -11.61 32.76
N ALA A 58 67.68 -11.10 33.98
CA ALA A 58 68.49 -11.51 35.12
C ALA A 58 67.67 -11.57 36.41
N GLY A 59 66.36 -11.61 36.24
CA GLY A 59 65.42 -11.76 37.33
C GLY A 59 64.44 -12.81 36.90
N LYS A 60 63.87 -12.60 35.70
CA LYS A 60 62.66 -13.26 35.13
C LYS A 60 62.72 -14.79 34.96
N HIS A 61 61.59 -15.51 35.06
CA HIS A 61 61.68 -16.93 34.75
C HIS A 61 61.03 -17.47 33.46
N VAL A 62 59.88 -16.92 33.09
CA VAL A 62 59.20 -17.11 31.77
C VAL A 62 59.11 -18.49 31.08
N PRO A 63 57.88 -18.96 30.84
CA PRO A 63 57.64 -20.23 30.15
C PRO A 63 58.00 -20.26 28.68
N ARG A 64 57.96 -21.47 28.16
CA ARG A 64 58.09 -21.69 26.75
C ARG A 64 56.70 -22.04 26.29
N ALA A 65 56.02 -20.97 25.89
CA ALA A 65 54.59 -20.99 25.77
C ALA A 65 54.11 -20.25 24.54
N VAL A 66 52.97 -20.68 24.00
CA VAL A 66 52.26 -19.84 23.05
C VAL A 66 50.79 -19.96 23.17
N PHE A 67 50.16 -18.80 23.16
CA PHE A 67 48.73 -18.76 23.19
C PHE A 67 48.27 -18.13 21.89
N VAL A 68 47.27 -18.78 21.29
CA VAL A 68 46.62 -18.34 20.08
C VAL A 68 45.14 -18.43 20.32
N ASP A 69 44.44 -17.35 20.10
CA ASP A 69 42.99 -17.42 19.86
C ASP A 69 42.58 -16.38 18.81
N LEU A 70 41.42 -16.56 18.17
CA LEU A 70 41.10 -15.72 17.01
C LEU A 70 40.18 -14.52 17.29
N GLU A 71 39.78 -14.39 18.55
CA GLU A 71 39.24 -13.16 19.10
C GLU A 71 40.25 -12.81 20.18
N PRO A 72 40.29 -11.56 20.63
CA PRO A 72 40.98 -11.23 21.89
C PRO A 72 40.17 -11.81 23.05
N THR A 73 39.35 -11.02 23.73
CA THR A 73 38.51 -11.50 24.83
C THR A 73 39.26 -12.34 25.88
N VAL A 74 39.53 -13.61 25.56
CA VAL A 74 40.13 -14.58 26.48
C VAL A 74 41.56 -14.25 26.80
N ILE A 75 42.34 -14.05 25.75
CA ILE A 75 43.76 -13.73 25.82
C ILE A 75 44.01 -12.45 26.62
N ASP A 76 43.16 -11.44 26.40
CA ASP A 76 43.28 -10.19 27.13
C ASP A 76 43.30 -10.42 28.64
N GLU A 77 42.33 -11.19 29.11
CA GLU A 77 42.25 -11.48 30.53
C GLU A 77 43.60 -11.96 31.04
N VAL A 78 44.38 -12.60 30.18
CA VAL A 78 45.72 -13.03 30.55
C VAL A 78 46.56 -11.78 30.70
N ARG A 79 46.32 -10.78 29.85
CA ARG A 79 47.08 -9.54 29.89
C ARG A 79 46.55 -8.52 30.87
N THR A 80 45.56 -8.92 31.68
CA THR A 80 44.94 -8.07 32.73
C THR A 80 45.37 -8.42 34.20
N GLY A 81 45.21 -9.71 34.56
CA GLY A 81 45.35 -10.19 35.93
C GLY A 81 46.64 -10.92 36.11
N THR A 82 47.21 -10.78 37.31
CA THR A 82 48.56 -11.27 37.54
C THR A 82 48.70 -12.62 36.86
N TYR A 83 49.93 -12.84 36.43
CA TYR A 83 50.32 -13.73 35.33
C TYR A 83 50.52 -12.85 34.08
N ARG A 84 49.83 -11.71 34.05
CA ARG A 84 50.04 -10.71 33.01
C ARG A 84 51.49 -10.25 32.88
N GLN A 85 52.28 -10.55 33.89
CA GLN A 85 53.67 -10.16 33.89
C GLN A 85 54.54 -11.34 33.48
N LEU A 86 53.95 -12.52 33.38
CA LEU A 86 54.73 -13.74 33.35
C LEU A 86 55.03 -14.19 31.95
N PHE A 87 54.35 -13.64 30.98
CA PHE A 87 54.65 -13.98 29.61
C PHE A 87 55.31 -12.79 28.92
N HIS A 88 55.79 -12.99 27.68
CA HIS A 88 56.05 -11.87 26.79
C HIS A 88 54.78 -11.56 26.04
N PRO A 89 54.55 -10.31 25.64
CA PRO A 89 53.36 -9.99 24.86
C PRO A 89 53.43 -10.77 23.54
N GLU A 90 54.65 -11.19 23.22
CA GLU A 90 54.96 -11.82 21.98
C GLU A 90 54.53 -13.24 21.93
N GLN A 91 54.50 -13.88 23.08
CA GLN A 91 54.02 -15.26 23.15
C GLN A 91 52.49 -15.29 23.13
N LEU A 92 51.89 -14.11 23.03
CA LEU A 92 50.44 -13.99 23.18
C LEU A 92 49.74 -13.55 21.94
N ILE A 93 49.64 -14.46 20.99
CA ILE A 93 49.04 -14.11 19.74
C ILE A 93 47.52 -14.08 19.79
N THR A 94 47.01 -12.90 19.49
CA THR A 94 45.57 -12.69 19.36
C THR A 94 45.16 -12.32 17.93
N GLY A 95 44.10 -12.95 17.49
CA GLY A 95 43.77 -12.86 16.11
C GLY A 95 42.69 -11.86 15.84
N LYS A 96 42.37 -10.96 16.79
CA LYS A 96 41.25 -9.93 16.72
C LYS A 96 39.99 -10.18 15.81
N GLU A 97 40.05 -11.27 15.05
CA GLU A 97 39.13 -11.48 13.98
C GLU A 97 38.34 -12.76 14.07
N ASP A 98 37.03 -12.53 14.20
CA ASP A 98 35.98 -13.45 13.82
C ASP A 98 36.20 -14.84 14.47
N ALA A 99 35.76 -14.98 15.72
CA ALA A 99 35.75 -16.25 16.39
C ALA A 99 35.65 -17.43 15.36
N ALA A 100 34.44 -17.82 14.96
CA ALA A 100 34.26 -18.93 14.02
C ALA A 100 33.04 -19.76 14.35
N ASN A 101 33.32 -20.94 14.87
CA ASN A 101 32.39 -21.99 15.29
C ASN A 101 32.18 -23.10 14.28
N ASN A 102 33.13 -23.18 13.37
CA ASN A 102 33.24 -24.28 12.46
C ASN A 102 34.67 -24.49 12.03
N TYR A 103 35.05 -25.75 12.01
CA TYR A 103 36.36 -26.19 11.59
C TYR A 103 36.69 -25.53 10.28
N ALA A 104 35.68 -25.42 9.43
CA ALA A 104 35.82 -24.79 8.14
C ALA A 104 36.41 -23.42 8.30
N ARG A 105 35.94 -22.72 9.31
CA ARG A 105 36.46 -21.40 9.60
C ARG A 105 37.96 -21.51 9.82
N GLY A 106 38.36 -22.15 10.93
CA GLY A 106 39.76 -22.16 11.34
C GLY A 106 40.66 -22.71 10.27
N HIS A 107 40.64 -24.04 10.15
CA HIS A 107 41.56 -24.77 9.32
C HIS A 107 41.70 -24.18 7.88
N TYR A 108 40.85 -23.21 7.51
CA TYR A 108 40.83 -22.78 6.12
C TYR A 108 40.74 -21.27 5.87
N THR A 109 39.70 -20.67 6.45
CA THR A 109 39.23 -19.34 6.08
C THR A 109 39.98 -18.31 6.86
N ILE A 110 39.62 -18.19 8.13
CA ILE A 110 40.27 -17.27 9.03
C ILE A 110 41.68 -17.75 9.51
N GLY A 111 41.94 -19.07 9.47
CA GLY A 111 43.21 -19.63 9.91
C GLY A 111 44.39 -19.28 9.05
N LYS A 112 44.29 -19.60 7.77
CA LYS A 112 45.19 -19.10 6.72
C LYS A 112 45.84 -17.77 7.10
N GLU A 113 45.09 -16.91 7.79
CA GLU A 113 45.56 -15.55 8.08
C GLU A 113 46.73 -15.48 9.08
N ILE A 114 46.57 -16.19 10.18
CA ILE A 114 47.47 -16.06 11.33
C ILE A 114 48.53 -17.16 11.41
N ILE A 115 48.26 -18.27 10.71
CA ILE A 115 49.11 -19.45 10.74
C ILE A 115 50.58 -19.12 10.57
N ASP A 116 50.87 -18.08 9.80
CA ASP A 116 52.22 -17.71 9.56
C ASP A 116 52.83 -17.00 10.74
N LEU A 117 52.08 -16.07 11.33
CA LEU A 117 52.63 -15.34 12.46
C LEU A 117 52.85 -16.26 13.63
N VAL A 118 51.95 -17.22 13.79
CA VAL A 118 52.12 -18.20 14.84
C VAL A 118 53.32 -19.06 14.54
N LEU A 119 53.22 -19.88 13.50
CA LEU A 119 54.31 -20.78 13.08
C LEU A 119 55.68 -20.12 13.24
N ASP A 120 55.70 -18.81 13.02
CA ASP A 120 56.84 -17.97 13.24
C ASP A 120 57.23 -18.08 14.71
N ARG A 121 56.52 -17.35 15.57
CA ARG A 121 56.89 -17.13 16.97
C ARG A 121 57.40 -18.38 17.63
N ILE A 122 56.80 -19.50 17.25
CA ILE A 122 57.05 -20.74 17.95
C ILE A 122 58.40 -21.26 17.59
N ARG A 123 58.86 -21.05 16.34
CA ARG A 123 60.24 -21.37 15.96
C ARG A 123 61.19 -20.44 16.70
N LYS A 124 60.83 -19.15 16.67
CA LYS A 124 61.51 -18.08 17.40
C LYS A 124 61.78 -18.46 18.85
N LEU A 125 60.94 -19.36 19.34
CA LEU A 125 60.98 -19.81 20.71
C LEU A 125 61.83 -21.06 20.89
N ALA A 126 61.78 -21.93 19.88
CA ALA A 126 62.57 -23.15 19.84
C ALA A 126 63.92 -22.80 19.26
N ASP A 127 64.12 -21.54 18.92
CA ASP A 127 65.45 -21.04 18.53
C ASP A 127 66.36 -20.85 19.76
N GLN A 128 65.73 -20.50 20.90
CA GLN A 128 66.32 -20.72 22.22
C GLN A 128 65.93 -22.11 22.61
N CYS A 129 66.89 -22.94 23.01
CA CYS A 129 66.59 -24.33 23.18
C CYS A 129 67.70 -25.07 22.54
N THR A 130 68.60 -25.62 23.34
CA THR A 130 69.63 -26.49 22.78
C THR A 130 69.10 -27.92 22.63
N GLY A 131 68.35 -28.13 21.56
CA GLY A 131 67.75 -29.42 21.26
C GLY A 131 66.36 -29.61 21.85
N LEU A 132 65.37 -29.02 21.21
CA LEU A 132 63.99 -29.19 21.63
C LEU A 132 63.55 -30.65 21.53
N GLN A 133 62.43 -30.93 22.15
CA GLN A 133 61.93 -32.27 22.24
C GLN A 133 60.60 -32.42 21.48
N GLY A 134 59.69 -31.48 21.67
CA GLY A 134 58.42 -31.54 20.97
C GLY A 134 57.48 -30.56 21.59
N PHE A 135 56.23 -30.60 21.16
CA PHE A 135 55.28 -29.67 21.72
C PHE A 135 54.17 -30.44 22.33
N SER A 136 53.75 -30.01 23.52
CA SER A 136 52.41 -30.32 23.99
C SER A 136 51.44 -29.16 23.69
N VAL A 137 50.37 -29.49 22.96
CA VAL A 137 49.43 -28.59 22.31
C VAL A 137 48.05 -28.79 22.88
N PHE A 138 47.47 -27.78 23.52
CA PHE A 138 46.18 -27.94 24.19
C PHE A 138 45.04 -27.25 23.46
N HIS A 139 43.97 -27.99 23.21
CA HIS A 139 42.88 -27.47 22.38
C HIS A 139 41.56 -28.17 22.63
N SER A 140 40.48 -27.45 22.33
CA SER A 140 39.12 -27.93 22.45
C SER A 140 38.82 -28.87 21.31
N PHE A 141 38.00 -29.90 21.51
CA PHE A 141 37.74 -30.87 20.45
C PHE A 141 36.81 -30.29 19.43
N GLY A 142 35.64 -29.86 19.92
CA GLY A 142 34.66 -29.17 19.13
C GLY A 142 34.95 -27.71 19.34
N GLY A 143 34.38 -26.85 18.51
CA GLY A 143 34.57 -25.42 18.68
C GLY A 143 35.56 -24.70 17.76
N GLY A 144 35.04 -23.66 17.12
CA GLY A 144 35.65 -23.02 15.96
C GLY A 144 37.14 -23.21 15.80
N THR A 145 37.88 -22.41 16.57
CA THR A 145 39.29 -22.19 16.29
C THR A 145 40.19 -22.99 17.18
N GLY A 146 40.11 -24.28 17.15
CA GLY A 146 40.90 -25.00 18.11
C GLY A 146 40.35 -26.33 17.94
N SER A 147 39.25 -26.36 17.20
CA SER A 147 38.88 -27.49 16.39
C SER A 147 39.64 -27.21 15.09
N GLY A 148 39.28 -26.11 14.46
CA GLY A 148 39.80 -25.77 13.15
C GLY A 148 41.29 -25.58 13.15
N PHE A 149 41.71 -24.50 13.83
CA PHE A 149 43.08 -23.97 13.70
C PHE A 149 44.11 -24.94 14.19
N THR A 150 43.78 -25.59 15.32
CA THR A 150 44.55 -26.69 15.91
C THR A 150 45.11 -27.65 14.87
N SER A 151 44.20 -28.24 14.08
CA SER A 151 44.60 -29.04 12.91
C SER A 151 45.54 -28.33 11.92
N LEU A 152 45.19 -27.15 11.42
CA LEU A 152 46.13 -26.42 10.60
C LEU A 152 47.50 -26.29 11.27
N LEU A 153 47.55 -25.93 12.55
CA LEU A 153 48.82 -25.78 13.26
C LEU A 153 49.60 -27.04 13.13
N MET A 154 48.93 -28.11 13.51
CA MET A 154 49.55 -29.40 13.62
C MET A 154 50.08 -29.89 12.30
N GLU A 155 49.41 -29.53 11.21
CA GLU A 155 49.85 -29.93 9.86
C GLU A 155 51.24 -29.39 9.69
N ARG A 156 51.34 -28.07 9.71
CA ARG A 156 52.60 -27.40 9.46
C ARG A 156 53.69 -27.84 10.42
N LEU A 157 53.35 -27.94 11.72
CA LEU A 157 54.30 -28.35 12.76
C LEU A 157 55.12 -29.54 12.33
N SER A 158 54.41 -30.58 11.91
CA SER A 158 55.02 -31.83 11.46
C SER A 158 55.87 -31.64 10.23
N VAL A 159 55.62 -30.58 9.48
CA VAL A 159 56.44 -30.39 8.31
C VAL A 159 57.73 -29.78 8.74
N ASP A 160 57.67 -28.97 9.78
CA ASP A 160 58.85 -28.24 10.17
C ASP A 160 59.69 -28.93 11.23
N TYR A 161 59.11 -29.88 11.96
CA TYR A 161 59.84 -30.60 13.03
C TYR A 161 59.62 -32.13 12.95
N GLY A 162 60.20 -32.72 11.88
CA GLY A 162 59.90 -34.07 11.42
C GLY A 162 59.95 -35.15 12.48
N LYS A 163 61.14 -35.31 13.04
CA LYS A 163 61.39 -36.14 14.23
C LYS A 163 60.55 -35.69 15.44
N LYS A 164 60.93 -34.54 16.02
CA LYS A 164 60.30 -33.97 17.21
C LYS A 164 58.80 -34.28 17.35
N SER A 165 58.44 -34.92 18.48
CA SER A 165 57.11 -35.47 18.70
C SER A 165 56.11 -34.49 19.34
N LYS A 166 54.84 -34.84 19.21
CA LYS A 166 53.75 -33.95 19.50
C LYS A 166 52.66 -34.69 20.28
N LEU A 167 52.16 -34.00 21.31
CA LEU A 167 51.23 -34.53 22.31
C LEU A 167 50.02 -33.65 22.47
N GLU A 168 48.85 -34.07 21.99
CA GLU A 168 47.63 -33.25 22.16
C GLU A 168 46.90 -33.52 23.51
N PHE A 169 46.48 -32.44 24.17
CA PHE A 169 45.54 -32.53 25.28
C PHE A 169 44.21 -32.00 24.73
N SER A 170 43.31 -32.92 24.39
CA SER A 170 42.03 -32.61 23.74
C SER A 170 40.92 -32.53 24.77
N ILE A 171 40.02 -31.59 24.61
CA ILE A 171 38.87 -31.56 25.48
C ILE A 171 37.59 -31.92 24.75
N TYR A 172 37.13 -33.15 25.05
CA TYR A 172 35.98 -33.85 24.43
C TYR A 172 34.66 -33.39 25.06
N PRO A 173 33.75 -32.89 24.25
CA PRO A 173 32.74 -31.95 24.73
C PRO A 173 31.50 -32.66 25.22
N ALA A 174 30.87 -32.07 26.23
CA ALA A 174 29.89 -32.79 27.07
C ALA A 174 28.53 -32.15 27.05
N PRO A 175 27.58 -32.86 26.42
CA PRO A 175 26.22 -32.37 26.18
C PRO A 175 25.75 -31.26 27.10
N GLN A 176 25.95 -31.38 28.42
CA GLN A 176 25.50 -30.33 29.34
C GLN A 176 26.47 -29.15 29.43
N VAL A 177 27.73 -29.38 29.73
CA VAL A 177 28.63 -28.24 29.77
C VAL A 177 29.45 -28.08 28.49
N SER A 178 28.69 -27.74 27.46
CA SER A 178 29.21 -27.57 26.12
C SER A 178 28.66 -26.27 25.53
N THR A 179 29.05 -26.02 24.27
CA THR A 179 28.65 -24.86 23.48
C THR A 179 27.63 -25.22 22.39
N ALA A 180 28.13 -25.51 21.20
CA ALA A 180 27.28 -25.47 19.99
C ALA A 180 26.80 -26.82 19.44
N VAL A 181 25.66 -26.76 18.77
CA VAL A 181 25.12 -27.88 18.04
C VAL A 181 26.18 -28.58 17.24
N VAL A 182 26.97 -27.81 16.51
CA VAL A 182 27.86 -28.41 15.52
C VAL A 182 29.10 -29.13 16.09
N GLU A 183 29.26 -29.14 17.41
CA GLU A 183 30.43 -29.74 18.03
C GLU A 183 30.91 -31.09 17.47
N PRO A 184 30.03 -32.09 17.37
CA PRO A 184 30.41 -33.38 16.79
C PRO A 184 31.16 -33.18 15.49
N TYR A 185 30.50 -32.61 14.47
CA TYR A 185 31.10 -32.32 13.16
C TYR A 185 32.50 -31.83 13.33
N ASN A 186 32.69 -30.94 14.29
CA ASN A 186 33.98 -30.29 14.54
C ASN A 186 35.10 -31.20 15.12
N SER A 187 34.76 -32.01 16.13
CA SER A 187 35.74 -32.92 16.71
C SER A 187 36.11 -33.89 15.61
N ILE A 188 35.13 -34.69 15.20
CA ILE A 188 35.26 -35.66 14.12
C ILE A 188 36.04 -35.11 12.95
N LEU A 189 35.81 -33.85 12.64
CA LEU A 189 36.54 -33.19 11.60
C LEU A 189 37.98 -33.06 11.99
N THR A 190 38.26 -32.35 13.08
CA THR A 190 39.65 -32.17 13.53
C THR A 190 40.34 -33.53 13.75
N THR A 191 39.75 -34.32 14.62
CA THR A 191 40.42 -35.49 15.07
C THR A 191 40.76 -36.45 13.95
N HIS A 192 40.07 -36.30 12.82
CA HIS A 192 40.47 -37.02 11.61
C HIS A 192 41.81 -36.51 11.09
N THR A 193 41.88 -35.22 10.81
CA THR A 193 43.07 -34.62 10.15
C THR A 193 44.19 -34.72 11.13
N THR A 194 43.86 -34.29 12.35
CA THR A 194 44.80 -34.18 13.43
C THR A 194 45.51 -35.50 13.77
N LEU A 195 44.76 -36.62 13.77
CA LEU A 195 45.25 -37.95 14.22
C LEU A 195 46.54 -38.49 13.54
N GLU A 196 46.72 -38.17 12.26
CA GLU A 196 47.92 -38.64 11.59
C GLU A 196 49.23 -37.88 11.92
N HIS A 197 49.09 -36.80 12.69
CA HIS A 197 50.21 -35.92 12.99
C HIS A 197 50.58 -35.88 14.49
N SER A 198 49.70 -36.43 15.35
CA SER A 198 49.98 -36.51 16.82
C SER A 198 50.41 -37.91 17.31
N ASP A 199 51.36 -37.90 18.24
CA ASP A 199 52.14 -39.08 18.58
C ASP A 199 51.48 -39.83 19.73
N CYS A 200 50.57 -39.12 20.40
CA CYS A 200 49.81 -39.62 21.54
C CYS A 200 48.90 -38.47 21.97
N ALA A 201 47.74 -38.79 22.52
CA ALA A 201 46.79 -37.74 22.75
C ALA A 201 45.91 -37.93 23.95
N PHE A 202 45.88 -36.93 24.80
CA PHE A 202 45.15 -37.04 26.04
C PHE A 202 43.75 -36.53 26.00
N MET A 203 42.81 -37.43 25.80
CA MET A 203 41.44 -37.01 25.85
C MET A 203 41.07 -36.61 27.25
N VAL A 204 40.26 -35.55 27.38
CA VAL A 204 39.63 -35.17 28.65
C VAL A 204 38.18 -34.84 28.43
N ASP A 205 37.29 -35.61 29.01
CA ASP A 205 35.88 -35.41 28.77
C ASP A 205 35.25 -34.67 29.93
N ASN A 206 34.49 -33.61 29.64
CA ASN A 206 33.98 -32.72 30.68
C ASN A 206 32.96 -33.39 31.51
N GLU A 207 32.01 -34.04 30.85
CA GLU A 207 31.02 -34.87 31.54
C GLU A 207 31.68 -35.81 32.56
N ALA A 208 33.02 -35.90 32.57
CA ALA A 208 33.71 -36.69 33.59
C ALA A 208 34.28 -35.80 34.66
N ILE A 209 34.85 -34.68 34.23
CA ILE A 209 35.40 -33.71 35.15
C ILE A 209 34.24 -33.12 35.90
N TYR A 210 33.26 -32.63 35.17
CA TYR A 210 32.07 -32.05 35.76
C TYR A 210 31.52 -33.06 36.73
N ASP A 211 31.35 -34.27 36.25
CA ASP A 211 30.80 -35.30 37.07
C ASP A 211 31.65 -35.52 38.34
N ILE A 212 32.97 -35.29 38.27
CA ILE A 212 33.83 -35.48 39.46
C ILE A 212 33.51 -34.40 40.49
N CYS A 213 33.34 -33.20 39.96
CA CYS A 213 33.07 -32.02 40.74
C CYS A 213 31.69 -32.05 41.27
N ARG A 214 31.32 -33.21 41.74
CA ARG A 214 29.94 -33.39 42.08
C ARG A 214 30.06 -34.37 43.19
N ARG A 215 30.67 -35.50 42.85
CA ARG A 215 30.91 -36.54 43.83
C ARG A 215 32.06 -36.13 44.78
N ASN A 216 32.96 -35.30 44.27
CA ASN A 216 34.16 -35.08 45.01
C ASN A 216 34.27 -33.67 45.54
N LEU A 217 34.08 -32.69 44.66
CA LEU A 217 34.19 -31.32 45.09
C LEU A 217 32.86 -30.81 45.57
N ASP A 218 31.83 -31.62 45.38
CA ASP A 218 30.50 -31.31 45.87
C ASP A 218 30.18 -29.86 45.59
N ILE A 219 30.12 -29.54 44.31
CA ILE A 219 29.57 -28.26 43.89
C ILE A 219 28.46 -28.48 42.87
N GLU A 220 27.29 -27.91 43.14
CA GLU A 220 26.18 -28.07 42.25
C GLU A 220 26.45 -27.27 41.02
N ARG A 221 27.70 -26.89 40.84
CA ARG A 221 28.00 -25.63 40.18
C ARG A 221 28.76 -25.65 38.87
N PRO A 222 29.60 -26.63 38.67
CA PRO A 222 30.90 -26.48 38.02
C PRO A 222 31.20 -25.21 37.23
N THR A 223 32.08 -24.38 37.77
CA THR A 223 32.56 -23.19 37.05
C THR A 223 33.62 -23.60 36.06
N TYR A 224 33.67 -22.91 34.93
CA TYR A 224 34.71 -23.21 33.95
C TYR A 224 36.04 -23.29 34.65
N THR A 225 36.38 -22.20 35.33
CA THR A 225 37.59 -22.16 36.14
C THR A 225 37.70 -23.46 36.98
N ASN A 226 36.64 -23.79 37.72
CA ASN A 226 36.56 -25.00 38.56
C ASN A 226 37.10 -26.22 37.91
N LEU A 227 36.59 -26.46 36.71
CA LEU A 227 36.98 -27.60 35.93
C LEU A 227 38.43 -27.47 35.65
N ASN A 228 38.81 -26.31 35.16
CA ASN A 228 40.17 -26.16 34.76
C ASN A 228 41.19 -26.56 35.82
N ARG A 229 41.15 -25.96 37.01
CA ARG A 229 42.17 -26.27 38.05
C ARG A 229 42.30 -27.79 38.22
N LEU A 230 41.20 -28.50 38.02
CA LEU A 230 41.17 -29.94 38.11
C LEU A 230 41.95 -30.61 36.98
N ILE A 231 41.66 -30.26 35.74
CA ILE A 231 42.45 -30.71 34.61
C ILE A 231 43.88 -30.28 34.85
N GLY A 232 44.00 -29.04 35.27
CA GLY A 232 45.26 -28.41 35.58
C GLY A 232 46.06 -29.36 36.39
N GLN A 233 45.44 -29.83 37.45
CA GLN A 233 46.10 -30.78 38.29
C GLN A 233 46.58 -32.04 37.52
N ILE A 234 45.66 -32.77 36.90
CA ILE A 234 46.00 -34.01 36.20
C ILE A 234 47.22 -33.77 35.34
N VAL A 235 47.06 -32.79 34.45
CA VAL A 235 48.10 -32.26 33.55
C VAL A 235 49.48 -32.08 34.20
N SER A 236 49.48 -31.41 35.34
CA SER A 236 50.67 -31.40 36.16
C SER A 236 51.16 -32.83 36.30
N SER A 237 50.34 -33.69 36.86
CA SER A 237 50.86 -35.00 37.16
C SER A 237 51.32 -35.69 35.90
N ILE A 238 50.65 -35.39 34.77
CA ILE A 238 50.94 -36.01 33.48
C ILE A 238 52.30 -35.68 32.98
N THR A 239 52.57 -34.36 32.96
CA THR A 239 53.89 -33.82 32.65
C THR A 239 54.87 -34.11 33.79
N ALA A 240 55.77 -33.18 34.03
CA ALA A 240 56.34 -33.11 35.37
C ALA A 240 57.17 -34.29 35.77
N SER A 241 56.82 -35.46 35.28
CA SER A 241 57.82 -36.50 35.19
C SER A 241 59.10 -35.87 34.53
N LEU A 242 58.85 -34.96 33.58
CA LEU A 242 59.87 -34.33 32.72
C LEU A 242 60.15 -32.86 33.00
N ARG A 243 59.52 -32.33 34.03
CA ARG A 243 59.95 -31.02 34.52
C ARG A 243 60.80 -31.19 35.79
N PHE A 244 60.77 -32.41 36.33
CA PHE A 244 61.57 -32.71 37.51
C PHE A 244 62.70 -33.68 37.19
N ASP A 245 62.54 -34.41 36.08
CA ASP A 245 63.41 -35.54 35.76
C ASP A 245 63.47 -36.59 36.91
N GLY A 246 62.74 -37.67 36.71
CA GLY A 246 62.86 -38.86 37.55
C GLY A 246 62.20 -39.96 36.77
N ALA A 247 62.97 -40.97 36.31
CA ALA A 247 62.57 -41.96 35.28
C ALA A 247 61.04 -42.00 34.94
N LEU A 248 60.45 -43.20 34.84
CA LEU A 248 59.02 -43.39 34.45
C LEU A 248 58.48 -42.44 33.39
N ASN A 249 59.39 -42.04 32.51
CA ASN A 249 59.13 -41.25 31.32
C ASN A 249 59.44 -39.71 31.43
N VAL A 250 60.40 -39.25 30.63
CA VAL A 250 60.89 -37.85 30.63
C VAL A 250 61.65 -37.63 29.35
N ASP A 251 61.06 -36.80 28.51
CA ASP A 251 61.29 -36.89 27.08
C ASP A 251 60.07 -37.54 26.47
N LEU A 252 59.63 -36.95 25.39
CA LEU A 252 58.36 -37.28 24.86
C LEU A 252 58.42 -38.70 24.35
N THR A 253 59.46 -39.03 23.62
CA THR A 253 59.58 -40.39 23.11
C THR A 253 59.26 -41.50 24.15
N GLU A 254 59.35 -41.22 25.44
CA GLU A 254 58.99 -42.24 26.45
C GLU A 254 57.47 -42.38 26.61
N PHE A 255 56.77 -41.47 25.92
CA PHE A 255 55.31 -41.33 25.92
C PHE A 255 54.57 -42.19 24.91
N GLN A 256 55.14 -42.34 23.72
CA GLN A 256 54.69 -43.41 22.85
C GLN A 256 55.32 -44.68 23.35
N THR A 257 56.63 -44.66 23.59
CA THR A 257 57.34 -45.86 24.00
C THR A 257 56.56 -46.55 25.08
N ASN A 258 56.14 -45.81 26.11
CA ASN A 258 55.44 -46.48 27.17
C ASN A 258 53.91 -46.62 27.12
N LEU A 259 53.28 -46.05 26.10
CA LEU A 259 51.81 -45.97 26.07
C LEU A 259 51.06 -46.36 24.80
N VAL A 260 51.60 -46.01 23.66
CA VAL A 260 51.00 -46.41 22.40
C VAL A 260 51.80 -47.52 21.76
N PRO A 261 51.13 -48.63 21.57
CA PRO A 261 51.71 -49.79 20.91
C PRO A 261 51.49 -49.70 19.41
N TYR A 262 50.63 -48.83 18.92
CA TYR A 262 50.28 -48.83 17.50
C TYR A 262 50.23 -47.45 16.89
N PRO A 263 50.48 -47.34 15.59
CA PRO A 263 50.63 -46.03 14.97
C PRO A 263 49.47 -45.16 15.43
N ARG A 264 48.25 -45.69 15.34
CA ARG A 264 47.01 -44.91 15.47
C ARG A 264 46.79 -44.22 16.81
N ILE A 265 47.62 -43.17 17.06
CA ILE A 265 47.67 -42.03 18.04
C ILE A 265 47.19 -42.33 19.47
N HIS A 266 46.96 -43.59 19.77
CA HIS A 266 46.05 -44.03 20.80
C HIS A 266 45.96 -43.07 21.94
N PHE A 267 44.74 -42.90 22.41
CA PHE A 267 44.47 -41.86 23.36
C PHE A 267 44.33 -42.54 24.69
N PRO A 268 45.37 -42.38 25.54
CA PRO A 268 45.41 -43.02 26.85
C PRO A 268 44.29 -42.49 27.68
N LEU A 269 43.97 -43.28 28.68
CA LEU A 269 42.89 -42.96 29.57
C LEU A 269 43.54 -42.42 30.83
N ALA A 270 42.99 -41.33 31.37
CA ALA A 270 43.62 -40.67 32.50
C ALA A 270 42.81 -40.83 33.81
N THR A 271 43.45 -40.82 34.98
CA THR A 271 42.73 -40.95 36.25
C THR A 271 43.43 -40.38 37.49
N TYR A 272 43.11 -39.18 37.94
CA TYR A 272 43.81 -38.61 39.08
C TYR A 272 43.34 -39.28 40.32
N ALA A 273 44.18 -39.22 41.34
CA ALA A 273 44.02 -40.02 42.55
C ALA A 273 43.02 -39.52 43.61
N PRO A 274 43.48 -38.75 44.58
CA PRO A 274 42.61 -38.25 45.63
C PRO A 274 42.25 -36.82 45.35
N VAL A 275 41.07 -36.64 44.81
CA VAL A 275 40.51 -35.33 44.67
C VAL A 275 39.70 -35.24 45.91
N ILE A 276 39.96 -34.23 46.71
CA ILE A 276 39.17 -33.99 47.90
C ILE A 276 39.21 -32.56 48.40
N SER A 277 38.00 -32.06 48.68
CA SER A 277 37.68 -30.67 48.93
C SER A 277 38.42 -30.16 50.15
N ALA A 278 38.70 -28.87 50.24
CA ALA A 278 39.08 -28.35 51.55
C ALA A 278 37.81 -28.40 52.40
N GLU A 279 37.89 -27.91 53.63
CA GLU A 279 36.85 -28.19 54.60
C GLU A 279 37.07 -29.62 55.08
N LYS A 280 37.36 -30.52 54.14
CA LYS A 280 37.54 -31.95 54.42
C LYS A 280 39.01 -32.31 54.46
N ALA A 281 39.85 -31.27 54.44
CA ALA A 281 41.28 -31.38 54.20
C ALA A 281 42.14 -31.96 55.34
N TYR A 282 41.51 -32.25 56.46
CA TYR A 282 42.26 -32.66 57.63
C TYR A 282 41.99 -34.09 58.01
N HIS A 283 41.09 -34.74 57.27
CA HIS A 283 40.75 -36.17 57.47
C HIS A 283 41.85 -37.13 56.97
N GLU A 284 42.82 -36.56 56.24
CA GLU A 284 43.79 -37.24 55.37
C GLU A 284 44.62 -38.33 56.03
N GLN A 285 45.59 -38.80 55.23
CA GLN A 285 46.12 -40.13 55.33
C GLN A 285 45.22 -40.93 54.39
N LEU A 286 45.57 -40.96 53.11
CA LEU A 286 44.88 -41.88 52.26
C LEU A 286 45.76 -43.09 51.93
N SER A 287 45.24 -44.30 52.22
CA SER A 287 45.97 -45.58 52.08
C SER A 287 46.72 -45.65 50.74
N VAL A 288 48.04 -45.76 50.79
CA VAL A 288 48.81 -45.86 49.56
C VAL A 288 48.20 -46.94 48.68
N ALA A 289 47.33 -47.76 49.27
CA ALA A 289 46.57 -48.78 48.56
C ALA A 289 45.31 -48.23 47.94
N GLU A 290 44.64 -47.37 48.68
CA GLU A 290 43.34 -46.84 48.27
C GLU A 290 43.46 -45.95 47.06
N ILE A 291 44.33 -44.97 47.17
CA ILE A 291 44.67 -44.15 46.04
C ILE A 291 44.85 -45.01 44.79
N THR A 292 45.37 -46.20 44.98
CA THR A 292 45.51 -47.09 43.87
C THR A 292 44.17 -47.72 43.56
N ASN A 293 43.54 -48.29 44.58
CA ASN A 293 42.27 -48.95 44.38
C ASN A 293 41.26 -48.04 43.76
N ALA A 294 41.22 -46.81 44.25
CA ALA A 294 40.32 -45.80 43.71
C ALA A 294 40.81 -45.31 42.36
N CYS A 295 41.96 -45.82 41.94
CA CYS A 295 42.52 -45.51 40.66
C CYS A 295 41.80 -46.26 39.59
N PHE A 296 41.37 -47.42 39.97
CA PHE A 296 40.72 -48.30 39.06
C PHE A 296 39.26 -48.16 39.36
N GLU A 297 38.72 -47.01 39.00
CA GLU A 297 37.39 -46.68 39.41
C GLU A 297 36.64 -45.98 38.31
N PRO A 298 35.62 -46.66 37.79
CA PRO A 298 34.88 -46.15 36.65
C PRO A 298 34.52 -44.71 36.91
N ALA A 299 34.07 -44.42 38.14
CA ALA A 299 33.57 -43.08 38.49
C ALA A 299 34.71 -42.05 38.64
N ASN A 300 35.91 -42.53 38.90
CA ASN A 300 36.97 -41.61 39.14
C ASN A 300 37.85 -41.44 37.93
N GLN A 301 37.28 -41.62 36.74
CA GLN A 301 38.03 -41.55 35.47
C GLN A 301 38.26 -40.14 34.88
N MET A 302 38.18 -40.02 33.57
CA MET A 302 38.61 -38.82 32.91
C MET A 302 37.92 -38.73 31.55
N VAL A 303 37.68 -39.91 30.98
CA VAL A 303 36.86 -40.08 29.81
C VAL A 303 35.74 -41.03 30.19
N LYS A 304 34.53 -40.48 30.17
CA LYS A 304 33.37 -41.18 30.61
C LYS A 304 33.25 -42.46 29.79
N CYS A 305 33.42 -43.60 30.47
CA CYS A 305 33.33 -44.97 29.91
C CYS A 305 33.63 -45.99 31.02
N ASP A 306 34.03 -47.21 30.67
CA ASP A 306 34.58 -48.19 31.65
C ASP A 306 35.37 -49.36 31.03
N PRO A 307 36.56 -49.61 31.57
CA PRO A 307 37.44 -50.70 31.09
C PRO A 307 37.17 -52.07 31.77
N ARG A 308 36.02 -52.18 32.42
CA ARG A 308 35.49 -53.49 32.77
C ARG A 308 35.06 -54.16 31.44
N HIS A 309 34.39 -53.36 30.58
CA HIS A 309 33.95 -53.73 29.20
C HIS A 309 35.12 -54.01 28.22
N GLY A 310 36.10 -53.10 28.12
CA GLY A 310 37.31 -53.32 27.33
C GLY A 310 38.54 -53.98 28.00
N LYS A 311 39.47 -54.43 27.16
CA LYS A 311 40.72 -55.03 27.60
C LYS A 311 41.80 -53.96 27.75
N TYR A 312 42.89 -54.25 28.49
CA TYR A 312 44.02 -53.31 28.67
C TYR A 312 45.20 -53.69 27.78
N MET A 313 45.83 -52.69 27.16
CA MET A 313 47.02 -52.96 26.36
C MET A 313 48.22 -52.10 26.70
N ALA A 314 48.20 -51.47 27.87
CA ALA A 314 49.39 -50.85 28.47
C ALA A 314 48.94 -50.00 29.63
N CYS A 315 49.71 -50.08 30.70
CA CYS A 315 49.32 -49.54 32.01
C CYS A 315 50.43 -48.86 32.84
N CYS A 316 50.06 -47.83 33.56
CA CYS A 316 51.03 -46.83 33.95
C CYS A 316 50.71 -45.94 35.14
N LEU A 317 51.39 -46.14 36.24
CA LEU A 317 51.02 -45.39 37.42
C LEU A 317 52.02 -44.29 37.69
N LEU A 318 51.55 -43.04 37.67
CA LEU A 318 52.39 -41.95 38.18
C LEU A 318 51.97 -41.43 39.56
N TYR A 319 52.68 -41.91 40.58
CA TYR A 319 52.58 -41.48 42.00
C TYR A 319 53.28 -40.13 42.25
N ARG A 320 53.01 -39.51 43.40
CA ARG A 320 53.59 -38.23 43.77
C ARG A 320 53.41 -37.99 45.25
N GLY A 321 54.47 -38.13 46.01
CA GLY A 321 54.36 -37.98 47.45
C GLY A 321 55.32 -38.86 48.26
N ASP A 322 55.19 -38.82 49.58
CA ASP A 322 56.02 -39.68 50.41
C ASP A 322 55.65 -41.13 50.08
N VAL A 323 56.41 -41.78 49.21
CA VAL A 323 56.04 -43.14 48.82
C VAL A 323 57.18 -44.02 48.37
N VAL A 324 57.56 -44.95 49.26
CA VAL A 324 58.53 -46.01 48.96
C VAL A 324 57.79 -47.13 48.23
N PRO A 325 58.37 -47.66 47.15
CA PRO A 325 57.76 -48.71 46.33
C PRO A 325 57.29 -49.95 47.06
N LYS A 326 58.05 -50.48 48.02
CA LYS A 326 57.64 -51.68 48.74
C LYS A 326 56.10 -51.79 48.95
N ASP A 327 55.42 -50.64 49.14
CA ASP A 327 53.95 -50.52 49.26
C ASP A 327 53.24 -50.68 47.93
N VAL A 328 53.44 -49.69 47.06
CA VAL A 328 52.87 -49.71 45.73
C VAL A 328 52.74 -51.13 45.23
N ASN A 329 53.84 -51.86 45.40
CA ASN A 329 53.94 -53.25 44.99
C ASN A 329 52.97 -54.15 45.67
N ALA A 330 52.98 -54.15 46.98
CA ALA A 330 51.98 -54.86 47.74
C ALA A 330 50.57 -54.42 47.33
N ALA A 331 50.45 -53.20 46.84
CA ALA A 331 49.14 -52.65 46.54
C ALA A 331 48.73 -52.97 45.13
N ILE A 332 49.71 -53.15 44.27
CA ILE A 332 49.43 -53.71 42.97
C ILE A 332 48.93 -55.14 43.19
N ALA A 333 49.69 -55.92 43.95
CA ALA A 333 49.36 -57.34 44.17
C ALA A 333 47.89 -57.53 44.50
N THR A 334 47.44 -56.76 45.49
CA THR A 334 46.07 -56.84 45.98
C THR A 334 45.05 -56.22 44.99
N ILE A 335 45.53 -55.32 44.14
CA ILE A 335 44.67 -54.81 43.09
C ILE A 335 44.32 -55.94 42.13
N LYS A 336 45.28 -56.80 41.82
CA LYS A 336 45.05 -57.73 40.75
C LYS A 336 44.08 -58.84 41.11
N THR A 337 44.10 -59.32 42.36
CA THR A 337 43.25 -60.49 42.75
C THR A 337 41.79 -60.14 43.10
N LYS A 338 41.54 -58.88 43.49
CA LYS A 338 40.19 -58.32 43.53
C LYS A 338 39.96 -57.50 42.23
N ARG A 339 40.22 -58.14 41.08
CA ARG A 339 40.02 -57.53 39.78
C ARG A 339 39.59 -58.41 38.58
N THR A 340 38.59 -57.85 37.93
CA THR A 340 38.36 -57.86 36.48
C THR A 340 39.47 -56.90 35.95
N ILE A 341 40.69 -57.45 35.90
CA ILE A 341 41.93 -56.74 35.54
C ILE A 341 42.02 -56.53 34.01
N GLN A 342 41.76 -57.62 33.25
CA GLN A 342 41.53 -57.62 31.79
C GLN A 342 42.71 -57.14 30.92
N PHE A 343 43.82 -57.86 30.95
CA PHE A 343 44.95 -57.42 30.14
C PHE A 343 45.01 -58.18 28.82
N VAL A 344 45.10 -57.44 27.72
CA VAL A 344 44.88 -58.09 26.42
C VAL A 344 46.02 -58.96 25.92
N ASP A 345 45.67 -60.23 25.77
CA ASP A 345 46.37 -61.17 24.92
C ASP A 345 47.91 -61.12 24.86
N TRP A 346 48.44 -60.09 24.18
CA TRP A 346 49.77 -60.10 23.55
C TRP A 346 50.69 -59.01 24.06
N CYS A 347 50.56 -58.64 25.31
CA CYS A 347 51.23 -57.46 25.75
C CYS A 347 51.64 -57.60 27.21
N PRO A 348 52.69 -58.39 27.49
CA PRO A 348 52.83 -59.02 28.82
C PRO A 348 52.05 -58.25 29.89
N THR A 349 52.59 -57.76 30.99
CA THR A 349 51.75 -56.86 31.84
C THR A 349 52.43 -55.50 32.14
N GLY A 350 52.12 -54.47 31.33
CA GLY A 350 52.60 -53.14 31.62
C GLY A 350 52.40 -52.86 33.11
N PHE A 351 53.31 -52.09 33.68
CA PHE A 351 53.10 -51.51 35.00
C PHE A 351 54.33 -50.76 35.31
N LYS A 352 54.53 -49.73 34.51
CA LYS A 352 55.66 -48.90 34.67
C LYS A 352 55.15 -47.95 35.76
N VAL A 353 55.99 -47.80 36.79
CA VAL A 353 55.63 -47.08 38.00
C VAL A 353 56.59 -45.99 38.20
N GLY A 354 56.03 -44.82 38.39
CA GLY A 354 56.79 -43.61 38.53
C GLY A 354 56.40 -42.86 39.76
N ILE A 355 57.00 -43.25 40.88
CA ILE A 355 56.96 -42.44 42.06
C ILE A 355 57.77 -41.18 41.79
N ASN A 356 57.32 -40.07 42.34
CA ASN A 356 57.98 -38.82 42.07
C ASN A 356 58.24 -37.88 43.23
N TYR A 357 58.26 -38.44 44.45
CA TYR A 357 58.79 -37.79 45.65
C TYR A 357 58.15 -36.47 46.02
N GLU A 358 58.13 -35.58 45.05
CA GLU A 358 57.65 -34.22 45.15
C GLU A 358 56.15 -34.18 45.44
N PRO A 359 55.77 -33.65 46.58
CA PRO A 359 54.36 -33.55 47.00
C PRO A 359 53.62 -32.50 46.23
N PRO A 360 52.33 -32.71 46.05
CA PRO A 360 51.62 -32.14 44.91
C PRO A 360 50.83 -30.84 45.14
N THR A 361 51.53 -29.72 45.32
CA THR A 361 50.85 -28.48 45.77
C THR A 361 49.64 -28.18 44.94
N VAL A 362 48.61 -27.72 45.62
CA VAL A 362 47.42 -27.26 44.96
C VAL A 362 47.22 -25.76 45.20
N VAL A 363 46.40 -25.17 44.35
CA VAL A 363 46.16 -23.74 44.34
C VAL A 363 45.52 -23.29 45.64
N PRO A 364 45.98 -22.19 46.20
CA PRO A 364 45.69 -21.81 47.59
C PRO A 364 44.24 -21.37 47.93
N GLY A 365 43.60 -20.58 47.07
CA GLY A 365 42.16 -20.37 47.15
C GLY A 365 41.51 -21.74 46.98
N GLY A 366 41.79 -22.37 45.81
CA GLY A 366 41.63 -23.82 45.56
C GLY A 366 40.27 -24.47 45.71
N ASP A 367 40.22 -25.79 45.60
CA ASP A 367 38.98 -26.49 45.90
C ASP A 367 39.37 -27.73 46.62
N LEU A 368 40.45 -28.30 46.11
CA LEU A 368 41.18 -29.47 46.61
C LEU A 368 42.17 -28.98 47.61
N ALA A 369 42.68 -29.87 48.46
CA ALA A 369 43.61 -29.37 49.46
C ALA A 369 44.93 -30.13 49.56
N LYS A 370 45.74 -29.76 50.56
CA LYS A 370 46.95 -30.50 50.94
C LYS A 370 46.75 -32.00 50.71
N VAL A 371 47.38 -32.53 49.67
CA VAL A 371 47.47 -33.98 49.51
C VAL A 371 48.91 -34.50 49.70
N GLN A 372 49.06 -35.43 50.61
CA GLN A 372 50.38 -35.92 50.92
C GLN A 372 50.84 -37.08 50.00
N ARG A 373 49.89 -37.61 49.23
CA ARG A 373 50.13 -38.67 48.24
C ARG A 373 48.99 -38.71 47.21
N ALA A 374 49.33 -38.73 45.91
CA ALA A 374 48.36 -38.79 44.81
C ALA A 374 48.84 -39.69 43.73
N VAL A 375 47.94 -40.09 42.86
CA VAL A 375 48.33 -40.97 41.77
C VAL A 375 47.72 -40.56 40.44
N CYS A 376 48.09 -41.28 39.38
CA CYS A 376 47.71 -40.80 38.07
C CYS A 376 47.24 -41.75 36.98
N MET A 377 47.82 -42.95 36.88
CA MET A 377 47.25 -43.99 36.01
C MET A 377 46.87 -43.60 34.58
N LEU A 378 47.82 -43.81 33.70
CA LEU A 378 47.59 -43.63 32.29
C LEU A 378 47.58 -45.00 31.69
N SER A 379 46.41 -45.38 31.18
CA SER A 379 46.19 -46.67 30.52
C SER A 379 45.62 -46.55 29.08
N ASN A 380 46.23 -47.26 28.14
CA ASN A 380 45.60 -47.45 26.85
C ASN A 380 44.77 -48.73 26.80
N THR A 381 43.45 -48.55 26.70
CA THR A 381 42.52 -49.65 26.74
C THR A 381 41.58 -49.53 25.60
N THR A 382 41.14 -50.66 25.07
CA THR A 382 40.16 -50.70 23.97
C THR A 382 38.94 -49.87 24.32
N ALA A 383 38.52 -49.92 25.58
CA ALA A 383 37.26 -49.29 25.99
C ALA A 383 37.19 -47.76 25.78
N ILE A 384 38.34 -47.11 25.68
CA ILE A 384 38.35 -45.69 25.39
C ILE A 384 37.54 -45.41 24.12
N ALA A 385 37.30 -46.44 23.32
CA ALA A 385 36.50 -46.34 22.09
C ALA A 385 35.06 -45.90 22.33
N GLU A 386 34.39 -46.59 23.25
CA GLU A 386 33.05 -46.23 23.69
C GLU A 386 32.74 -44.76 23.51
N ALA A 387 33.68 -43.92 23.88
CA ALA A 387 33.52 -42.50 23.73
C ALA A 387 33.58 -42.08 22.27
N TRP A 388 34.51 -42.64 21.51
CA TRP A 388 34.51 -42.37 20.08
C TRP A 388 33.17 -42.71 19.42
N ALA A 389 32.53 -43.78 19.89
CA ALA A 389 31.23 -44.19 19.37
C ALA A 389 30.17 -43.12 19.66
N ARG A 390 30.03 -42.72 20.91
CA ARG A 390 29.06 -41.71 21.33
C ARG A 390 29.14 -40.50 20.44
N LEU A 391 30.36 -40.11 20.12
CA LEU A 391 30.62 -38.97 19.28
C LEU A 391 30.14 -39.23 17.86
N ASP A 392 30.78 -40.18 17.18
CA ASP A 392 30.39 -40.58 15.82
C ASP A 392 28.86 -40.57 15.66
N HIS A 393 28.18 -41.36 16.47
CA HIS A 393 26.73 -41.51 16.40
C HIS A 393 26.05 -40.15 16.38
N LYS A 394 26.43 -39.23 17.25
CA LYS A 394 25.88 -37.90 17.12
C LYS A 394 26.02 -37.45 15.67
N PHE A 395 27.27 -37.34 15.25
CA PHE A 395 27.61 -36.92 13.91
C PHE A 395 26.79 -37.63 12.85
N ASP A 396 27.02 -38.93 12.80
CA ASP A 396 26.32 -39.84 11.93
C ASP A 396 24.91 -39.38 11.61
N LEU A 397 24.22 -38.89 12.65
CA LEU A 397 22.76 -38.78 12.64
C LEU A 397 22.36 -37.39 12.25
N MET A 398 23.28 -36.46 12.46
CA MET A 398 23.12 -35.15 11.89
C MET A 398 23.43 -35.28 10.41
N TYR A 399 24.66 -35.61 10.07
CA TYR A 399 25.05 -35.68 8.66
C TYR A 399 24.01 -36.37 7.79
N ALA A 400 23.28 -37.31 8.37
CA ALA A 400 22.27 -38.07 7.67
C ALA A 400 21.22 -37.16 7.02
N LYS A 401 21.28 -35.86 7.34
CA LYS A 401 20.39 -34.88 6.75
C LYS A 401 21.12 -33.57 6.41
N ARG A 402 22.42 -33.67 6.07
CA ARG A 402 23.28 -32.51 5.73
C ARG A 402 23.26 -31.46 6.82
N ALA A 403 22.69 -31.85 7.96
CA ALA A 403 22.44 -30.98 9.10
C ALA A 403 22.92 -29.58 8.85
N PHE A 404 24.11 -29.26 9.32
CA PHE A 404 24.56 -27.91 9.22
C PHE A 404 25.59 -27.77 8.12
N VAL A 405 25.91 -28.92 7.56
CA VAL A 405 26.92 -29.02 6.56
C VAL A 405 27.21 -27.72 5.84
N HIS A 406 26.20 -27.15 5.21
CA HIS A 406 26.43 -26.09 4.24
C HIS A 406 27.12 -24.87 4.84
N TRP A 407 27.36 -24.87 6.13
CA TRP A 407 28.07 -23.75 6.74
C TRP A 407 29.58 -23.85 6.55
N TYR A 408 30.02 -25.09 6.38
CA TYR A 408 31.40 -25.41 6.16
C TYR A 408 31.61 -25.38 4.66
N VAL A 409 30.74 -26.07 3.93
CA VAL A 409 30.82 -26.06 2.47
C VAL A 409 30.89 -24.64 2.07
N GLY A 410 30.24 -23.81 2.88
CA GLY A 410 30.08 -22.39 2.59
C GLY A 410 31.40 -21.68 2.67
N GLU A 411 32.13 -21.94 3.75
CA GLU A 411 33.43 -21.33 3.94
C GLU A 411 34.44 -21.95 3.00
N GLY A 412 34.09 -23.12 2.45
CA GLY A 412 34.76 -23.58 1.26
C GLY A 412 35.26 -25.01 1.31
N MET A 413 34.51 -25.90 1.91
CA MET A 413 34.94 -27.28 1.95
C MET A 413 34.22 -28.18 0.99
N GLU A 414 34.84 -29.32 0.70
CA GLU A 414 34.14 -30.38 0.00
C GLU A 414 33.31 -31.20 1.00
N GLU A 415 32.06 -31.51 0.64
CA GLU A 415 31.22 -32.37 1.46
C GLU A 415 32.03 -33.58 1.74
N GLY A 416 32.81 -34.00 0.74
CA GLY A 416 33.59 -35.24 0.75
C GLY A 416 34.68 -35.34 1.81
N GLU A 417 35.05 -34.19 2.38
CA GLU A 417 35.88 -34.19 3.57
C GLU A 417 35.07 -34.90 4.64
N PHE A 418 33.78 -34.67 4.66
CA PHE A 418 32.94 -35.27 5.68
C PHE A 418 32.89 -36.80 5.59
N SER A 419 32.28 -37.36 4.54
CA SER A 419 32.18 -38.83 4.37
C SER A 419 33.54 -39.50 4.56
N GLU A 420 34.57 -38.84 4.03
CA GLU A 420 35.96 -39.31 4.10
C GLU A 420 36.61 -39.14 5.51
N ALA A 421 36.04 -38.28 6.33
CA ALA A 421 36.55 -38.13 7.68
C ALA A 421 35.85 -39.10 8.55
N ARG A 422 34.53 -39.06 8.57
CA ARG A 422 33.81 -39.96 9.44
C ARG A 422 34.20 -41.37 9.11
N GLU A 423 34.48 -41.59 7.84
CA GLU A 423 34.91 -42.91 7.35
C GLU A 423 36.30 -43.37 7.87
N ASP A 424 36.99 -42.46 8.60
CA ASP A 424 38.32 -42.69 9.24
C ASP A 424 38.12 -43.13 10.67
N MET A 425 37.06 -42.61 11.25
CA MET A 425 36.65 -43.05 12.54
C MET A 425 36.17 -44.47 12.42
N ALA A 426 35.37 -44.71 11.39
CA ALA A 426 34.97 -46.05 11.02
C ALA A 426 36.18 -47.01 11.09
N ALA A 427 37.29 -46.62 10.46
CA ALA A 427 38.50 -47.42 10.50
C ALA A 427 39.00 -47.55 11.94
N LEU A 428 39.18 -46.43 12.63
CA LEU A 428 39.71 -46.44 14.01
C LEU A 428 38.84 -47.27 14.95
N GLU A 429 37.53 -47.10 14.87
CA GLU A 429 36.58 -47.81 15.74
C GLU A 429 36.67 -49.31 15.57
N LYS A 430 36.99 -49.73 14.34
CA LYS A 430 37.25 -51.15 14.03
C LYS A 430 38.64 -51.51 14.54
N ASP A 431 39.61 -50.62 14.25
CA ASP A 431 41.00 -50.76 14.71
C ASP A 431 40.98 -51.13 16.16
N TYR A 432 40.28 -50.27 16.92
CA TYR A 432 40.11 -50.45 18.34
C TYR A 432 39.48 -51.79 18.63
N GLU A 433 38.18 -51.95 18.44
CA GLU A 433 37.62 -53.26 18.75
C GLU A 433 38.53 -54.38 18.21
N GLU A 434 39.22 -54.16 17.09
CA GLU A 434 40.06 -55.21 16.50
C GLU A 434 41.15 -55.79 17.42
N VAL A 435 41.84 -54.90 18.15
CA VAL A 435 42.89 -55.33 19.09
C VAL A 435 42.31 -56.34 20.08
N GLY A 436 41.06 -56.09 20.48
CA GLY A 436 40.34 -56.87 21.45
C GLY A 436 40.50 -58.37 21.37
N VAL A 437 40.72 -58.96 22.56
CA VAL A 437 40.84 -60.43 22.85
C VAL A 437 41.11 -61.38 21.66
N ASP A 438 42.38 -61.78 21.51
CA ASP A 438 42.87 -62.44 20.28
C ASP A 438 42.81 -63.96 20.31
N SER A 439 43.10 -64.54 19.14
CA SER A 439 43.60 -65.90 19.04
C SER A 439 45.00 -65.79 18.46
N ARG B 2 32.80 -9.29 17.76
CA ARG B 2 32.62 -8.24 16.74
C ARG B 2 31.85 -6.92 17.23
N GLU B 3 30.86 -6.39 16.47
CA GLU B 3 30.18 -5.08 16.72
C GLU B 3 29.11 -4.81 15.64
N ILE B 4 27.86 -4.45 16.00
CA ILE B 4 26.75 -4.35 14.98
C ILE B 4 26.06 -2.98 14.76
N VAL B 5 25.53 -2.75 13.56
CA VAL B 5 24.72 -1.54 13.27
C VAL B 5 23.35 -1.83 12.69
N HIS B 6 22.48 -0.85 12.82
CA HIS B 6 21.08 -1.15 12.88
C HIS B 6 20.29 -0.21 11.98
N ILE B 7 19.40 -0.81 11.22
CA ILE B 7 18.61 -0.11 10.24
C ILE B 7 17.18 -0.27 10.62
N GLN B 8 16.50 0.85 10.69
CA GLN B 8 15.17 0.88 11.25
C GLN B 8 14.31 1.65 10.29
N ALA B 9 13.68 0.94 9.35
CA ALA B 9 13.03 1.59 8.24
C ALA B 9 11.57 1.20 8.12
N GLY B 10 10.71 2.18 7.90
CA GLY B 10 9.29 1.93 7.65
C GLY B 10 8.43 2.11 8.88
N GLN B 11 7.49 3.06 8.84
CA GLN B 11 6.72 3.56 10.03
C GLN B 11 6.49 2.61 11.19
N CYS B 12 6.18 1.34 10.90
CA CYS B 12 6.16 0.30 11.92
C CYS B 12 7.58 -0.01 12.41
N GLY B 13 8.37 -0.58 11.50
CA GLY B 13 9.78 -0.82 11.75
C GLY B 13 10.38 0.27 12.60
N ASN B 14 9.94 1.51 12.40
CA ASN B 14 10.43 2.63 13.19
C ASN B 14 9.92 2.70 14.61
N GLN B 15 8.63 2.63 14.80
CA GLN B 15 8.17 2.66 16.15
C GLN B 15 8.75 1.47 16.85
N ILE B 16 8.81 0.35 16.15
CA ILE B 16 9.32 -0.87 16.76
C ILE B 16 10.72 -0.67 17.32
N GLY B 17 11.52 0.06 16.54
CA GLY B 17 12.92 0.25 16.83
C GLY B 17 13.10 1.34 17.86
N ALA B 18 12.24 2.36 17.80
CA ALA B 18 12.25 3.41 18.81
C ALA B 18 11.85 2.84 20.18
N LYS B 19 10.65 2.26 20.26
CA LYS B 19 10.22 1.55 21.48
C LYS B 19 11.28 0.49 21.89
N PHE B 20 11.97 -0.12 20.93
CA PHE B 20 13.18 -0.91 21.24
C PHE B 20 14.21 0.01 21.87
N TRP B 21 14.81 0.90 21.09
CA TRP B 21 15.95 1.67 21.55
C TRP B 21 15.77 2.20 22.94
N GLU B 22 14.60 2.74 23.24
CA GLU B 22 14.41 3.31 24.56
C GLU B 22 14.28 2.26 25.66
N VAL B 23 13.88 1.04 25.33
CA VAL B 23 13.84 -0.05 26.34
C VAL B 23 15.26 -0.54 26.67
N ILE B 24 16.04 -0.81 25.64
CA ILE B 24 17.38 -1.30 25.82
C ILE B 24 18.25 -0.21 26.38
N SER B 25 18.05 1.02 25.94
CA SER B 25 18.93 2.09 26.40
C SER B 25 18.91 2.26 27.92
N ASP B 26 17.73 2.14 28.50
CA ASP B 26 17.60 2.33 29.93
C ASP B 26 17.79 0.96 30.61
N GLU B 27 18.21 -0.03 29.85
CA GLU B 27 18.72 -1.24 30.48
C GLU B 27 20.18 -0.96 30.82
N HIS B 28 20.83 -0.17 29.98
CA HIS B 28 22.25 0.17 30.12
C HIS B 28 22.46 1.51 30.81
N GLY B 29 21.36 2.22 31.02
CA GLY B 29 21.36 3.42 31.84
C GLY B 29 21.76 4.65 31.08
N ILE B 30 21.08 4.91 29.95
CA ILE B 30 21.38 6.07 29.11
C ILE B 30 20.25 7.10 29.16
N ASP B 31 20.64 8.38 29.26
CA ASP B 31 19.71 9.49 29.35
C ASP B 31 19.44 9.98 27.96
N PRO B 32 18.36 10.75 27.79
CA PRO B 32 17.95 11.19 26.47
C PRO B 32 19.14 11.54 25.56
N THR B 33 20.18 12.15 26.14
CA THR B 33 21.49 12.34 25.51
C THR B 33 22.44 11.64 26.44
N GLY B 34 22.44 12.15 27.66
CA GLY B 34 23.35 11.75 28.70
C GLY B 34 23.92 10.34 28.61
N SER B 35 24.85 10.11 29.53
CA SER B 35 25.65 8.91 29.59
C SER B 35 25.04 7.92 30.58
N TYR B 36 25.88 7.49 31.52
CA TYR B 36 25.53 6.48 32.47
C TYR B 36 24.94 7.09 33.74
N HIS B 37 23.90 6.44 34.25
CA HIS B 37 23.23 6.85 35.48
C HIS B 37 22.65 5.62 36.20
N GLY B 38 23.48 4.60 36.42
CA GLY B 38 23.09 3.40 37.14
C GLY B 38 24.33 2.81 37.78
N ASP B 39 24.62 3.23 39.02
CA ASP B 39 25.82 2.80 39.77
C ASP B 39 25.94 1.27 39.96
N SER B 40 25.42 0.53 38.96
CA SER B 40 25.69 -0.90 38.75
C SER B 40 26.67 -1.04 37.57
N ASP B 41 27.66 -1.91 37.71
CA ASP B 41 28.84 -1.85 36.84
C ASP B 41 28.67 -2.46 35.47
N LEU B 42 28.16 -3.68 35.45
CA LEU B 42 28.07 -4.50 34.26
C LEU B 42 27.92 -3.67 32.99
N GLN B 43 26.65 -3.54 32.59
CA GLN B 43 26.10 -2.70 31.49
C GLN B 43 27.03 -2.32 30.35
N LEU B 44 28.01 -1.52 30.65
CA LEU B 44 28.85 -1.00 29.63
C LEU B 44 29.74 -1.99 28.95
N GLU B 45 30.26 -3.31 29.55
CA GLU B 45 31.27 -3.98 28.74
C GLU B 45 30.95 -3.92 27.31
N ARG B 46 29.74 -4.36 27.00
CA ARG B 46 29.34 -4.50 25.61
C ARG B 46 28.52 -3.34 25.04
N ILE B 47 28.24 -2.29 25.84
CA ILE B 47 27.53 -1.09 25.34
C ILE B 47 28.09 -0.74 23.96
N ASN B 48 29.38 -0.98 23.81
CA ASN B 48 30.06 -1.35 22.57
C ASN B 48 29.14 -1.65 21.38
N VAL B 49 28.62 -2.88 21.35
CA VAL B 49 27.93 -3.48 20.20
C VAL B 49 26.76 -2.72 19.66
N TYR B 50 26.25 -1.77 20.43
CA TYR B 50 25.05 -1.10 19.99
C TYR B 50 25.19 0.41 19.97
N TYR B 51 26.27 0.93 20.53
CA TYR B 51 26.45 2.36 20.59
C TYR B 51 27.87 2.78 20.20
N ASN B 52 28.00 3.43 19.05
CA ASN B 52 29.20 4.24 18.77
C ASN B 52 29.09 5.45 19.69
N GLU B 53 30.21 5.91 20.25
CA GLU B 53 30.12 7.04 21.20
C GLU B 53 30.98 8.30 20.91
N ALA B 54 30.28 9.41 20.65
CA ALA B 54 30.86 10.70 20.24
C ALA B 54 31.18 11.61 21.43
N ALA B 55 31.50 12.87 21.10
CA ALA B 55 32.15 13.85 22.00
C ALA B 55 31.61 13.96 23.45
N GLY B 56 32.53 14.26 24.38
CA GLY B 56 32.26 14.38 25.81
C GLY B 56 31.78 13.09 26.48
N ASN B 57 30.69 13.19 27.24
CA ASN B 57 30.02 12.01 27.78
C ASN B 57 29.27 11.28 26.66
N LYS B 58 28.03 11.73 26.39
CA LYS B 58 27.05 11.17 25.45
C LYS B 58 27.31 9.76 24.88
N TYR B 59 26.24 9.10 24.40
CA TYR B 59 26.35 7.71 23.94
C TYR B 59 25.88 7.26 22.53
N VAL B 60 24.98 8.00 21.89
CA VAL B 60 24.47 7.74 20.51
C VAL B 60 24.49 6.30 19.94
N PRO B 61 23.31 5.76 19.65
CA PRO B 61 23.20 4.42 19.07
C PRO B 61 23.65 4.42 17.63
N ARG B 62 24.31 3.35 17.19
CA ARG B 62 24.60 3.14 15.78
C ARG B 62 23.27 2.76 15.09
N ALA B 63 22.48 3.77 14.77
CA ALA B 63 21.18 3.49 14.22
C ALA B 63 20.87 4.38 13.04
N ILE B 64 20.17 3.83 12.08
CA ILE B 64 19.88 4.59 10.92
C ILE B 64 18.36 4.57 10.72
N LEU B 65 17.78 5.75 10.50
CA LEU B 65 16.34 5.90 10.38
C LEU B 65 15.93 6.15 8.95
N VAL B 66 14.95 5.41 8.46
CA VAL B 66 14.60 5.51 7.07
C VAL B 66 13.10 5.54 6.93
N ASP B 67 12.58 6.48 6.14
CA ASP B 67 11.18 6.47 5.70
C ASP B 67 10.96 7.30 4.43
N LEU B 68 9.83 7.10 3.75
CA LEU B 68 9.58 7.80 2.51
C LEU B 68 8.52 8.89 2.69
N GLU B 69 8.41 9.36 3.94
CA GLU B 69 7.49 10.41 4.32
C GLU B 69 7.94 10.87 5.66
N PRO B 70 8.08 12.19 5.84
CA PRO B 70 8.55 12.75 7.11
C PRO B 70 7.80 12.15 8.29
N GLY B 71 6.78 12.85 8.79
CA GLY B 71 5.90 12.36 9.85
C GLY B 71 6.50 11.44 10.89
N THR B 72 6.62 10.15 10.55
CA THR B 72 6.86 9.08 11.53
C THR B 72 8.22 9.10 12.25
N MET B 73 9.23 9.74 11.66
CA MET B 73 10.50 10.00 12.36
C MET B 73 10.33 11.10 13.40
N ASP B 74 9.72 12.22 12.98
CA ASP B 74 9.46 13.40 13.83
C ASP B 74 8.53 13.04 14.98
N SER B 75 8.11 11.79 14.98
CA SER B 75 7.30 11.21 16.02
C SER B 75 8.26 10.58 17.01
N VAL B 76 9.47 10.28 16.54
CA VAL B 76 10.51 9.85 17.46
C VAL B 76 11.24 11.09 17.91
N ARG B 77 11.58 11.95 16.95
CA ARG B 77 12.36 13.17 17.22
C ARG B 77 11.72 14.03 18.33
N SER B 78 10.45 14.36 18.13
CA SER B 78 9.62 14.86 19.23
C SER B 78 9.00 13.61 19.86
N GLY B 79 9.32 13.37 21.12
CA GLY B 79 8.74 12.25 21.84
C GLY B 79 9.69 11.57 22.82
N PRO B 80 9.76 10.23 22.74
CA PRO B 80 10.45 9.35 23.74
C PRO B 80 11.90 9.69 24.16
N PHE B 81 12.84 8.88 23.65
CA PHE B 81 14.24 9.24 23.64
C PHE B 81 14.53 9.89 22.30
N GLY B 82 14.07 11.12 22.16
CA GLY B 82 14.09 11.79 20.89
C GLY B 82 15.48 12.29 20.66
N GLN B 83 16.03 12.93 21.68
CA GLN B 83 17.28 13.64 21.54
C GLN B 83 18.48 12.73 21.39
N ILE B 84 18.26 11.42 21.28
CA ILE B 84 19.38 10.50 21.24
C ILE B 84 20.12 10.37 19.89
N PHE B 85 19.39 10.08 18.82
CA PHE B 85 19.95 9.73 17.51
C PHE B 85 20.63 10.89 16.80
N ARG B 86 21.70 10.62 16.04
CA ARG B 86 22.42 11.72 15.40
C ARG B 86 21.67 12.19 14.16
N PRO B 87 21.54 13.52 14.02
CA PRO B 87 20.63 14.12 13.03
C PRO B 87 20.88 13.72 11.56
N ASP B 88 22.13 13.70 11.09
CA ASP B 88 22.41 13.27 9.71
C ASP B 88 22.28 11.74 9.58
N ASN B 89 21.75 11.12 10.63
CA ASN B 89 21.33 9.72 10.60
C ASN B 89 19.85 9.48 10.22
N PHE B 90 19.01 10.53 10.27
CA PHE B 90 17.64 10.45 9.77
C PHE B 90 17.66 10.58 8.25
N VAL B 91 16.85 9.79 7.55
CA VAL B 91 16.80 9.92 6.11
C VAL B 91 15.34 10.05 5.66
N PHE B 92 14.74 11.24 5.84
CA PHE B 92 13.33 11.46 5.45
C PHE B 92 13.14 11.39 3.94
N GLY B 93 11.99 10.86 3.51
CA GLY B 93 11.75 10.56 2.11
C GLY B 93 11.13 11.68 1.31
N GLN B 94 10.41 12.57 2.00
CA GLN B 94 9.51 13.56 1.40
C GLN B 94 8.36 12.87 0.67
N SER B 95 8.52 12.69 -0.64
CA SER B 95 7.87 11.63 -1.48
C SER B 95 6.44 11.13 -1.17
N GLY B 96 5.91 10.39 -2.13
CA GLY B 96 4.75 9.55 -1.90
C GLY B 96 5.11 8.52 -0.86
N ALA B 97 4.12 8.19 -0.06
CA ALA B 97 4.23 7.11 0.90
C ALA B 97 4.76 5.84 0.25
N GLY B 98 3.85 5.14 -0.42
CA GLY B 98 4.06 3.78 -0.79
C GLY B 98 2.78 3.14 -0.32
N ASN B 99 2.93 2.09 0.46
CA ASN B 99 1.84 1.15 0.71
C ASN B 99 1.53 0.29 -0.48
N ASN B 100 2.51 0.26 -1.40
CA ASN B 100 2.75 -0.85 -2.32
C ASN B 100 4.24 -1.11 -2.55
N TRP B 101 4.68 -2.23 -1.99
CA TRP B 101 6.00 -2.80 -2.18
C TRP B 101 6.66 -2.20 -3.40
N ALA B 102 6.03 -2.37 -4.54
CA ALA B 102 6.46 -1.76 -5.79
C ALA B 102 6.97 -0.34 -5.58
N LYS B 103 6.14 0.52 -4.99
CA LYS B 103 6.59 1.86 -4.68
C LYS B 103 7.98 1.81 -3.99
N GLY B 104 8.07 1.14 -2.83
CA GLY B 104 9.28 1.13 -2.02
C GLY B 104 10.45 0.25 -2.42
N HIS B 105 10.27 -0.57 -3.45
CA HIS B 105 11.36 -1.41 -3.98
C HIS B 105 11.78 -0.90 -5.39
N TYR B 106 10.91 -0.14 -6.06
CA TYR B 106 11.29 0.34 -7.39
C TYR B 106 11.32 1.85 -7.53
N THR B 107 10.15 2.50 -7.54
CA THR B 107 10.05 3.93 -7.83
C THR B 107 10.61 4.79 -6.71
N GLU B 108 9.75 5.22 -5.80
CA GLU B 108 10.22 6.07 -4.69
C GLU B 108 11.27 5.36 -3.84
N GLY B 109 11.42 4.06 -4.08
CA GLY B 109 12.44 3.27 -3.40
C GLY B 109 13.86 3.62 -3.81
N ALA B 110 14.22 3.28 -5.04
CA ALA B 110 15.56 3.58 -5.54
C ALA B 110 15.90 5.08 -5.43
N GLU B 111 14.88 5.93 -5.49
CA GLU B 111 14.97 7.36 -5.21
C GLU B 111 15.87 7.71 -4.03
N LEU B 112 15.78 6.90 -2.98
CA LEU B 112 16.48 7.15 -1.72
C LEU B 112 17.67 6.22 -1.55
N VAL B 113 17.44 4.91 -1.63
CA VAL B 113 18.51 3.92 -1.57
C VAL B 113 19.84 4.57 -1.21
N ASP B 114 20.56 5.05 -2.23
CA ASP B 114 21.91 5.64 -2.11
C ASP B 114 22.15 6.57 -0.92
N SER B 115 21.15 7.38 -0.58
CA SER B 115 21.20 8.35 0.50
C SER B 115 21.31 7.63 1.82
N VAL B 116 20.48 6.62 1.96
CA VAL B 116 20.57 5.74 3.08
C VAL B 116 21.86 4.88 2.94
N LEU B 117 21.92 4.09 1.87
CA LEU B 117 22.99 3.11 1.62
C LEU B 117 24.32 3.69 2.02
N ASP B 118 24.42 4.99 1.84
CA ASP B 118 25.66 5.67 2.05
C ASP B 118 25.85 5.97 3.55
N VAL B 119 24.83 6.48 4.23
CA VAL B 119 25.01 6.79 5.63
C VAL B 119 25.31 5.50 6.32
N VAL B 120 24.72 4.42 5.82
CA VAL B 120 25.00 3.10 6.39
C VAL B 120 26.48 2.76 6.26
N ARG B 121 27.04 3.11 5.11
CA ARG B 121 28.44 2.89 4.85
C ARG B 121 29.34 3.64 5.86
N LYS B 122 29.08 4.94 6.02
CA LYS B 122 29.91 5.78 6.88
C LYS B 122 29.83 5.35 8.35
N GLU B 123 28.87 4.50 8.70
CA GLU B 123 28.70 4.08 10.08
C GLU B 123 29.28 2.72 10.33
N SER B 124 29.29 1.92 9.28
CA SER B 124 29.83 0.55 9.30
C SER B 124 31.33 0.58 8.98
N GLU B 125 31.73 1.53 8.16
CA GLU B 125 33.13 1.72 7.94
C GLU B 125 33.77 2.38 9.17
N SER B 126 32.94 3.04 9.99
CA SER B 126 33.42 3.71 11.22
C SER B 126 33.70 2.72 12.36
N CYS B 127 32.72 1.83 12.56
CA CYS B 127 32.74 0.73 13.51
C CYS B 127 34.00 -0.18 13.37
N ASP B 128 34.52 -0.73 14.47
CA ASP B 128 35.86 -1.35 14.53
C ASP B 128 36.10 -2.67 13.75
N CYS B 129 35.42 -3.75 14.11
CA CYS B 129 35.24 -4.92 13.26
C CYS B 129 33.75 -5.08 13.29
N LEU B 130 33.15 -5.02 12.10
CA LEU B 130 31.70 -5.15 11.92
C LEU B 130 31.06 -6.53 12.23
N GLN B 131 29.85 -6.56 12.74
CA GLN B 131 29.27 -7.85 12.88
C GLN B 131 28.49 -8.07 11.63
N GLY B 132 27.50 -7.20 11.46
CA GLY B 132 26.49 -7.26 10.41
C GLY B 132 25.38 -6.24 10.66
N PHE B 133 24.16 -6.48 10.18
CA PHE B 133 23.09 -5.53 10.47
C PHE B 133 21.80 -6.15 10.88
N GLN B 134 21.15 -5.50 11.83
CA GLN B 134 19.78 -5.84 12.14
C GLN B 134 18.85 -4.71 11.70
N LEU B 135 17.89 -5.05 10.84
CA LEU B 135 16.91 -4.11 10.29
C LEU B 135 15.54 -4.45 10.84
N THR B 136 14.80 -3.42 11.22
CA THR B 136 13.45 -3.60 11.73
C THR B 136 12.51 -2.88 10.80
N HIS B 137 11.48 -3.61 10.37
CA HIS B 137 10.63 -3.20 9.26
C HIS B 137 9.32 -4.00 9.22
N SER B 138 8.37 -3.51 8.43
CA SER B 138 7.03 -4.09 8.30
C SER B 138 6.89 -4.88 6.99
N LEU B 139 6.67 -6.19 7.10
CA LEU B 139 6.60 -7.03 5.91
C LEU B 139 5.35 -6.84 5.01
N GLY B 140 4.35 -6.16 5.52
CA GLY B 140 3.17 -5.82 4.74
C GLY B 140 3.11 -4.32 4.64
N GLY B 141 2.61 -3.83 3.51
CA GLY B 141 2.62 -2.41 3.20
C GLY B 141 4.03 -1.91 2.85
N GLY B 142 4.10 -0.99 1.88
CA GLY B 142 5.33 -0.56 1.19
C GLY B 142 6.67 -0.18 1.86
N THR B 143 6.82 1.09 2.23
CA THR B 143 8.10 1.65 2.70
C THR B 143 8.84 0.85 3.80
N GLY B 144 9.60 -0.17 3.42
CA GLY B 144 10.23 -0.98 4.44
C GLY B 144 9.82 -2.42 4.36
N SER B 145 8.73 -2.69 3.67
CA SER B 145 8.53 -4.01 3.14
C SER B 145 9.25 -4.05 1.79
N GLY B 146 9.16 -2.97 1.04
CA GLY B 146 9.74 -2.88 -0.29
C GLY B 146 11.09 -2.19 -0.25
N MET B 147 11.16 -1.09 0.49
CA MET B 147 12.43 -0.43 0.73
C MET B 147 13.42 -1.33 1.44
N GLY B 148 13.07 -1.74 2.65
CA GLY B 148 13.92 -2.59 3.46
C GLY B 148 14.39 -3.82 2.73
N THR B 149 13.51 -4.45 1.97
CA THR B 149 13.87 -5.63 1.19
C THR B 149 14.85 -5.31 0.11
N LEU B 150 14.77 -4.10 -0.42
CA LEU B 150 15.74 -3.62 -1.40
C LEU B 150 17.01 -3.33 -0.67
N LEU B 151 16.85 -2.58 0.41
CA LEU B 151 17.98 -2.17 1.21
C LEU B 151 18.94 -3.33 1.41
N ILE B 152 18.41 -4.43 1.95
CA ILE B 152 19.24 -5.61 2.21
C ILE B 152 19.84 -6.09 0.90
N SER B 153 18.99 -6.32 -0.10
CA SER B 153 19.47 -6.75 -1.41
C SER B 153 20.43 -5.72 -2.04
N LYS B 154 20.91 -4.78 -1.22
CA LYS B 154 21.92 -3.84 -1.66
C LYS B 154 23.01 -3.77 -0.61
N ILE B 155 22.62 -4.06 0.63
CA ILE B 155 23.58 -4.26 1.72
C ILE B 155 24.39 -5.50 1.33
N ARG B 156 23.83 -6.67 1.58
CA ARG B 156 24.33 -7.87 0.94
C ARG B 156 24.64 -7.42 -0.44
N GLU B 157 25.89 -7.51 -0.80
CA GLU B 157 26.37 -6.99 -2.08
C GLU B 157 27.50 -6.02 -1.85
N GLU B 158 27.34 -5.19 -0.83
CA GLU B 158 28.43 -4.35 -0.41
C GLU B 158 29.04 -4.98 0.81
N TYR B 159 28.29 -5.89 1.42
CA TYR B 159 28.72 -6.52 2.64
C TYR B 159 28.29 -7.95 2.57
N PRO B 160 28.99 -8.73 1.78
CA PRO B 160 28.70 -10.14 1.67
C PRO B 160 29.34 -10.95 2.76
N ASP B 161 30.44 -10.48 3.33
CA ASP B 161 31.04 -11.21 4.42
C ASP B 161 30.08 -11.16 5.56
N ARG B 162 29.70 -9.93 5.92
CA ARG B 162 28.95 -9.67 7.13
C ARG B 162 27.46 -10.11 7.05
N ILE B 163 26.89 -10.36 8.23
CA ILE B 163 25.62 -11.08 8.27
C ILE B 163 24.38 -10.26 8.59
N MET B 164 23.27 -10.89 8.25
CA MET B 164 22.03 -10.20 7.95
C MET B 164 20.82 -10.61 8.81
N ASN B 165 20.32 -9.63 9.56
CA ASN B 165 19.29 -9.85 10.58
C ASN B 165 18.06 -8.98 10.38
N THR B 166 16.91 -9.48 10.79
CA THR B 166 15.71 -8.67 10.71
C THR B 166 14.69 -9.08 11.70
N PHE B 167 13.91 -8.08 12.08
CA PHE B 167 12.69 -8.28 12.80
C PHE B 167 11.63 -7.82 11.86
N SER B 168 10.89 -8.79 11.33
CA SER B 168 9.79 -8.58 10.38
C SER B 168 8.40 -8.82 11.00
N VAL B 169 7.55 -7.82 10.86
CA VAL B 169 6.19 -7.90 11.35
C VAL B 169 5.24 -8.32 10.24
N VAL B 170 4.91 -9.60 10.25
CA VAL B 170 4.05 -10.19 9.24
C VAL B 170 2.59 -9.88 9.61
N PRO B 171 1.83 -9.26 8.73
CA PRO B 171 0.53 -8.71 9.09
C PRO B 171 -0.62 -9.67 8.97
N SER B 172 -1.71 -9.26 9.60
CA SER B 172 -2.87 -10.10 9.86
C SER B 172 -4.00 -9.69 8.92
N PRO B 173 -5.21 -10.23 9.14
CA PRO B 173 -6.44 -9.57 8.70
C PRO B 173 -7.14 -8.80 9.84
N LYS B 174 -6.71 -9.02 11.08
CA LYS B 174 -7.30 -8.38 12.26
C LYS B 174 -6.28 -7.38 12.79
N VAL B 175 -6.68 -6.12 12.96
CA VAL B 175 -5.73 -4.98 13.09
C VAL B 175 -4.51 -4.94 12.09
N SER B 176 -4.92 -5.12 10.82
CA SER B 176 -4.24 -4.66 9.63
C SER B 176 -5.15 -3.61 8.94
N ASP B 177 -4.57 -2.97 7.93
CA ASP B 177 -5.02 -1.68 7.45
C ASP B 177 -5.61 -1.74 6.06
N THR B 178 -4.99 -2.59 5.23
CA THR B 178 -5.18 -2.59 3.78
C THR B 178 -5.50 -3.98 3.25
N VAL B 179 -6.27 -3.99 2.17
CA VAL B 179 -6.57 -5.25 1.55
C VAL B 179 -5.45 -5.69 0.63
N VAL B 180 -4.32 -4.98 0.56
CA VAL B 180 -3.19 -5.48 -0.25
C VAL B 180 -2.19 -6.34 0.50
N GLU B 181 -2.20 -6.28 1.83
CA GLU B 181 -1.14 -6.88 2.68
C GLU B 181 -0.45 -8.15 2.13
N PRO B 182 -1.22 -9.22 1.91
CA PRO B 182 -0.66 -10.41 1.26
C PRO B 182 0.40 -10.06 0.23
N TYR B 183 -0.01 -9.35 -0.81
CA TYR B 183 0.87 -9.00 -1.91
C TYR B 183 2.20 -8.51 -1.35
N ASN B 184 2.17 -7.52 -0.48
CA ASN B 184 3.41 -6.97 0.06
C ASN B 184 4.23 -8.00 0.81
N ALA B 185 3.59 -8.67 1.78
CA ALA B 185 4.25 -9.73 2.51
C ALA B 185 4.91 -10.73 1.55
N THR B 186 4.08 -11.42 0.76
CA THR B 186 4.56 -12.46 -0.15
C THR B 186 5.69 -11.98 -1.08
N LEU B 187 5.89 -10.68 -1.17
CA LEU B 187 6.84 -10.14 -2.13
C LEU B 187 8.15 -10.00 -1.43
N SER B 188 8.00 -9.60 -0.18
CA SER B 188 9.10 -9.37 0.74
C SER B 188 9.57 -10.71 1.21
N VAL B 189 8.59 -11.56 1.51
CA VAL B 189 8.87 -12.84 2.08
C VAL B 189 9.74 -13.69 1.13
N HIS B 190 9.54 -13.46 -0.17
CA HIS B 190 10.38 -14.07 -1.19
C HIS B 190 11.78 -13.53 -0.99
N GLN B 191 11.91 -12.20 -1.08
CA GLN B 191 13.16 -11.51 -0.84
C GLN B 191 13.82 -11.98 0.44
N LEU B 192 13.08 -11.85 1.53
CA LEU B 192 13.57 -12.28 2.82
C LEU B 192 14.31 -13.58 2.69
N VAL B 193 13.60 -14.63 2.23
CA VAL B 193 14.14 -15.99 2.22
C VAL B 193 15.53 -16.12 1.61
N GLU B 194 15.87 -15.16 0.77
CA GLU B 194 17.01 -15.28 -0.09
C GLU B 194 18.20 -14.43 0.29
N ASN B 195 17.99 -13.45 1.16
CA ASN B 195 19.12 -12.66 1.64
C ASN B 195 19.14 -12.25 3.10
N THR B 196 18.55 -13.07 3.96
CA THR B 196 18.82 -12.89 5.37
C THR B 196 19.39 -14.20 5.82
N ASP B 197 20.32 -14.13 6.78
CA ASP B 197 20.95 -15.32 7.30
C ASP B 197 20.11 -15.83 8.47
N GLU B 198 19.27 -14.93 9.01
CA GLU B 198 18.31 -15.19 10.07
C GLU B 198 17.23 -14.11 10.20
N THR B 199 15.95 -14.49 10.28
CA THR B 199 14.91 -13.50 10.55
C THR B 199 14.00 -13.97 11.66
N TYR B 200 13.53 -13.01 12.45
CA TYR B 200 12.56 -13.27 13.50
C TYR B 200 11.20 -12.90 13.00
N CYS B 201 10.20 -13.75 13.17
CA CYS B 201 8.85 -13.32 12.79
C CYS B 201 8.01 -13.00 13.96
N ILE B 202 7.60 -11.75 13.97
CA ILE B 202 6.61 -11.30 14.89
C ILE B 202 5.39 -11.13 14.02
N ASP B 203 4.42 -12.00 14.25
CA ASP B 203 3.19 -11.98 13.49
C ASP B 203 2.23 -11.23 14.37
N ASN B 204 1.61 -10.21 13.79
CA ASN B 204 0.73 -9.33 14.53
C ASN B 204 -0.42 -10.09 15.12
N GLU B 205 -0.77 -11.19 14.46
CA GLU B 205 -1.86 -12.08 14.88
C GLU B 205 -1.66 -12.67 16.28
N ALA B 206 -0.46 -13.17 16.58
CA ALA B 206 -0.16 -13.58 17.95
C ALA B 206 -0.11 -12.31 18.83
N LEU B 207 0.54 -11.27 18.30
CA LEU B 207 0.64 -10.01 18.99
C LEU B 207 -0.71 -9.47 19.43
N TYR B 208 -1.73 -9.61 18.61
CA TYR B 208 -3.08 -9.22 19.00
C TYR B 208 -3.65 -10.23 20.00
N ASP B 209 -3.52 -11.51 19.64
CA ASP B 209 -4.17 -12.63 20.33
C ASP B 209 -3.72 -12.72 21.80
N ILE B 210 -2.46 -12.40 22.02
CA ILE B 210 -1.90 -12.32 23.35
C ILE B 210 -2.47 -11.11 24.10
N CYS B 211 -2.86 -10.06 23.36
CA CYS B 211 -3.18 -8.76 23.94
C CYS B 211 -4.56 -8.66 24.51
N PHE B 212 -5.44 -9.47 23.92
CA PHE B 212 -6.85 -9.45 24.23
C PHE B 212 -7.25 -10.83 24.73
N ARG B 213 -6.93 -11.86 23.92
CA ARG B 213 -7.25 -13.26 24.27
C ARG B 213 -6.61 -13.74 25.61
N THR B 214 -5.47 -13.14 25.99
CA THR B 214 -4.80 -13.41 27.27
C THR B 214 -4.03 -12.18 27.81
N LEU B 215 -4.74 -11.11 28.13
CA LEU B 215 -4.13 -9.91 28.71
C LEU B 215 -5.15 -8.82 28.89
N LYS B 216 -6.41 -9.24 29.04
CA LYS B 216 -7.52 -8.37 29.42
C LYS B 216 -7.83 -7.16 28.50
N LEU B 217 -6.84 -6.70 27.73
CA LEU B 217 -6.93 -5.42 26.99
C LEU B 217 -7.90 -5.39 25.79
N THR B 218 -8.98 -4.61 25.90
CA THR B 218 -10.13 -4.64 24.95
C THR B 218 -9.95 -4.00 23.55
N THR B 219 -9.43 -2.78 23.50
CA THR B 219 -9.05 -2.17 22.23
C THR B 219 -7.53 -2.07 22.16
N PRO B 220 -6.86 -2.99 21.48
CA PRO B 220 -5.39 -3.00 21.40
C PRO B 220 -4.78 -1.83 20.63
N THR B 221 -4.09 -0.95 21.35
CA THR B 221 -3.41 0.22 20.79
C THR B 221 -2.50 -0.27 19.72
N TYR B 222 -1.81 0.64 19.05
CA TYR B 222 -0.64 0.18 18.33
C TYR B 222 0.50 0.14 19.34
N GLY B 223 0.37 0.97 20.37
CA GLY B 223 1.29 1.00 21.50
C GLY B 223 1.18 -0.19 22.43
N ASP B 224 0.22 -0.17 23.37
CA ASP B 224 -0.15 -1.36 24.13
C ASP B 224 -0.37 -2.47 23.09
N LEU B 225 0.74 -3.00 22.57
CA LEU B 225 0.85 -3.98 21.47
C LEU B 225 2.30 -4.01 21.09
N ASN B 226 2.81 -2.86 20.68
CA ASN B 226 4.22 -2.71 20.39
C ASN B 226 5.13 -3.07 21.56
N HIS B 227 4.76 -2.63 22.76
CA HIS B 227 5.62 -2.80 23.95
C HIS B 227 5.93 -4.28 24.08
N LEU B 228 5.04 -5.10 23.53
CA LEU B 228 5.25 -6.53 23.44
C LEU B 228 6.52 -6.85 22.67
N VAL B 229 6.51 -6.44 21.40
CA VAL B 229 7.62 -6.67 20.45
C VAL B 229 8.90 -6.06 20.93
N SER B 230 8.78 -4.84 21.43
CA SER B 230 9.90 -4.18 22.05
C SER B 230 10.48 -5.15 23.08
N ALA B 231 9.73 -5.41 24.15
CA ALA B 231 10.21 -6.30 25.18
C ALA B 231 10.85 -7.59 24.61
N THR B 232 10.18 -8.26 23.68
CA THR B 232 10.72 -9.47 23.08
C THR B 232 12.11 -9.21 22.53
N MET B 233 12.24 -8.20 21.67
CA MET B 233 13.53 -7.81 21.13
C MET B 233 14.64 -7.53 22.14
N SER B 234 14.30 -6.99 23.30
CA SER B 234 15.28 -6.83 24.37
C SER B 234 15.83 -8.21 24.66
N GLY B 235 14.96 -9.06 25.21
CA GLY B 235 15.29 -10.42 25.55
C GLY B 235 15.79 -11.31 24.42
N VAL B 236 15.83 -10.86 23.19
CA VAL B 236 16.35 -11.74 22.14
C VAL B 236 17.77 -11.37 21.86
N THR B 237 18.10 -10.12 22.12
CA THR B 237 19.42 -9.60 21.86
C THR B 237 20.30 -9.73 23.10
N THR B 238 19.65 -9.70 24.26
CA THR B 238 20.33 -9.89 25.52
C THR B 238 21.73 -10.34 25.28
N CYS B 239 21.93 -11.60 24.99
CA CYS B 239 23.27 -12.16 24.92
C CYS B 239 24.31 -11.38 24.20
N LEU B 240 23.99 -10.81 23.04
CA LEU B 240 25.02 -10.07 22.29
C LEU B 240 25.24 -8.66 22.80
N ARG B 241 24.39 -8.24 23.73
CA ARG B 241 24.55 -6.96 24.44
C ARG B 241 25.33 -7.05 25.77
N PHE B 242 25.38 -8.23 26.40
CA PHE B 242 25.64 -8.29 27.85
C PHE B 242 26.93 -8.96 28.34
N PRO B 243 26.85 -10.01 29.18
CA PRO B 243 27.91 -10.26 30.18
C PRO B 243 29.12 -10.99 29.61
N GLY B 244 29.61 -12.02 30.32
CA GLY B 244 30.72 -12.85 29.87
C GLY B 244 30.28 -14.11 29.13
N GLN B 245 29.38 -14.88 29.76
CA GLN B 245 28.83 -16.14 29.21
C GLN B 245 28.40 -15.98 27.76
N LEU B 246 29.15 -16.68 26.88
CA LEU B 246 28.95 -16.68 25.40
C LEU B 246 29.14 -15.34 24.60
N ASN B 247 28.13 -14.47 24.58
CA ASN B 247 28.19 -13.13 23.92
C ASN B 247 27.74 -13.17 22.44
N ALA B 248 27.69 -14.36 21.85
CA ALA B 248 26.89 -14.52 20.63
C ALA B 248 27.19 -13.63 19.39
N ASP B 249 28.11 -14.08 18.52
CA ASP B 249 28.49 -13.32 17.30
C ASP B 249 27.44 -13.35 16.19
N LEU B 250 26.17 -13.42 16.52
CA LEU B 250 25.13 -13.31 15.49
C LEU B 250 25.37 -14.39 14.44
N ARG B 251 26.63 -14.48 14.05
CA ARG B 251 27.23 -15.59 13.32
C ARG B 251 27.02 -16.82 14.12
N LYS B 252 27.63 -16.80 15.30
CA LYS B 252 27.48 -17.85 16.25
C LYS B 252 25.99 -18.17 16.35
N LEU B 253 25.15 -17.14 16.39
CA LEU B 253 23.68 -17.33 16.38
C LEU B 253 23.11 -17.64 15.02
N ALA B 254 23.90 -18.07 14.07
CA ALA B 254 23.23 -18.45 12.88
C ALA B 254 23.54 -19.89 12.78
N VAL B 255 24.81 -20.18 12.68
CA VAL B 255 25.25 -21.52 12.44
C VAL B 255 25.07 -22.30 13.70
N ASN B 256 23.95 -22.12 14.35
CA ASN B 256 23.66 -22.85 15.54
C ASN B 256 22.17 -22.95 15.59
N MET B 257 21.53 -22.03 14.90
CA MET B 257 20.08 -21.95 14.90
C MET B 257 19.50 -22.53 13.63
N VAL B 258 20.25 -22.42 12.52
CA VAL B 258 19.78 -22.87 11.21
C VAL B 258 20.59 -23.99 10.56
N PRO B 259 19.94 -25.12 10.40
CA PRO B 259 20.54 -26.28 9.76
C PRO B 259 20.52 -26.05 8.27
N PHE B 260 19.65 -25.17 7.81
CA PHE B 260 19.45 -25.10 6.39
C PHE B 260 19.45 -23.72 5.77
N PRO B 261 20.13 -23.63 4.63
CA PRO B 261 20.45 -22.35 4.03
C PRO B 261 19.22 -21.51 4.08
N ARG B 262 18.07 -22.09 3.74
CA ARG B 262 16.80 -21.40 3.61
C ARG B 262 16.32 -20.79 4.94
N LEU B 263 17.30 -20.11 5.56
CA LEU B 263 17.27 -19.06 6.64
C LEU B 263 16.22 -19.13 7.74
N HIS B 264 15.30 -20.05 7.56
CA HIS B 264 14.44 -20.45 8.63
C HIS B 264 14.35 -19.37 9.71
N PHE B 265 13.14 -18.92 9.87
CA PHE B 265 12.90 -17.79 10.66
C PHE B 265 12.41 -18.32 11.99
N PHE B 266 12.82 -17.61 13.01
CA PHE B 266 12.55 -18.05 14.35
C PHE B 266 11.30 -17.40 14.82
N MET B 267 10.39 -18.19 15.35
CA MET B 267 9.41 -17.55 16.16
C MET B 267 10.04 -17.36 17.52
N PRO B 268 9.91 -16.15 18.05
CA PRO B 268 10.26 -15.86 19.43
C PRO B 268 9.09 -16.22 20.35
N GLY B 269 9.32 -16.08 21.65
CA GLY B 269 8.34 -16.33 22.68
C GLY B 269 8.85 -15.59 23.88
N PHE B 270 7.95 -14.92 24.61
CA PHE B 270 8.35 -14.20 25.81
C PHE B 270 7.89 -14.90 27.09
N ALA B 271 8.35 -14.38 28.24
CA ALA B 271 8.02 -14.93 29.55
C ALA B 271 6.76 -14.26 30.15
N PRO B 272 6.89 -13.39 31.15
CA PRO B 272 5.73 -12.70 31.71
C PRO B 272 5.47 -11.39 30.96
N LEU B 273 4.22 -10.96 30.83
CA LEU B 273 3.89 -9.91 29.84
C LEU B 273 2.94 -8.82 30.34
N THR B 274 2.83 -7.71 29.59
CA THR B 274 1.69 -6.72 29.67
C THR B 274 1.65 -5.80 30.92
N GLN B 280 3.11 -8.00 38.15
CA GLN B 280 4.25 -7.93 39.06
C GLN B 280 3.90 -8.61 40.43
N TYR B 281 3.62 -9.91 40.29
CA TYR B 281 3.51 -10.87 41.38
C TYR B 281 4.93 -11.24 41.82
N ARG B 282 5.84 -11.20 40.83
CA ARG B 282 7.25 -11.65 40.91
C ARG B 282 7.36 -13.19 40.91
N ALA B 283 6.74 -13.81 41.93
CA ALA B 283 6.58 -15.27 42.07
C ALA B 283 6.18 -15.96 40.73
N LEU B 284 7.19 -16.06 39.85
CA LEU B 284 7.10 -16.62 38.51
C LEU B 284 8.10 -17.77 38.52
N THR B 285 7.75 -18.76 39.33
CA THR B 285 8.72 -19.61 40.02
C THR B 285 9.93 -20.11 39.23
N VAL B 286 9.72 -20.35 37.93
CA VAL B 286 10.77 -20.80 37.01
C VAL B 286 10.33 -22.08 36.28
N PRO B 287 9.79 -23.08 36.98
CA PRO B 287 8.83 -23.97 36.33
C PRO B 287 7.80 -23.07 35.69
N GLU B 288 7.17 -22.22 36.49
CA GLU B 288 6.13 -21.29 36.05
C GLU B 288 6.54 -20.38 34.90
N LEU B 289 7.83 -20.07 34.86
CA LEU B 289 8.38 -19.32 33.76
C LEU B 289 8.46 -20.21 32.51
N THR B 290 9.23 -21.30 32.56
CA THR B 290 9.35 -22.19 31.40
C THR B 290 7.98 -22.55 30.85
N GLN B 291 7.11 -23.09 31.69
CA GLN B 291 5.77 -23.53 31.25
C GLN B 291 5.08 -22.50 30.37
N GLN B 292 5.06 -21.25 30.85
CA GLN B 292 4.42 -20.13 30.14
C GLN B 292 5.17 -19.74 28.86
N MET B 293 6.44 -20.11 28.78
CA MET B 293 7.35 -19.65 27.72
C MET B 293 7.25 -20.53 26.47
N PHE B 294 7.13 -21.83 26.70
CA PHE B 294 7.04 -22.85 25.66
C PHE B 294 5.58 -23.16 25.33
N ASP B 295 4.74 -22.14 25.51
CA ASP B 295 3.31 -22.24 25.27
C ASP B 295 2.87 -21.73 23.89
N ALA B 296 1.85 -22.41 23.36
CA ALA B 296 1.13 -22.02 22.15
C ALA B 296 0.62 -20.57 22.29
N LYS B 297 -0.25 -20.40 23.30
CA LYS B 297 -0.87 -19.12 23.68
C LYS B 297 0.14 -18.05 24.17
N ASN B 298 1.43 -18.28 23.89
CA ASN B 298 2.51 -17.40 24.34
C ASN B 298 3.70 -17.20 23.38
N MET B 299 3.52 -17.69 22.15
CA MET B 299 4.50 -17.53 21.07
C MET B 299 4.36 -16.17 20.38
N MET B 300 5.41 -15.74 19.71
CA MET B 300 5.42 -14.44 19.07
C MET B 300 4.90 -14.47 17.59
N ALA B 301 4.72 -15.68 17.07
CA ALA B 301 4.08 -15.86 15.75
C ALA B 301 2.81 -16.66 15.96
N ALA B 302 1.74 -16.24 15.27
CA ALA B 302 0.53 -17.05 15.21
C ALA B 302 0.93 -18.44 14.71
N CYS B 303 0.92 -19.39 15.65
CA CYS B 303 1.57 -20.69 15.54
C CYS B 303 1.51 -21.28 16.91
N ASP B 304 1.24 -22.58 16.94
CA ASP B 304 1.29 -23.38 18.16
C ASP B 304 2.16 -24.57 17.85
N PRO B 305 3.44 -24.43 18.21
CA PRO B 305 4.33 -25.57 18.17
C PRO B 305 3.43 -26.68 18.73
N ARG B 306 3.60 -27.91 18.25
CA ARG B 306 2.64 -29.05 18.37
C ARG B 306 2.53 -29.56 16.94
N HIS B 307 2.02 -28.63 16.12
CA HIS B 307 1.76 -28.82 14.71
C HIS B 307 3.06 -28.59 13.97
N GLY B 308 4.14 -28.57 14.74
CA GLY B 308 5.47 -28.51 14.19
C GLY B 308 6.52 -28.83 15.23
N ARG B 309 7.42 -29.72 14.86
CA ARG B 309 8.57 -30.08 15.65
C ARG B 309 9.54 -28.88 15.74
N TYR B 310 10.45 -28.95 16.71
CA TYR B 310 11.46 -27.92 16.82
C TYR B 310 12.75 -28.41 16.22
N LEU B 311 13.34 -27.57 15.38
CA LEU B 311 14.66 -27.81 14.85
C LEU B 311 15.72 -27.59 15.93
N THR B 312 15.88 -26.34 16.32
CA THR B 312 16.88 -25.90 17.29
C THR B 312 16.31 -24.73 18.03
N VAL B 313 16.57 -24.64 19.31
CA VAL B 313 15.92 -23.65 20.13
C VAL B 313 16.86 -23.14 21.18
N ALA B 314 16.80 -21.84 21.38
CA ALA B 314 17.68 -21.15 22.31
C ALA B 314 16.86 -20.28 23.26
N ALA B 315 17.15 -20.40 24.53
CA ALA B 315 16.35 -19.67 25.48
C ALA B 315 17.20 -19.04 26.56
N VAL B 316 16.98 -17.76 26.81
CA VAL B 316 17.72 -17.07 27.87
C VAL B 316 16.84 -16.57 28.97
N PHE B 317 17.33 -16.76 30.18
CA PHE B 317 16.67 -16.37 31.41
C PHE B 317 17.33 -15.15 31.93
N ARG B 318 16.59 -14.39 32.75
CA ARG B 318 17.03 -13.08 33.18
C ARG B 318 16.57 -12.83 34.59
N GLY B 319 17.52 -12.60 35.48
CA GLY B 319 17.28 -12.29 36.88
C GLY B 319 18.30 -12.85 37.87
N ARG B 320 18.01 -12.76 39.15
CA ARG B 320 18.77 -13.54 40.10
C ARG B 320 17.92 -14.77 40.37
N MET B 321 18.23 -15.90 39.71
CA MET B 321 17.72 -17.24 40.09
C MET B 321 18.84 -18.30 40.13
N SER B 322 18.52 -19.54 39.75
CA SER B 322 19.56 -20.56 39.68
C SER B 322 19.42 -21.52 38.49
N MET B 323 20.45 -21.50 37.65
CA MET B 323 20.75 -22.57 36.68
C MET B 323 20.74 -23.94 37.40
N LYS B 324 20.72 -23.88 38.72
CA LYS B 324 20.43 -25.03 39.59
C LYS B 324 19.02 -25.59 39.33
N GLU B 325 18.04 -24.69 39.15
CA GLU B 325 16.67 -25.13 38.88
C GLU B 325 16.37 -25.14 37.40
N VAL B 326 16.96 -24.17 36.70
CA VAL B 326 16.70 -23.96 35.27
C VAL B 326 17.18 -25.13 34.41
N ASP B 327 18.46 -25.48 34.49
CA ASP B 327 19.02 -26.61 33.73
C ASP B 327 18.15 -27.85 34.03
N GLU B 328 17.77 -28.00 35.31
CA GLU B 328 16.82 -29.01 35.80
C GLU B 328 15.41 -28.88 35.21
N GLN B 329 14.94 -27.64 35.11
CA GLN B 329 13.62 -27.42 34.56
C GLN B 329 13.57 -27.61 33.03
N MET B 330 14.56 -27.09 32.32
CA MET B 330 14.61 -27.19 30.87
C MET B 330 14.51 -28.62 30.44
N LEU B 331 15.27 -29.48 31.11
CA LEU B 331 15.24 -30.90 30.78
C LEU B 331 13.84 -31.53 30.90
N ASN B 332 13.11 -31.28 31.99
CA ASN B 332 11.74 -31.82 32.15
C ASN B 332 10.74 -31.27 31.12
N VAL B 333 11.21 -30.36 30.28
CA VAL B 333 10.42 -29.93 29.14
C VAL B 333 10.69 -30.89 28.00
N GLN B 334 11.96 -31.02 27.62
CA GLN B 334 12.36 -31.84 26.49
C GLN B 334 12.18 -33.32 26.77
N ASN B 335 11.28 -33.62 27.71
CA ASN B 335 10.84 -34.98 27.94
C ASN B 335 9.32 -35.07 27.96
N LYS B 336 8.69 -34.23 28.78
CA LYS B 336 7.22 -34.11 28.80
C LYS B 336 6.81 -33.49 27.49
N ASN B 337 7.79 -33.35 26.59
CA ASN B 337 7.61 -32.87 25.22
C ASN B 337 8.55 -33.56 24.22
N SER B 338 9.38 -34.47 24.74
CA SER B 338 10.43 -35.15 23.98
C SER B 338 10.07 -35.46 22.52
N SER B 339 8.84 -35.93 22.33
CA SER B 339 8.34 -36.22 21.00
C SER B 339 8.70 -35.14 19.98
N TYR B 340 8.17 -33.91 20.16
CA TYR B 340 8.31 -32.83 19.17
C TYR B 340 9.58 -32.02 19.40
N PHE B 341 10.64 -32.41 18.71
CA PHE B 341 12.00 -31.98 19.01
C PHE B 341 13.02 -32.79 18.26
N VAL B 342 13.16 -32.54 16.96
CA VAL B 342 14.07 -33.30 16.11
C VAL B 342 15.17 -34.05 16.89
N GLU B 343 15.18 -35.37 16.85
CA GLU B 343 16.27 -36.16 17.44
C GLU B 343 17.54 -36.10 16.59
N TRP B 344 17.42 -35.76 15.31
CA TRP B 344 18.59 -35.73 14.43
C TRP B 344 19.44 -34.48 14.55
N ILE B 345 19.21 -33.70 15.60
CA ILE B 345 20.11 -32.62 15.90
C ILE B 345 20.44 -32.66 17.39
N PRO B 346 21.44 -33.44 17.74
CA PRO B 346 21.63 -33.88 19.12
C PRO B 346 21.22 -32.86 20.13
N ASN B 347 21.82 -31.68 20.16
CA ASN B 347 21.66 -30.87 21.36
C ASN B 347 20.85 -29.62 21.21
N ASN B 348 20.08 -29.59 20.15
CA ASN B 348 19.16 -28.51 19.78
C ASN B 348 18.60 -27.50 20.78
N VAL B 349 18.89 -27.66 22.06
CA VAL B 349 18.36 -26.68 23.00
C VAL B 349 19.36 -26.23 24.05
N LYS B 350 19.84 -25.00 23.91
CA LYS B 350 20.77 -24.38 24.88
C LYS B 350 20.16 -23.15 25.54
N THR B 351 20.68 -22.84 26.72
CA THR B 351 19.98 -22.01 27.70
C THR B 351 20.94 -21.14 28.43
N ALA B 352 20.59 -19.87 28.52
CA ALA B 352 21.48 -18.97 29.16
C ALA B 352 20.76 -18.18 30.21
N VAL B 353 21.56 -17.74 31.16
CA VAL B 353 21.12 -17.04 32.33
C VAL B 353 21.81 -15.69 32.30
N CYS B 354 21.19 -14.67 32.87
CA CYS B 354 21.87 -13.39 33.04
C CYS B 354 21.32 -12.59 34.21
N ASP B 355 22.22 -12.01 35.01
CA ASP B 355 21.85 -11.50 36.33
C ASP B 355 21.10 -10.18 36.34
N ILE B 356 20.80 -9.60 35.16
CA ILE B 356 20.13 -8.28 35.15
C ILE B 356 18.76 -8.26 34.41
N PRO B 357 17.69 -8.25 35.21
CA PRO B 357 16.28 -8.19 34.73
C PRO B 357 16.03 -7.10 33.71
N PRO B 358 15.01 -7.30 32.85
CA PRO B 358 14.51 -6.27 31.94
C PRO B 358 13.93 -5.11 32.73
N ARG B 359 12.56 -4.87 32.15
CA ARG B 359 11.48 -4.13 32.75
C ARG B 359 11.18 -4.69 34.17
N GLY B 360 10.10 -4.17 34.81
CA GLY B 360 9.62 -4.57 36.16
C GLY B 360 10.30 -5.83 36.69
N LEU B 361 9.64 -6.97 36.47
CA LEU B 361 10.17 -8.35 36.51
C LEU B 361 11.46 -8.74 37.27
N LYS B 362 11.35 -9.49 38.38
CA LYS B 362 12.56 -10.04 39.00
C LYS B 362 13.00 -11.34 38.31
N MET B 363 12.04 -12.07 37.73
CA MET B 363 12.33 -13.28 36.96
C MET B 363 11.69 -13.07 35.58
N SER B 364 12.46 -13.27 34.48
CA SER B 364 11.94 -13.18 33.09
C SER B 364 12.80 -13.90 32.06
N ALA B 365 12.22 -14.79 31.26
CA ALA B 365 12.99 -15.44 30.20
C ALA B 365 12.48 -15.11 28.83
N THR B 366 13.10 -15.71 27.83
CA THR B 366 12.66 -15.57 26.45
C THR B 366 13.33 -16.57 25.55
N PHE B 367 12.79 -16.70 24.34
CA PHE B 367 12.85 -17.94 23.61
C PHE B 367 13.11 -17.64 22.16
N ILE B 368 14.05 -18.35 21.56
CA ILE B 368 14.30 -18.23 20.13
C ILE B 368 14.03 -19.57 19.48
N GLY B 369 13.12 -19.60 18.51
CA GLY B 369 12.59 -20.86 18.01
C GLY B 369 12.49 -21.18 16.52
N ASN B 370 13.44 -21.99 16.05
CA ASN B 370 13.36 -22.57 14.72
C ASN B 370 12.60 -23.86 14.75
N SER B 371 11.32 -23.79 14.35
CA SER B 371 10.37 -24.93 14.38
C SER B 371 9.64 -25.05 13.07
N THR B 372 9.54 -26.28 12.55
CA THR B 372 8.82 -26.46 11.30
C THR B 372 7.41 -25.89 11.45
N ALA B 373 7.04 -25.60 12.69
CA ALA B 373 5.73 -25.08 13.03
C ALA B 373 5.45 -23.80 12.28
N ILE B 374 6.48 -23.01 12.11
CA ILE B 374 6.38 -21.69 11.53
C ILE B 374 5.67 -21.69 10.19
N GLN B 375 5.77 -22.79 9.47
CA GLN B 375 5.16 -22.89 8.17
C GLN B 375 3.69 -22.46 8.22
N GLU B 376 2.99 -22.89 9.28
CA GLU B 376 1.58 -22.53 9.52
C GLU B 376 1.26 -21.13 9.09
N LEU B 377 2.14 -20.21 9.44
CA LEU B 377 2.01 -18.77 9.18
C LEU B 377 2.21 -18.41 7.70
N PHE B 378 3.14 -19.07 7.04
CA PHE B 378 3.41 -18.76 5.66
C PHE B 378 2.29 -19.25 4.78
N LYS B 379 1.87 -20.46 5.08
CA LYS B 379 0.78 -21.10 4.38
C LYS B 379 -0.43 -20.17 4.34
N ARG B 380 -0.57 -19.37 5.41
CA ARG B 380 -1.72 -18.46 5.56
C ARG B 380 -1.62 -17.25 4.66
N ILE B 381 -0.47 -16.58 4.68
CA ILE B 381 -0.35 -15.41 3.82
C ILE B 381 -0.60 -15.94 2.42
N SER B 382 0.06 -17.05 2.09
CA SER B 382 -0.14 -17.66 0.78
C SER B 382 -1.64 -17.82 0.51
N GLU B 383 -2.35 -18.45 1.42
CA GLU B 383 -3.79 -18.68 1.28
C GLU B 383 -4.63 -17.46 0.93
N GLN B 384 -4.33 -16.29 1.52
CA GLN B 384 -5.03 -15.02 1.18
C GLN B 384 -4.54 -14.57 -0.15
N PHE B 385 -3.23 -14.62 -0.34
CA PHE B 385 -2.62 -14.27 -1.61
C PHE B 385 -3.10 -15.17 -2.75
N THR B 386 -2.77 -16.45 -2.68
CA THR B 386 -3.13 -17.47 -3.69
C THR B 386 -4.56 -17.31 -4.18
N ALA B 387 -5.43 -16.88 -3.28
CA ALA B 387 -6.83 -16.67 -3.60
C ALA B 387 -7.06 -15.29 -4.16
N MET B 388 -6.19 -14.34 -3.83
CA MET B 388 -6.30 -13.00 -4.38
C MET B 388 -5.69 -12.95 -5.78
N PHE B 389 -4.37 -13.02 -5.90
CA PHE B 389 -3.74 -13.00 -7.20
C PHE B 389 -4.35 -14.01 -8.20
N ARG B 390 -5.15 -14.95 -7.69
CA ARG B 390 -5.97 -15.85 -8.53
C ARG B 390 -6.58 -15.10 -9.70
N ARG B 391 -7.82 -14.63 -9.54
CA ARG B 391 -8.49 -13.78 -10.54
C ARG B 391 -7.80 -12.39 -10.55
N LYS B 392 -6.46 -12.40 -10.59
CA LYS B 392 -5.59 -11.22 -10.49
C LYS B 392 -6.23 -9.98 -9.88
N ALA B 393 -6.55 -10.04 -8.60
CA ALA B 393 -7.26 -8.96 -7.91
C ALA B 393 -6.49 -7.69 -7.95
N PHE B 394 -6.53 -6.95 -6.86
CA PHE B 394 -5.96 -5.64 -6.85
C PHE B 394 -4.66 -5.47 -7.66
N LEU B 395 -4.16 -6.53 -8.30
CA LEU B 395 -2.82 -6.48 -8.91
C LEU B 395 -2.48 -5.32 -9.81
N HIS B 396 -3.40 -4.95 -10.68
CA HIS B 396 -3.13 -3.94 -11.68
C HIS B 396 -2.61 -2.65 -11.01
N TRP B 397 -2.33 -2.75 -9.72
CA TRP B 397 -1.86 -1.64 -8.91
C TRP B 397 -0.37 -1.61 -8.82
N TYR B 398 0.22 -2.72 -9.18
CA TYR B 398 1.65 -2.82 -9.25
C TYR B 398 1.98 -2.91 -10.72
N THR B 399 1.15 -3.60 -11.49
CA THR B 399 1.38 -3.70 -12.92
C THR B 399 1.80 -2.33 -13.34
N GLY B 400 1.15 -1.34 -12.74
CA GLY B 400 1.34 0.07 -13.05
C GLY B 400 2.67 0.71 -12.66
N GLU B 401 3.16 0.41 -11.45
CA GLU B 401 4.46 0.95 -11.02
C GLU B 401 5.59 0.21 -11.70
N GLY B 402 5.23 -0.81 -12.48
CA GLY B 402 6.10 -1.34 -13.49
C GLY B 402 6.65 -2.71 -13.22
N MET B 403 5.78 -3.61 -12.82
CA MET B 403 6.23 -4.94 -12.45
C MET B 403 5.71 -5.96 -13.42
N ASP B 404 6.17 -7.20 -13.28
CA ASP B 404 5.67 -8.28 -14.14
C ASP B 404 4.72 -9.23 -13.43
N GLU B 405 3.67 -9.63 -14.17
CA GLU B 405 2.72 -10.67 -13.77
C GLU B 405 3.51 -11.90 -13.26
N MET B 406 4.32 -12.52 -14.12
CA MET B 406 5.15 -13.67 -13.75
C MET B 406 6.01 -13.48 -12.49
N GLU B 407 6.28 -12.22 -12.14
CA GLU B 407 7.10 -11.93 -10.98
C GLU B 407 6.40 -12.31 -9.72
N PHE B 408 5.09 -12.17 -9.72
CA PHE B 408 4.33 -12.61 -8.58
C PHE B 408 4.41 -14.12 -8.51
N THR B 409 4.01 -14.83 -9.56
CA THR B 409 4.02 -16.31 -9.53
C THR B 409 5.39 -16.84 -9.08
N GLU B 410 6.44 -16.19 -9.56
CA GLU B 410 7.81 -16.59 -9.29
C GLU B 410 8.21 -16.38 -7.82
N ALA B 411 7.47 -15.50 -7.14
CA ALA B 411 7.63 -15.26 -5.69
C ALA B 411 6.65 -16.08 -4.92
N GLU B 412 5.47 -16.28 -5.50
CA GLU B 412 4.45 -17.12 -4.93
C GLU B 412 5.02 -18.52 -4.81
N SER B 413 5.54 -19.10 -5.90
CA SER B 413 6.01 -20.47 -5.82
C SER B 413 7.41 -20.57 -5.22
N ASN B 414 7.91 -19.48 -4.64
CA ASN B 414 9.09 -19.55 -3.77
C ASN B 414 8.62 -19.89 -2.38
N MET B 415 7.80 -19.02 -1.85
CA MET B 415 7.02 -19.31 -0.68
C MET B 415 6.51 -20.74 -0.69
N ASN B 416 5.62 -21.03 -1.62
CA ASN B 416 4.92 -22.30 -1.65
C ASN B 416 5.89 -23.46 -1.74
N ASP B 417 7.17 -23.13 -1.97
CA ASP B 417 8.24 -24.12 -1.82
C ASP B 417 8.59 -24.23 -0.36
N LEU B 418 9.00 -23.09 0.20
CA LEU B 418 9.41 -22.98 1.59
C LEU B 418 8.52 -23.79 2.49
N VAL B 419 7.22 -23.55 2.42
CA VAL B 419 6.24 -24.40 3.06
C VAL B 419 6.62 -25.88 2.88
N SER B 420 6.65 -26.30 1.61
CA SER B 420 6.86 -27.69 1.23
C SER B 420 8.30 -28.21 1.48
N GLU B 421 9.06 -27.46 2.27
CA GLU B 421 10.38 -27.92 2.69
C GLU B 421 10.32 -28.11 4.19
N TYR B 422 9.71 -27.14 4.86
CA TYR B 422 9.46 -27.23 6.29
C TYR B 422 8.66 -28.47 6.51
N GLN B 423 7.59 -28.58 5.75
CA GLN B 423 6.72 -29.76 5.79
C GLN B 423 7.50 -31.08 5.54
N GLN B 424 8.58 -30.97 4.73
CA GLN B 424 9.43 -32.09 4.32
C GLN B 424 10.36 -32.52 5.48
N TYR B 425 10.67 -31.59 6.37
CA TYR B 425 11.60 -31.88 7.42
C TYR B 425 10.88 -32.29 8.69
N GLN B 426 9.66 -32.77 8.54
CA GLN B 426 9.06 -33.55 9.61
C GLN B 426 9.24 -35.08 9.34
N ASP B 427 10.51 -35.51 9.41
CA ASP B 427 11.01 -36.81 8.87
C ASP B 427 11.72 -37.81 9.82
N ALA B 428 13.04 -37.91 9.81
CA ALA B 428 13.74 -38.96 10.58
C ALA B 428 13.51 -40.40 10.08
N ARG C 2 0.18 15.12 -0.14
CA ARG C 2 0.13 16.50 0.42
C ARG C 2 -1.15 17.29 0.09
N GLU C 3 -1.21 17.93 -1.08
CA GLU C 3 -2.24 18.96 -1.32
C GLU C 3 -3.28 18.54 -2.35
N CYS C 4 -4.32 19.37 -2.52
CA CYS C 4 -5.58 18.89 -3.16
C CYS C 4 -6.60 19.84 -3.85
N ILE C 5 -6.56 19.91 -5.17
CA ILE C 5 -7.33 20.94 -5.88
C ILE C 5 -8.75 20.53 -6.26
N SER C 6 -9.74 21.20 -5.69
CA SER C 6 -11.13 20.97 -6.07
C SER C 6 -11.38 21.62 -7.41
N ILE C 7 -11.84 20.87 -8.39
CA ILE C 7 -12.33 21.50 -9.63
C ILE C 7 -13.82 21.30 -9.74
N HIS C 8 -14.58 22.40 -9.77
CA HIS C 8 -16.01 22.30 -10.05
C HIS C 8 -16.38 22.88 -11.40
N VAL C 9 -16.44 22.02 -12.40
CA VAL C 9 -17.02 22.36 -13.69
C VAL C 9 -18.49 22.05 -13.56
N GLY C 10 -19.30 22.82 -14.24
CA GLY C 10 -20.64 22.36 -14.49
C GLY C 10 -21.56 22.78 -13.39
N GLN C 11 -22.62 23.46 -13.82
CA GLN C 11 -23.62 24.10 -12.98
C GLN C 11 -23.99 23.34 -11.69
N ALA C 12 -24.29 22.04 -11.82
CA ALA C 12 -24.48 21.16 -10.68
C ALA C 12 -23.23 21.17 -9.81
N GLY C 13 -22.11 20.68 -10.37
CA GLY C 13 -20.82 20.70 -9.68
C GLY C 13 -20.52 22.00 -8.93
N VAL C 14 -20.74 23.12 -9.60
CA VAL C 14 -20.59 24.44 -8.99
C VAL C 14 -21.38 24.62 -7.70
N GLN C 15 -22.71 24.45 -7.78
CA GLN C 15 -23.61 24.58 -6.62
C GLN C 15 -23.25 23.59 -5.52
N ILE C 16 -23.07 22.31 -5.90
CA ILE C 16 -22.55 21.27 -5.01
C ILE C 16 -21.26 21.72 -4.36
N GLY C 17 -20.32 22.17 -5.18
CA GLY C 17 -19.08 22.71 -4.70
C GLY C 17 -19.44 23.76 -3.69
N ASN C 18 -20.04 24.84 -4.16
CA ASN C 18 -20.42 25.95 -3.31
C ASN C 18 -20.99 25.53 -1.95
N ALA C 19 -21.66 24.38 -1.92
CA ALA C 19 -22.39 23.92 -0.74
C ALA C 19 -21.73 22.77 0.04
N CYS C 20 -20.59 22.32 -0.43
CA CYS C 20 -19.74 21.54 0.43
C CYS C 20 -18.49 22.32 0.79
N TRP C 21 -18.12 23.34 0.00
CA TRP C 21 -17.08 24.25 0.44
C TRP C 21 -17.57 24.99 1.63
N GLU C 22 -18.85 25.34 1.62
CA GLU C 22 -19.53 25.90 2.79
C GLU C 22 -19.33 25.03 4.04
N LEU C 23 -19.56 23.73 3.90
CA LEU C 23 -19.45 22.78 5.00
C LEU C 23 -18.01 22.64 5.44
N TYR C 24 -17.09 22.70 4.48
CA TYR C 24 -15.67 22.66 4.79
C TYR C 24 -15.42 23.71 5.85
N CYS C 25 -15.72 24.97 5.52
CA CYS C 25 -15.49 26.11 6.40
C CYS C 25 -16.06 25.92 7.78
N LEU C 26 -17.35 25.65 7.81
CA LEU C 26 -18.04 25.48 9.08
C LEU C 26 -17.27 24.52 9.95
N GLU C 27 -16.76 23.45 9.34
CA GLU C 27 -16.00 22.44 10.06
C GLU C 27 -14.61 22.88 10.53
N HIS C 28 -13.87 23.62 9.71
CA HIS C 28 -12.48 24.00 10.05
C HIS C 28 -12.34 25.30 10.83
N GLY C 29 -13.42 26.08 10.85
CA GLY C 29 -13.44 27.35 11.54
C GLY C 29 -12.97 28.44 10.60
N ILE C 30 -13.85 28.84 9.69
CA ILE C 30 -13.49 29.89 8.75
C ILE C 30 -14.64 30.86 8.61
N GLN C 31 -14.49 32.06 9.18
CA GLN C 31 -15.40 33.14 8.84
C GLN C 31 -15.16 33.53 7.35
N PRO C 32 -16.19 33.43 6.50
CA PRO C 32 -16.08 33.71 5.06
C PRO C 32 -14.86 34.51 4.60
N ASP C 33 -14.70 35.74 5.08
CA ASP C 33 -13.53 36.55 4.79
C ASP C 33 -12.32 35.91 5.45
N GLY C 34 -12.15 36.27 6.72
CA GLY C 34 -10.91 36.04 7.45
C GLY C 34 -10.52 34.69 8.05
N GLN C 35 -9.69 34.82 9.10
CA GLN C 35 -8.98 33.72 9.76
C GLN C 35 -9.88 32.93 10.72
N MET C 36 -9.37 31.78 11.19
CA MET C 36 -9.85 31.16 12.40
C MET C 36 -9.16 31.90 13.56
N PRO C 37 -9.78 32.94 14.12
CA PRO C 37 -9.09 33.81 15.09
C PRO C 37 -9.23 33.34 16.56
N SER C 38 -9.68 32.09 16.75
CA SER C 38 -10.15 31.58 18.05
C SER C 38 -9.08 31.36 19.11
N ASP C 47 0.01 23.26 10.03
CA ASP C 47 -0.95 23.00 8.95
C ASP C 47 -2.24 22.21 9.36
N SER C 48 -2.43 20.99 8.83
CA SER C 48 -3.57 20.08 9.14
C SER C 48 -4.86 20.33 8.34
N PHE C 49 -5.23 21.60 8.26
CA PHE C 49 -6.35 22.08 7.47
C PHE C 49 -5.83 22.46 6.08
N ASN C 50 -4.53 22.65 5.92
CA ASN C 50 -3.79 22.95 4.68
C ASN C 50 -3.93 21.89 3.59
N THR C 51 -4.59 20.80 3.98
CA THR C 51 -4.78 19.64 3.13
C THR C 51 -5.38 20.15 1.84
N PHE C 52 -6.37 21.03 1.97
CA PHE C 52 -7.05 21.68 0.84
C PHE C 52 -6.60 23.12 0.60
N PHE C 53 -6.53 23.92 1.68
CA PHE C 53 -6.33 25.37 1.55
C PHE C 53 -4.85 25.86 1.56
N SER C 54 -4.62 27.04 0.96
CA SER C 54 -3.36 27.77 1.05
C SER C 54 -3.53 29.08 1.88
N GLU C 55 -2.78 29.22 2.98
CA GLU C 55 -2.95 30.36 3.91
C GLU C 55 -2.35 31.66 3.38
N THR C 56 -3.03 32.26 2.41
CA THR C 56 -2.55 33.48 1.72
C THR C 56 -2.61 34.77 2.55
N GLY C 57 -2.01 35.83 2.04
CA GLY C 57 -1.93 37.10 2.74
C GLY C 57 -1.32 36.93 4.12
N ALA C 58 -1.94 37.59 5.11
CA ALA C 58 -1.58 37.43 6.53
C ALA C 58 -2.85 37.36 7.39
N GLY C 59 -3.98 37.06 6.75
CA GLY C 59 -5.28 37.00 7.39
C GLY C 59 -6.14 35.89 6.84
N LYS C 60 -6.50 35.97 5.53
CA LYS C 60 -7.52 35.12 4.83
C LYS C 60 -7.08 33.71 4.33
N HIS C 61 -7.95 32.72 4.51
CA HIS C 61 -7.52 31.31 4.42
C HIS C 61 -7.64 30.58 3.06
N VAL C 62 -8.61 30.97 2.22
CA VAL C 62 -8.73 30.59 0.78
C VAL C 62 -8.42 29.15 0.30
N PRO C 63 -9.41 28.50 -0.35
CA PRO C 63 -9.29 27.11 -0.84
C PRO C 63 -8.42 26.94 -2.06
N ARG C 64 -8.15 25.67 -2.37
CA ARG C 64 -7.51 25.34 -3.60
C ARG C 64 -8.62 24.85 -4.47
N ALA C 65 -9.15 25.79 -5.23
CA ALA C 65 -10.43 25.63 -5.88
C ALA C 65 -10.43 26.23 -7.29
N VAL C 66 -11.17 25.58 -8.19
CA VAL C 66 -11.59 26.17 -9.47
C VAL C 66 -13.06 25.91 -9.82
N PHE C 67 -13.74 26.97 -10.20
CA PHE C 67 -15.09 26.88 -10.70
C PHE C 67 -15.06 27.30 -12.16
N VAL C 68 -15.73 26.50 -12.98
CA VAL C 68 -15.83 26.73 -14.39
C VAL C 68 -17.27 26.49 -14.73
N ASP C 69 -17.90 27.43 -15.41
CA ASP C 69 -19.14 27.14 -16.10
C ASP C 69 -19.19 28.01 -17.32
N LEU C 70 -20.04 27.69 -18.29
CA LEU C 70 -19.97 28.39 -19.57
C LEU C 70 -20.99 29.51 -19.80
N GLU C 71 -21.82 29.74 -18.80
CA GLU C 71 -22.61 30.96 -18.65
C GLU C 71 -22.14 31.53 -17.35
N PRO C 72 -22.36 32.81 -17.11
CA PRO C 72 -22.20 33.33 -15.76
C PRO C 72 -23.32 32.79 -14.90
N THR C 73 -24.36 33.58 -14.66
CA THR C 73 -25.54 33.17 -13.88
C THR C 73 -25.23 32.49 -12.53
N VAL C 74 -24.80 31.23 -12.56
CA VAL C 74 -24.50 30.43 -11.36
C VAL C 74 -23.32 30.93 -10.53
N ILE C 75 -22.23 31.13 -11.24
CA ILE C 75 -20.96 31.58 -10.68
C ILE C 75 -21.10 32.95 -10.04
N ASP C 76 -21.90 33.80 -10.67
CA ASP C 76 -22.14 35.15 -10.16
C ASP C 76 -22.72 35.11 -8.76
N GLU C 77 -23.67 34.22 -8.53
CA GLU C 77 -24.28 34.11 -7.21
C GLU C 77 -23.25 33.83 -6.14
N VAL C 78 -22.14 33.22 -6.56
CA VAL C 78 -20.98 33.01 -5.69
C VAL C 78 -20.27 34.33 -5.41
N ARG C 79 -20.15 35.17 -6.43
CA ARG C 79 -19.55 36.48 -6.27
C ARG C 79 -20.54 37.53 -5.71
N THR C 80 -21.71 37.08 -5.25
CA THR C 80 -22.78 37.95 -4.70
C THR C 80 -22.92 37.84 -3.15
N GLY C 81 -23.22 36.63 -2.67
CA GLY C 81 -23.49 36.39 -1.27
C GLY C 81 -22.27 35.88 -0.55
N THR C 82 -22.21 36.12 0.76
CA THR C 82 -21.02 35.79 1.54
C THR C 82 -20.50 34.43 1.15
N TYR C 83 -19.19 34.31 1.23
CA TYR C 83 -18.34 33.35 0.51
C TYR C 83 -17.78 34.08 -0.71
N ARG C 84 -18.48 35.13 -1.14
CA ARG C 84 -17.99 36.00 -2.20
C ARG C 84 -16.63 36.59 -1.85
N GLN C 85 -16.28 36.54 -0.57
CA GLN C 85 -15.00 37.05 -0.12
C GLN C 85 -13.98 35.95 -0.01
N LEU C 86 -14.42 34.72 -0.19
CA LEU C 86 -13.62 33.56 0.19
C LEU C 86 -12.75 32.99 -0.92
N PHE C 87 -13.05 33.37 -2.16
CA PHE C 87 -12.24 32.95 -3.28
C PHE C 87 -11.43 34.13 -3.83
N HIS C 88 -10.49 33.87 -4.72
CA HIS C 88 -9.98 34.91 -5.60
C HIS C 88 -10.93 34.98 -6.79
N PRO C 89 -11.10 36.15 -7.42
CA PRO C 89 -11.96 36.23 -8.63
C PRO C 89 -11.36 35.44 -9.79
N GLU C 90 -10.09 35.06 -9.60
CA GLU C 90 -9.28 34.32 -10.57
C GLU C 90 -9.56 32.82 -10.59
N GLN C 91 -9.91 32.28 -9.43
CA GLN C 91 -10.29 30.87 -9.29
C GLN C 91 -11.69 30.68 -9.86
N LEU C 92 -12.29 31.76 -10.33
CA LEU C 92 -13.68 31.74 -10.68
C LEU C 92 -13.90 31.97 -12.17
N ILE C 93 -13.60 30.95 -12.96
CA ILE C 93 -13.71 31.11 -14.41
C ILE C 93 -15.15 31.06 -14.91
N THR C 94 -15.57 32.17 -15.53
CA THR C 94 -16.87 32.24 -16.16
C THR C 94 -16.74 32.42 -17.67
N GLY C 95 -17.48 31.58 -18.39
CA GLY C 95 -17.31 31.49 -19.82
C GLY C 95 -18.29 32.31 -20.63
N LYS C 96 -19.02 33.23 -19.98
CA LYS C 96 -20.06 34.13 -20.58
C LYS C 96 -20.89 33.61 -21.81
N GLU C 97 -20.42 32.52 -22.39
CA GLU C 97 -20.90 32.13 -23.70
C GLU C 97 -21.60 30.79 -23.72
N ASP C 98 -22.86 30.91 -24.13
CA ASP C 98 -23.69 29.82 -24.64
C ASP C 98 -23.59 28.53 -23.79
N ALA C 99 -24.44 28.45 -22.76
CA ALA C 99 -24.56 27.25 -21.95
C ALA C 99 -24.24 25.96 -22.76
N ALA C 100 -25.23 25.38 -23.46
CA ALA C 100 -25.04 24.16 -24.25
C ALA C 100 -26.27 23.26 -24.24
N ASN C 101 -26.13 22.19 -23.46
CA ASN C 101 -27.07 21.10 -23.35
C ASN C 101 -26.80 19.94 -24.26
N ASN C 102 -25.54 19.84 -24.70
CA ASN C 102 -25.01 18.70 -25.43
C ASN C 102 -23.48 18.61 -25.34
N TYR C 103 -23.05 17.39 -25.12
CA TYR C 103 -21.67 17.07 -24.92
C TYR C 103 -20.91 17.56 -26.07
N ALA C 104 -21.50 17.43 -27.23
CA ALA C 104 -20.86 17.93 -28.41
C ALA C 104 -20.55 19.40 -28.22
N ARG C 105 -21.39 20.10 -27.47
CA ARG C 105 -21.14 21.50 -27.21
C ARG C 105 -19.81 21.65 -26.47
N GLY C 106 -19.82 21.21 -25.20
CA GLY C 106 -18.68 21.37 -24.31
C GLY C 106 -17.42 20.83 -24.93
N HIS C 107 -17.25 19.52 -24.84
CA HIS C 107 -16.05 18.77 -25.29
C HIS C 107 -15.44 19.20 -26.64
N TYR C 108 -16.12 20.03 -27.42
CA TYR C 108 -15.65 20.32 -28.77
C TYR C 108 -15.78 21.77 -29.15
N THR C 109 -17.02 22.27 -29.16
CA THR C 109 -17.38 23.53 -29.81
C THR C 109 -17.07 24.70 -28.93
N ILE C 110 -17.95 24.94 -27.97
CA ILE C 110 -17.74 26.00 -26.99
C ILE C 110 -16.59 25.73 -25.96
N GLY C 111 -16.26 24.47 -25.70
CA GLY C 111 -15.20 24.14 -24.77
C GLY C 111 -13.83 24.58 -25.24
N LYS C 112 -13.45 24.09 -26.43
CA LYS C 112 -12.24 24.51 -27.12
C LYS C 112 -11.80 25.92 -26.71
N GLU C 113 -12.79 26.79 -26.48
CA GLU C 113 -12.54 28.22 -26.23
C GLU C 113 -11.86 28.48 -24.89
N ILE C 114 -12.40 27.84 -23.86
CA ILE C 114 -12.04 28.14 -22.47
C ILE C 114 -11.05 27.12 -21.82
N ILE C 115 -10.93 25.93 -22.42
CA ILE C 115 -10.01 24.91 -21.93
C ILE C 115 -8.59 25.41 -21.57
N ASP C 116 -8.10 26.35 -22.33
CA ASP C 116 -6.79 26.90 -22.11
C ASP C 116 -6.78 27.71 -20.83
N LEU C 117 -7.68 28.69 -20.75
CA LEU C 117 -7.68 29.61 -19.61
C LEU C 117 -7.88 28.85 -18.35
N VAL C 118 -8.68 27.79 -18.41
CA VAL C 118 -8.84 26.98 -17.24
C VAL C 118 -7.57 26.19 -17.00
N LEU C 119 -7.22 25.29 -17.92
CA LEU C 119 -6.00 24.48 -17.80
C LEU C 119 -4.80 25.27 -17.21
N ASP C 120 -4.77 26.55 -17.56
CA ASP C 120 -3.86 27.53 -16.98
C ASP C 120 -4.09 27.61 -15.47
N ARG C 121 -5.05 28.44 -15.05
CA ARG C 121 -5.27 28.78 -13.65
C ARG C 121 -5.02 27.64 -12.70
N ILE C 122 -5.31 26.42 -13.14
CA ILE C 122 -5.24 25.30 -12.23
C ILE C 122 -3.79 24.95 -11.98
N ARG C 123 -2.94 25.00 -13.00
CA ARG C 123 -1.50 24.80 -12.78
C ARG C 123 -0.97 25.90 -11.86
N LYS C 124 -1.28 27.14 -12.23
CA LYS C 124 -1.00 28.34 -11.42
C LYS C 124 -1.28 28.09 -9.94
N LEU C 125 -2.18 27.15 -9.69
CA LEU C 125 -2.68 26.90 -8.36
C LEU C 125 -1.91 25.80 -7.70
N ALA C 126 -1.52 24.82 -8.52
CA ALA C 126 -0.70 23.70 -8.10
C ALA C 126 0.77 24.10 -8.23
N ASP C 127 1.00 25.34 -8.65
CA ASP C 127 2.33 25.91 -8.59
C ASP C 127 2.66 26.30 -7.14
N GLN C 128 1.67 26.76 -6.38
CA GLN C 128 1.75 26.74 -4.93
C GLN C 128 1.29 25.37 -4.54
N CYS C 129 2.08 24.67 -3.74
CA CYS C 129 1.82 23.27 -3.51
C CYS C 129 3.18 22.60 -3.60
N THR C 130 3.74 22.21 -2.46
CA THR C 130 4.98 21.46 -2.51
C THR C 130 4.65 20.00 -2.63
N GLY C 131 4.37 19.58 -3.86
CA GLY C 131 4.01 18.20 -4.14
C GLY C 131 2.52 17.91 -4.05
N LEU C 132 1.79 18.33 -5.08
CA LEU C 132 0.35 18.06 -5.19
C LEU C 132 0.07 16.57 -5.22
N GLN C 133 -1.20 16.23 -5.07
CA GLN C 133 -1.60 14.86 -4.92
C GLN C 133 -2.53 14.47 -6.05
N GLY C 134 -3.55 15.30 -6.27
CA GLY C 134 -4.48 15.05 -7.35
C GLY C 134 -5.61 16.04 -7.32
N PHE C 135 -6.57 15.85 -8.22
CA PHE C 135 -7.74 16.69 -8.17
C PHE C 135 -8.95 15.86 -7.98
N SER C 136 -9.82 16.34 -7.11
CA SER C 136 -11.19 15.88 -7.14
C SER C 136 -12.04 16.90 -7.91
N VAL C 137 -12.78 16.36 -8.88
CA VAL C 137 -13.46 17.08 -9.94
C VAL C 137 -14.92 16.79 -9.78
N PHE C 138 -15.73 17.81 -9.56
CA PHE C 138 -17.17 17.59 -9.40
C PHE C 138 -17.93 18.06 -10.62
N HIS C 139 -18.83 17.23 -11.12
CA HIS C 139 -19.56 17.52 -12.37
C HIS C 139 -20.83 16.72 -12.49
N SER C 140 -21.77 17.27 -13.25
CA SER C 140 -23.07 16.66 -13.57
C SER C 140 -22.91 15.55 -14.59
N PHE C 141 -23.73 14.49 -14.55
CA PHE C 141 -23.50 13.42 -15.53
C PHE C 141 -23.98 13.83 -16.88
N GLY C 142 -25.25 14.24 -16.90
CA GLY C 142 -25.88 14.76 -18.10
C GLY C 142 -25.76 16.26 -18.05
N GLY C 143 -26.07 16.91 -19.15
CA GLY C 143 -26.10 18.36 -19.13
C GLY C 143 -24.87 19.06 -19.67
N GLY C 144 -25.16 19.93 -20.64
CA GLY C 144 -24.19 20.53 -21.54
C GLY C 144 -22.75 20.50 -21.08
N THR C 145 -22.42 21.44 -20.21
CA THR C 145 -21.02 21.79 -20.00
C THR C 145 -20.43 21.13 -18.77
N GLY C 146 -20.47 19.84 -18.66
CA GLY C 146 -20.02 19.30 -17.40
C GLY C 146 -20.35 17.89 -17.60
N SER C 147 -21.14 17.68 -18.64
CA SER C 147 -21.12 16.45 -19.37
C SER C 147 -19.91 16.69 -20.31
N GLY C 148 -20.05 17.68 -21.17
CA GLY C 148 -19.06 17.93 -22.20
C GLY C 148 -17.69 18.28 -21.67
N PHE C 149 -17.62 19.48 -21.10
CA PHE C 149 -16.35 20.14 -20.83
C PHE C 149 -15.54 19.32 -19.87
N THR C 150 -16.20 18.87 -18.81
CA THR C 150 -15.64 17.92 -17.86
C THR C 150 -14.72 16.92 -18.56
N SER C 151 -15.27 16.19 -19.52
CA SER C 151 -14.45 15.26 -20.28
C SER C 151 -13.25 15.95 -20.93
N LEU C 152 -13.46 17.01 -21.69
CA LEU C 152 -12.30 17.78 -22.18
C LEU C 152 -11.26 18.10 -21.05
N LEU C 153 -11.72 18.65 -19.93
CA LEU C 153 -10.82 18.98 -18.84
C LEU C 153 -10.01 17.75 -18.54
N MET C 154 -10.74 16.68 -18.29
CA MET C 154 -10.13 15.45 -17.83
C MET C 154 -9.09 14.91 -18.81
N GLU C 155 -9.31 15.09 -20.11
CA GLU C 155 -8.35 14.58 -21.11
C GLU C 155 -7.07 15.27 -20.81
N ARG C 156 -7.10 16.59 -20.94
CA ARG C 156 -5.91 17.40 -20.77
C ARG C 156 -5.18 17.17 -19.44
N LEU C 157 -5.93 17.21 -18.35
CA LEU C 157 -5.37 16.99 -17.04
C LEU C 157 -4.38 15.84 -17.04
N SER C 158 -4.84 14.68 -17.54
CA SER C 158 -4.06 13.46 -17.56
C SER C 158 -2.79 13.66 -18.33
N VAL C 159 -2.82 14.58 -19.29
CA VAL C 159 -1.64 14.78 -20.12
C VAL C 159 -0.65 15.58 -19.35
N ASP C 160 -1.14 16.43 -18.46
CA ASP C 160 -0.27 17.32 -17.73
C ASP C 160 0.17 16.82 -16.34
N TYR C 161 -0.58 15.87 -15.79
CA TYR C 161 -0.30 15.32 -14.46
C TYR C 161 -0.42 13.77 -14.44
N GLY C 162 0.55 13.13 -15.13
CA GLY C 162 0.48 11.71 -15.46
C GLY C 162 0.20 10.78 -14.30
N LYS C 163 1.17 10.73 -13.37
CA LYS C 163 1.05 10.09 -12.05
C LYS C 163 -0.23 10.63 -11.33
N LYS C 164 -0.15 11.88 -10.82
CA LYS C 164 -1.20 12.51 -10.03
C LYS C 164 -2.60 11.98 -10.41
N SER C 165 -3.24 11.38 -9.43
CA SER C 165 -4.49 10.71 -9.64
C SER C 165 -5.67 11.68 -9.53
N LYS C 166 -6.80 11.25 -10.10
CA LYS C 166 -8.00 12.06 -10.24
C LYS C 166 -9.28 11.31 -9.82
N LEU C 167 -10.19 12.04 -9.17
CA LEU C 167 -11.38 11.49 -8.56
C LEU C 167 -12.65 12.23 -8.98
N GLU C 168 -13.50 11.61 -9.78
CA GLU C 168 -14.71 12.33 -10.18
C GLU C 168 -15.85 12.16 -9.15
N PHE C 169 -16.56 13.24 -8.86
CA PHE C 169 -17.83 13.18 -8.16
C PHE C 169 -18.90 13.48 -9.19
N SER C 170 -19.55 12.43 -9.67
CA SER C 170 -20.56 12.51 -10.74
C SER C 170 -22.01 12.52 -10.19
N ILE C 171 -22.85 13.40 -10.74
CA ILE C 171 -24.27 13.41 -10.41
C ILE C 171 -25.13 12.83 -11.53
N TYR C 172 -25.57 11.59 -11.27
CA TYR C 172 -26.32 10.72 -12.18
C TYR C 172 -27.81 11.08 -12.14
N PRO C 173 -28.38 11.37 -13.29
CA PRO C 173 -29.57 12.20 -13.36
C PRO C 173 -30.89 11.42 -13.24
N ALA C 174 -31.86 12.01 -12.56
CA ALA C 174 -33.02 11.30 -12.09
C ALA C 174 -34.28 11.79 -12.72
N PRO C 175 -34.82 10.98 -13.62
CA PRO C 175 -36.05 11.29 -14.36
C PRO C 175 -36.93 12.43 -13.81
N GLN C 176 -37.22 12.48 -12.50
CA GLN C 176 -38.09 13.56 -11.93
C GLN C 176 -37.34 14.87 -11.65
N VAL C 177 -36.26 14.84 -10.87
CA VAL C 177 -35.54 16.09 -10.66
C VAL C 177 -34.31 16.20 -11.58
N SER C 178 -34.64 16.27 -12.86
CA SER C 178 -33.67 16.35 -13.93
C SER C 178 -34.02 17.47 -14.91
N THR C 179 -33.17 17.63 -15.92
CA THR C 179 -33.29 18.69 -16.93
C THR C 179 -33.82 18.20 -18.28
N ALA C 180 -32.90 17.88 -19.21
CA ALA C 180 -33.24 17.69 -20.62
C ALA C 180 -33.39 16.24 -21.10
N VAL C 181 -34.28 16.10 -22.06
CA VAL C 181 -34.41 14.85 -22.76
C VAL C 181 -33.04 14.23 -22.95
N VAL C 182 -32.10 14.99 -23.47
CA VAL C 182 -30.92 14.36 -24.04
C VAL C 182 -29.93 13.78 -23.01
N GLU C 183 -30.28 13.90 -21.72
CA GLU C 183 -29.40 13.51 -20.60
C GLU C 183 -28.67 12.17 -20.73
N PRO C 184 -29.40 11.08 -20.98
CA PRO C 184 -28.76 9.79 -21.26
C PRO C 184 -27.56 9.94 -22.20
N TYR C 185 -27.80 10.38 -23.43
CA TYR C 185 -26.76 10.58 -24.45
C TYR C 185 -25.53 11.21 -23.85
N ASN C 186 -25.77 12.25 -23.04
CA ASN C 186 -24.73 13.07 -22.41
C ASN C 186 -23.83 12.36 -21.37
N SER C 187 -24.45 11.58 -20.48
CA SER C 187 -23.70 10.83 -19.47
C SER C 187 -22.91 9.77 -20.21
N ILE C 188 -23.63 8.86 -20.89
CA ILE C 188 -23.06 7.76 -21.67
C ILE C 188 -21.96 8.23 -22.58
N LEU C 189 -22.15 9.42 -23.13
CA LEU C 189 -21.09 10.08 -23.86
C LEU C 189 -19.89 10.41 -22.95
N THR C 190 -20.08 11.28 -21.94
CA THR C 190 -18.95 11.68 -21.06
C THR C 190 -18.33 10.43 -20.44
N THR C 191 -19.15 9.66 -19.74
CA THR C 191 -18.67 8.54 -18.95
C THR C 191 -17.87 7.51 -19.76
N HIS C 192 -18.08 7.46 -21.07
CA HIS C 192 -17.19 6.69 -21.93
C HIS C 192 -15.80 7.30 -22.00
N THR C 193 -15.74 8.54 -22.49
CA THR C 193 -14.46 9.22 -22.67
C THR C 193 -13.82 9.25 -21.33
N THR C 194 -14.56 9.81 -20.37
CA THR C 194 -14.10 10.11 -19.02
C THR C 194 -13.46 8.92 -18.24
N LEU C 195 -14.05 7.74 -18.40
CA LEU C 195 -13.68 6.58 -17.63
C LEU C 195 -12.21 6.10 -17.77
N GLU C 196 -11.57 6.37 -18.91
CA GLU C 196 -10.17 6.01 -19.17
C GLU C 196 -9.18 6.85 -18.33
N HIS C 197 -9.67 7.99 -17.83
CA HIS C 197 -8.83 9.04 -17.23
C HIS C 197 -9.09 9.27 -15.72
N SER C 198 -10.18 8.73 -15.21
CA SER C 198 -10.49 8.78 -13.78
C SER C 198 -10.03 7.54 -13.00
N ASP C 199 -9.45 7.78 -11.84
CA ASP C 199 -8.89 6.69 -11.05
C ASP C 199 -9.90 6.01 -10.09
N CYS C 200 -11.10 6.60 -9.96
CA CYS C 200 -12.15 6.14 -9.07
C CYS C 200 -13.18 7.24 -9.11
N ALA C 201 -14.43 6.85 -9.04
CA ALA C 201 -15.46 7.86 -9.24
C ALA C 201 -16.77 7.70 -8.44
N PHE C 202 -17.16 8.79 -7.83
CA PHE C 202 -18.26 8.73 -6.92
C PHE C 202 -19.56 9.07 -7.59
N MET C 203 -20.30 8.05 -7.97
CA MET C 203 -21.62 8.34 -8.43
C MET C 203 -22.54 8.78 -7.30
N VAL C 204 -23.39 9.75 -7.62
CA VAL C 204 -24.46 10.18 -6.74
C VAL C 204 -25.71 10.37 -7.59
N ASP C 205 -26.76 9.62 -7.26
CA ASP C 205 -27.98 9.61 -8.03
C ASP C 205 -29.04 10.35 -7.29
N ASN C 206 -29.65 11.32 -7.95
CA ASN C 206 -30.56 12.23 -7.26
C ASN C 206 -31.80 11.51 -6.73
N GLU C 207 -32.38 10.66 -7.57
CA GLU C 207 -33.53 9.84 -7.21
C GLU C 207 -33.25 9.06 -5.90
N ALA C 208 -32.01 9.11 -5.39
CA ALA C 208 -31.73 8.50 -4.07
C ALA C 208 -31.64 9.56 -2.98
N ILE C 209 -31.04 10.70 -3.34
CA ILE C 209 -30.95 11.88 -2.46
C ILE C 209 -32.33 12.44 -2.27
N TYR C 210 -32.97 12.76 -3.39
CA TYR C 210 -34.34 13.24 -3.39
C TYR C 210 -35.09 12.27 -2.53
N ASP C 211 -34.98 10.98 -2.86
CA ASP C 211 -35.73 9.97 -2.15
C ASP C 211 -35.41 9.93 -0.65
N ILE C 212 -34.17 10.26 -0.28
CA ILE C 212 -33.84 10.36 1.14
C ILE C 212 -34.54 11.55 1.78
N CYS C 213 -34.59 12.67 1.06
CA CYS C 213 -35.22 13.89 1.54
C CYS C 213 -36.74 13.77 1.57
N ARG C 214 -37.20 12.60 1.96
CA ARG C 214 -38.60 12.26 1.86
C ARG C 214 -38.83 11.40 3.06
N ARG C 215 -38.11 10.30 3.11
CA ARG C 215 -38.15 9.43 4.26
C ARG C 215 -37.47 10.05 5.48
N ASN C 216 -36.53 10.94 5.25
CA ASN C 216 -35.65 11.36 6.32
C ASN C 216 -35.77 12.83 6.67
N LEU C 217 -35.68 13.69 5.67
CA LEU C 217 -35.82 15.13 5.90
C LEU C 217 -37.28 15.54 5.87
N ASP C 218 -38.12 14.60 5.45
CA ASP C 218 -39.55 14.81 5.38
C ASP C 218 -39.86 16.19 4.82
N ILE C 219 -39.51 16.39 3.54
CA ILE C 219 -39.95 17.56 2.77
C ILE C 219 -40.58 17.09 1.46
N GLU C 220 -41.83 17.52 1.23
CA GLU C 220 -42.51 17.21 -0.01
C GLU C 220 -41.82 17.95 -1.17
N ARG C 221 -40.62 18.48 -0.90
CA ARG C 221 -40.10 19.66 -1.58
C ARG C 221 -38.91 19.53 -2.52
N PRO C 222 -37.99 18.60 -2.25
CA PRO C 222 -36.55 18.80 -2.41
C PRO C 222 -36.05 20.00 -3.23
N THR C 223 -35.52 21.01 -2.55
CA THR C 223 -34.89 22.18 -3.21
C THR C 223 -33.52 21.80 -3.68
N TYR C 224 -33.09 22.40 -4.78
CA TYR C 224 -31.75 22.13 -5.26
C TYR C 224 -30.73 22.27 -4.14
N THR C 225 -30.75 23.43 -3.51
CA THR C 225 -29.90 23.70 -2.35
C THR C 225 -30.03 22.54 -1.32
N ASN C 226 -31.29 22.17 -0.99
CA ASN C 226 -31.63 21.06 -0.09
C ASN C 226 -30.81 19.78 -0.33
N LEU C 227 -30.83 19.34 -1.59
CA LEU C 227 -30.07 18.18 -2.03
C LEU C 227 -28.60 18.42 -1.81
N ASN C 228 -28.15 19.57 -2.27
CA ASN C 228 -26.75 19.90 -2.20
C ASN C 228 -26.19 19.67 -0.79
N ARG C 229 -26.74 20.35 0.23
CA ARG C 229 -26.20 20.25 1.60
C ARG C 229 -26.07 18.80 2.09
N LEU C 230 -26.92 17.93 1.53
CA LEU C 230 -26.90 16.50 1.81
C LEU C 230 -25.73 15.79 1.12
N ILE C 231 -25.55 16.03 -0.18
CA ILE C 231 -24.37 15.55 -0.87
C ILE C 231 -23.15 16.16 -0.20
N GLY C 232 -23.19 17.48 -0.03
CA GLY C 232 -22.19 18.25 0.68
C GLY C 232 -21.71 17.48 1.89
N GLN C 233 -22.63 17.07 2.74
CA GLN C 233 -22.29 16.28 3.91
C GLN C 233 -21.50 15.02 3.52
N ILE C 234 -22.09 14.18 2.66
CA ILE C 234 -21.46 12.91 2.25
C ILE C 234 -20.02 13.21 1.91
N VAL C 235 -19.87 14.09 0.94
CA VAL C 235 -18.58 14.57 0.42
C VAL C 235 -17.58 14.98 1.50
N SER C 236 -18.08 15.65 2.54
CA SER C 236 -17.29 15.95 3.71
C SER C 236 -16.76 14.64 4.30
N SER C 237 -17.65 13.73 4.64
CA SER C 237 -17.20 12.48 5.23
C SER C 237 -16.28 11.72 4.28
N ILE C 238 -16.56 11.78 2.99
CA ILE C 238 -15.75 11.12 1.94
C ILE C 238 -14.32 11.59 2.01
N THR C 239 -14.14 12.91 1.89
CA THR C 239 -12.82 13.54 1.96
C THR C 239 -12.42 13.46 3.41
N ALA C 240 -11.73 14.50 3.88
CA ALA C 240 -11.66 14.78 5.31
C ALA C 240 -10.95 13.73 6.15
N SER C 241 -10.93 12.50 5.67
CA SER C 241 -9.91 11.54 6.10
C SER C 241 -8.55 12.23 5.90
N LEU C 242 -8.47 13.01 4.81
CA LEU C 242 -7.25 13.65 4.32
C LEU C 242 -7.17 15.16 4.54
N ARG C 243 -8.18 15.73 5.20
CA ARG C 243 -8.13 17.14 5.59
C ARG C 243 -7.87 17.32 7.07
N PHE C 244 -8.42 16.43 7.87
CA PHE C 244 -8.43 16.64 9.31
C PHE C 244 -7.38 15.79 9.98
N ASP C 245 -7.43 14.49 9.68
CA ASP C 245 -6.50 13.51 10.26
C ASP C 245 -5.11 13.62 9.64
N GLY C 246 -5.03 14.44 8.58
CA GLY C 246 -3.77 14.94 8.05
C GLY C 246 -3.02 15.87 9.00
N ALA C 247 -2.81 15.44 10.26
CA ALA C 247 -1.79 16.01 11.15
C ALA C 247 -0.44 15.48 10.67
N LEU C 248 -0.50 14.43 9.82
CA LEU C 248 0.63 13.91 9.02
C LEU C 248 0.26 13.06 7.74
N ASN C 249 0.36 11.73 7.86
CA ASN C 249 0.59 10.85 6.72
C ASN C 249 -0.64 10.30 5.95
N VAL C 250 -1.48 11.14 5.36
CA VAL C 250 -2.56 10.64 4.43
C VAL C 250 -2.14 10.89 2.95
N ASP C 251 -2.70 10.20 1.91
CA ASP C 251 -2.28 10.47 0.48
C ASP C 251 -2.97 9.85 -0.75
N LEU C 252 -4.31 9.82 -0.78
CA LEU C 252 -5.05 9.17 -1.90
C LEU C 252 -4.36 7.85 -2.12
N THR C 253 -4.41 7.29 -3.32
CA THR C 253 -3.71 6.06 -3.56
C THR C 253 -4.03 5.11 -2.38
N GLU C 254 -5.03 5.46 -1.54
CA GLU C 254 -5.38 4.67 -0.35
C GLU C 254 -6.84 4.89 0.03
N PHE C 255 -7.42 6.02 -0.38
CA PHE C 255 -8.83 5.99 -0.65
C PHE C 255 -8.81 4.94 -1.77
N GLN C 256 -7.92 5.14 -2.75
CA GLN C 256 -7.70 4.28 -3.94
C GLN C 256 -7.44 2.72 -3.78
N THR C 257 -6.17 2.35 -3.75
CA THR C 257 -5.66 1.09 -3.27
C THR C 257 -6.72 0.40 -2.51
N ASN C 258 -7.47 1.14 -1.70
CA ASN C 258 -8.50 0.50 -0.89
C ASN C 258 -9.88 0.24 -1.48
N LEU C 259 -10.12 0.63 -2.73
CA LEU C 259 -11.46 0.53 -3.24
C LEU C 259 -11.63 -0.07 -4.61
N VAL C 260 -10.77 0.29 -5.53
CA VAL C 260 -10.89 -0.27 -6.85
C VAL C 260 -9.87 -1.32 -7.09
N PRO C 261 -10.36 -2.51 -7.37
CA PRO C 261 -9.51 -3.66 -7.61
C PRO C 261 -9.12 -3.80 -9.06
N TYR C 262 -9.74 -3.03 -9.91
CA TYR C 262 -9.51 -3.24 -11.32
C TYR C 262 -9.47 -1.93 -12.14
N PRO C 263 -8.79 -1.91 -13.30
CA PRO C 263 -8.48 -0.64 -13.98
C PRO C 263 -9.76 0.12 -14.04
N ARG C 264 -10.81 -0.57 -14.45
CA ARG C 264 -12.04 0.04 -14.84
C ARG C 264 -12.73 0.84 -13.72
N ILE C 265 -12.13 2.01 -13.37
CA ILE C 265 -12.55 3.23 -12.61
C ILE C 265 -13.50 3.05 -11.43
N HIS C 266 -13.79 1.81 -11.04
CA HIS C 266 -15.00 1.37 -10.37
C HIS C 266 -15.58 2.37 -9.42
N PHE C 267 -16.88 2.54 -9.58
CA PHE C 267 -17.55 3.62 -8.95
C PHE C 267 -18.08 3.01 -7.69
N PRO C 268 -17.45 3.37 -6.58
CA PRO C 268 -17.88 2.88 -5.28
C PRO C 268 -19.30 3.35 -4.99
N LEU C 269 -19.94 2.66 -4.07
CA LEU C 269 -21.26 3.01 -3.65
C LEU C 269 -21.14 3.79 -2.34
N ALA C 270 -21.85 4.92 -2.22
CA ALA C 270 -21.80 5.75 -1.01
C ALA C 270 -23.05 5.62 -0.11
N THR C 271 -22.94 5.91 1.19
CA THR C 271 -24.08 5.73 2.08
C THR C 271 -23.91 6.49 3.40
N TYR C 272 -24.44 7.70 3.51
CA TYR C 272 -24.33 8.43 4.79
C TYR C 272 -25.19 7.82 5.87
N ALA C 273 -24.80 8.01 7.14
CA ALA C 273 -25.39 7.30 8.29
C ALA C 273 -26.72 7.80 8.87
N PRO C 274 -26.67 8.69 9.86
CA PRO C 274 -27.91 9.20 10.45
C PRO C 274 -28.23 10.53 9.81
N VAL C 275 -29.12 10.50 8.82
CA VAL C 275 -29.67 11.74 8.30
C VAL C 275 -30.88 11.90 9.17
N ILE C 276 -30.99 13.05 9.81
CA ILE C 276 -32.19 13.33 10.60
C ILE C 276 -32.42 14.81 10.88
N SER C 277 -33.66 15.20 10.61
CA SER C 277 -34.15 16.59 10.61
C SER C 277 -34.01 17.27 11.95
N ALA C 278 -33.90 18.59 11.94
CA ALA C 278 -34.10 19.35 13.16
C ALA C 278 -35.58 19.22 13.50
N GLU C 279 -35.99 19.85 14.60
CA GLU C 279 -37.26 19.53 15.23
C GLU C 279 -37.13 18.17 15.92
N LYS C 280 -36.50 17.22 15.24
CA LYS C 280 -36.27 15.86 15.76
C LYS C 280 -34.84 15.63 16.34
N ALA C 281 -34.07 16.71 16.51
CA ALA C 281 -32.62 16.69 16.85
C ALA C 281 -32.21 16.33 18.30
N TYR C 282 -33.22 16.16 19.16
CA TYR C 282 -33.01 15.94 20.59
C TYR C 282 -33.30 14.49 21.01
N HIS C 283 -33.77 13.68 20.06
CA HIS C 283 -34.13 12.28 20.28
C HIS C 283 -32.85 11.43 20.34
N GLU C 284 -31.74 12.06 19.95
CA GLU C 284 -30.42 11.43 19.70
C GLU C 284 -29.85 10.48 20.77
N GLN C 285 -28.65 9.97 20.45
CA GLN C 285 -28.14 8.70 20.95
C GLN C 285 -28.56 7.67 19.90
N LEU C 286 -27.79 7.56 18.82
CA LEU C 286 -28.07 6.52 17.86
C LEU C 286 -27.05 5.41 17.98
N SER C 287 -27.56 4.20 18.17
CA SER C 287 -26.74 3.03 18.50
C SER C 287 -25.55 2.91 17.57
N VAL C 288 -24.37 2.93 18.14
CA VAL C 288 -23.18 2.76 17.33
C VAL C 288 -23.35 1.52 16.46
N ALA C 289 -24.31 0.68 16.85
CA ALA C 289 -24.67 -0.50 16.08
C ALA C 289 -25.67 -0.17 14.97
N GLU C 290 -26.58 0.74 15.24
CA GLU C 290 -27.65 1.08 14.30
C GLU C 290 -27.14 1.85 13.08
N ILE C 291 -26.39 2.92 13.34
CA ILE C 291 -25.77 3.70 12.29
C ILE C 291 -25.03 2.80 11.30
N THR C 292 -24.55 1.67 11.80
CA THR C 292 -23.94 0.63 10.97
C THR C 292 -25.02 -0.22 10.31
N ASN C 293 -26.00 -0.68 11.07
CA ASN C 293 -27.07 -1.50 10.53
C ASN C 293 -27.88 -0.77 9.48
N ALA C 294 -28.13 0.50 9.73
CA ALA C 294 -28.84 1.38 8.79
C ALA C 294 -27.93 1.76 7.62
N CYS C 295 -26.65 1.47 7.76
CA CYS C 295 -25.68 1.70 6.71
C CYS C 295 -25.91 0.74 5.57
N PHE C 296 -26.33 -0.46 5.93
CA PHE C 296 -26.53 -1.51 4.99
C PHE C 296 -28.00 -1.53 4.71
N GLU C 297 -28.46 -0.46 4.09
CA GLU C 297 -29.88 -0.24 3.92
C GLU C 297 -30.23 0.24 2.51
N PRO C 298 -30.87 -0.62 1.72
CA PRO C 298 -31.20 -0.29 0.33
C PRO C 298 -31.79 1.11 0.21
N ALA C 299 -32.67 1.49 1.14
CA ALA C 299 -33.32 2.80 1.11
C ALA C 299 -32.36 3.93 1.48
N ASN C 300 -31.33 3.63 2.27
CA ASN C 300 -30.48 4.69 2.75
C ASN C 300 -29.22 4.92 1.92
N GLN C 301 -29.27 4.49 0.66
CA GLN C 301 -28.07 4.44 -0.19
C GLN C 301 -27.73 5.76 -0.84
N MET C 302 -27.32 5.71 -2.09
CA MET C 302 -26.78 6.89 -2.70
C MET C 302 -26.93 6.77 -4.16
N VAL C 303 -26.83 5.54 -4.62
CA VAL C 303 -27.14 5.22 -6.00
C VAL C 303 -28.30 4.23 -5.92
N LYS C 304 -29.44 4.66 -6.47
CA LYS C 304 -30.64 3.85 -6.42
C LYS C 304 -30.36 2.48 -7.04
N CYS C 305 -30.40 1.45 -6.18
CA CYS C 305 -30.18 0.04 -6.53
C CYS C 305 -30.18 -0.79 -5.22
N ASP C 306 -29.64 -2.02 -5.26
CA ASP C 306 -29.43 -2.87 -4.05
C ASP C 306 -28.43 -4.00 -4.20
N PRO C 307 -27.53 -4.08 -3.22
CA PRO C 307 -26.49 -5.10 -3.18
C PRO C 307 -26.92 -6.40 -2.48
N ARG C 308 -28.23 -6.57 -2.32
CA ARG C 308 -28.78 -7.88 -2.01
C ARG C 308 -28.58 -8.71 -3.30
N HIS C 309 -28.90 -8.12 -4.46
CA HIS C 309 -28.75 -8.73 -5.79
C HIS C 309 -27.28 -9.01 -6.19
N GLY C 310 -26.39 -8.02 -6.03
CA GLY C 310 -24.97 -8.16 -6.37
C GLY C 310 -24.04 -8.56 -5.23
N LYS C 311 -22.84 -9.01 -5.58
CA LYS C 311 -21.82 -9.42 -4.61
C LYS C 311 -21.00 -8.20 -4.22
N TYR C 312 -20.23 -8.30 -3.13
CA TYR C 312 -19.32 -7.23 -2.69
C TYR C 312 -17.86 -7.58 -3.01
N MET C 313 -17.09 -6.60 -3.50
CA MET C 313 -15.66 -6.83 -3.79
C MET C 313 -14.73 -5.84 -3.09
N ALA C 314 -15.25 -5.06 -2.14
CA ALA C 314 -14.44 -4.25 -1.24
C ALA C 314 -15.33 -3.28 -0.48
N CYS C 315 -15.03 -3.20 0.81
CA CYS C 315 -15.91 -2.58 1.80
C CYS C 315 -15.18 -1.68 2.78
N CYS C 316 -15.85 -0.62 3.21
CA CYS C 316 -15.15 0.46 3.87
C CYS C 316 -16.00 1.39 4.73
N LEU C 317 -15.71 1.43 6.03
CA LEU C 317 -16.52 2.26 6.90
C LEU C 317 -15.79 3.48 7.41
N LEU C 318 -16.32 4.66 7.09
CA LEU C 318 -15.79 5.93 7.64
C LEU C 318 -16.71 6.56 8.68
N TYR C 319 -16.45 6.23 9.94
CA TYR C 319 -17.13 6.81 11.08
C TYR C 319 -16.65 8.24 11.34
N ARG C 320 -17.38 8.95 12.20
CA ARG C 320 -17.08 10.34 12.60
C ARG C 320 -17.85 10.74 13.88
N GLY C 321 -17.15 10.76 15.03
CA GLY C 321 -17.79 11.09 16.30
C GLY C 321 -17.17 10.39 17.50
N ASP C 322 -17.81 10.51 18.66
CA ASP C 322 -17.33 9.81 19.85
C ASP C 322 -17.50 8.30 19.66
N VAL C 323 -16.42 7.62 19.27
CA VAL C 323 -16.46 6.18 18.97
C VAL C 323 -15.10 5.44 19.17
N VAL C 324 -15.07 4.55 20.17
CA VAL C 324 -13.96 3.61 20.37
C VAL C 324 -14.31 2.33 19.57
N PRO C 325 -13.33 1.81 18.80
CA PRO C 325 -13.56 0.65 17.94
C PRO C 325 -14.22 -0.56 18.60
N LYS C 326 -13.88 -0.84 19.86
CA LYS C 326 -14.41 -2.01 20.56
C LYS C 326 -15.87 -2.26 20.19
N ASP C 327 -16.61 -1.16 19.96
CA ASP C 327 -18.02 -1.21 19.52
C ASP C 327 -18.11 -1.61 18.09
N VAL C 328 -17.64 -0.72 17.23
CA VAL C 328 -17.71 -0.91 15.79
C VAL C 328 -17.53 -2.38 15.47
N ASN C 329 -16.52 -2.96 16.10
CA ASN C 329 -16.17 -4.36 15.92
C ASN C 329 -17.31 -5.31 16.32
N ALA C 330 -17.77 -5.20 17.57
CA ALA C 330 -18.93 -5.95 18.02
C ALA C 330 -20.13 -5.71 17.10
N ALA C 331 -20.18 -4.53 16.47
CA ALA C 331 -21.27 -4.13 15.58
C ALA C 331 -21.09 -4.66 14.16
N ILE C 332 -19.85 -4.93 13.78
CA ILE C 332 -19.56 -5.64 12.54
C ILE C 332 -20.01 -7.09 12.71
N ALA C 333 -19.54 -7.71 13.80
CA ALA C 333 -19.81 -9.11 14.07
C ALA C 333 -21.27 -9.37 13.85
N THR C 334 -22.09 -8.59 14.54
CA THR C 334 -23.54 -8.76 14.50
C THR C 334 -24.12 -8.35 13.13
N ILE C 335 -23.40 -7.53 12.37
CA ILE C 335 -23.78 -7.24 10.97
C ILE C 335 -23.59 -8.49 10.10
N LYS C 336 -22.59 -9.33 10.42
CA LYS C 336 -22.22 -10.55 9.66
C LYS C 336 -23.27 -11.66 9.62
N THR C 337 -23.90 -11.89 10.77
CA THR C 337 -24.79 -13.05 10.98
C THR C 337 -26.27 -12.78 10.64
N LYS C 338 -26.75 -11.54 10.78
CA LYS C 338 -28.07 -11.15 10.26
C LYS C 338 -27.86 -10.52 8.89
N ARG C 339 -27.16 -11.24 8.01
CA ARG C 339 -26.84 -10.74 6.67
C ARG C 339 -26.71 -11.74 5.51
N THR C 340 -27.49 -11.41 4.48
CA THR C 340 -27.16 -11.65 3.07
C THR C 340 -25.98 -10.68 2.81
N ILE C 341 -24.81 -11.06 3.33
CA ILE C 341 -23.59 -10.22 3.35
C ILE C 341 -22.89 -10.13 1.99
N GLN C 342 -22.79 -11.27 1.30
CA GLN C 342 -22.42 -11.39 -0.13
C GLN C 342 -21.02 -10.93 -0.55
N PHE C 343 -19.98 -11.54 0.03
CA PHE C 343 -18.62 -11.16 -0.33
C PHE C 343 -17.98 -11.98 -1.41
N VAL C 344 -17.64 -11.34 -2.52
CA VAL C 344 -17.31 -12.09 -3.72
C VAL C 344 -16.00 -12.88 -3.65
N ASP C 345 -16.15 -14.20 -3.74
CA ASP C 345 -15.12 -15.18 -4.17
C ASP C 345 -13.66 -14.97 -3.71
N TRP C 346 -13.03 -13.93 -4.24
CA TRP C 346 -11.57 -13.86 -4.36
C TRP C 346 -10.94 -12.65 -3.70
N CYS C 347 -11.59 -12.08 -2.72
CA CYS C 347 -11.12 -10.83 -2.19
C CYS C 347 -11.34 -10.91 -0.72
N PRO C 348 -10.46 -11.55 0.08
CA PRO C 348 -10.76 -11.85 1.51
C PRO C 348 -11.38 -10.59 2.13
N THR C 349 -12.07 -10.66 3.26
CA THR C 349 -13.06 -9.60 3.63
C THR C 349 -12.50 -8.15 3.95
N GLY C 350 -12.56 -7.25 2.95
CA GLY C 350 -12.34 -5.82 3.13
C GLY C 350 -13.14 -5.36 4.36
N PHE C 351 -12.57 -4.43 5.13
CA PHE C 351 -13.26 -3.78 6.26
C PHE C 351 -12.27 -2.82 6.89
N LYS C 352 -11.69 -2.00 6.02
CA LYS C 352 -10.89 -0.87 6.42
C LYS C 352 -11.85 0.04 7.19
N VAL C 353 -11.53 0.26 8.46
CA VAL C 353 -12.35 1.05 9.37
C VAL C 353 -11.68 2.35 9.72
N GLY C 354 -12.37 3.45 9.43
CA GLY C 354 -11.80 4.78 9.58
C GLY C 354 -12.59 5.68 10.51
N ILE C 355 -12.41 5.46 11.82
CA ILE C 355 -12.89 6.36 12.86
C ILE C 355 -12.16 7.68 12.78
N ASN C 356 -12.88 8.78 12.91
CA ASN C 356 -12.28 10.10 12.71
C ASN C 356 -12.48 11.14 13.81
N TYR C 357 -12.87 10.68 15.00
CA TYR C 357 -12.94 11.47 16.24
C TYR C 357 -13.71 12.77 16.17
N GLU C 358 -13.37 13.55 15.16
CA GLU C 358 -13.95 14.84 14.91
C GLU C 358 -15.46 14.71 14.59
N PRO C 359 -16.30 15.29 15.47
CA PRO C 359 -17.77 15.30 15.31
C PRO C 359 -18.26 16.16 14.11
N PRO C 360 -19.39 15.78 13.51
CA PRO C 360 -19.74 16.20 12.14
C PRO C 360 -20.65 17.45 12.01
N THR C 361 -20.10 18.65 12.21
CA THR C 361 -20.90 19.88 12.19
C THR C 361 -21.70 20.02 10.92
N VAL C 362 -22.98 20.28 11.12
CA VAL C 362 -23.93 20.51 10.04
C VAL C 362 -24.33 21.99 10.01
N VAL C 363 -24.79 22.42 8.84
CA VAL C 363 -25.12 23.81 8.54
C VAL C 363 -26.19 24.35 9.50
N PRO C 364 -25.99 25.57 10.03
CA PRO C 364 -26.79 26.06 11.18
C PRO C 364 -28.27 26.31 10.91
N GLY C 365 -28.61 26.93 9.79
CA GLY C 365 -30.00 26.99 9.32
C GLY C 365 -30.42 25.55 9.06
N GLY C 366 -29.69 24.91 8.14
CA GLY C 366 -29.67 23.46 7.94
C GLY C 366 -30.98 22.74 7.73
N ASP C 367 -30.93 21.41 7.85
CA ASP C 367 -32.12 20.56 7.76
C ASP C 367 -31.92 19.46 8.77
N LEU C 368 -30.68 18.96 8.77
CA LEU C 368 -30.15 17.94 9.63
C LEU C 368 -29.67 18.66 10.87
N ALA C 369 -29.43 17.94 11.95
CA ALA C 369 -28.97 18.61 13.16
C ALA C 369 -27.75 17.98 13.81
N LYS C 370 -27.46 18.44 15.03
CA LYS C 370 -26.39 17.90 15.89
C LYS C 370 -26.36 16.36 15.82
N VAL C 371 -25.35 15.84 15.13
CA VAL C 371 -25.11 14.38 15.16
C VAL C 371 -23.82 14.04 15.93
N GLN C 372 -23.96 13.25 16.98
CA GLN C 372 -22.86 12.86 17.85
C GLN C 372 -22.02 11.71 17.29
N ARG C 373 -22.57 11.03 16.29
CA ARG C 373 -21.91 9.92 15.61
C ARG C 373 -22.55 9.69 14.23
N ALA C 374 -21.72 9.61 13.20
CA ALA C 374 -22.17 9.37 11.83
C ALA C 374 -21.25 8.40 11.11
N VAL C 375 -21.76 7.73 10.08
CA VAL C 375 -20.98 6.77 9.30
C VAL C 375 -21.06 7.02 7.78
N CYS C 376 -20.31 6.24 7.01
CA CYS C 376 -20.19 6.53 5.59
C CYS C 376 -20.18 5.40 4.57
N MET C 377 -19.51 4.29 4.86
CA MET C 377 -19.60 3.09 4.02
C MET C 377 -19.43 3.25 2.50
N LEU C 378 -18.20 3.08 2.05
CA LEU C 378 -17.94 3.10 0.64
C LEU C 378 -17.62 1.67 0.23
N SER C 379 -18.43 1.14 -0.67
CA SER C 379 -18.29 -0.25 -1.08
C SER C 379 -18.31 -0.38 -2.58
N ASN C 380 -17.35 -1.10 -3.12
CA ASN C 380 -17.49 -1.44 -4.50
C ASN C 380 -18.15 -2.79 -4.63
N THR C 381 -19.35 -2.76 -5.22
CA THR C 381 -20.19 -3.94 -5.46
C THR C 381 -20.63 -4.06 -6.91
N THR C 382 -20.83 -5.30 -7.37
CA THR C 382 -21.26 -5.54 -8.74
C THR C 382 -22.57 -4.81 -8.99
N ALA C 383 -23.40 -4.74 -7.97
CA ALA C 383 -24.75 -4.21 -8.12
C ALA C 383 -24.82 -2.77 -8.60
N ILE C 384 -23.78 -1.99 -8.34
CA ILE C 384 -23.75 -0.63 -8.83
C ILE C 384 -23.96 -0.57 -10.35
N ALA C 385 -23.85 -1.72 -11.00
CA ALA C 385 -24.13 -1.84 -12.42
C ALA C 385 -25.59 -1.50 -12.74
N GLU C 386 -26.52 -2.18 -12.06
CA GLU C 386 -27.95 -1.91 -12.18
C GLU C 386 -28.31 -0.53 -12.67
N ALA C 387 -27.63 0.48 -12.13
CA ALA C 387 -27.83 1.87 -12.55
C ALA C 387 -27.24 2.18 -13.94
N TRP C 388 -26.10 1.56 -14.26
CA TRP C 388 -25.56 1.67 -15.61
C TRP C 388 -26.52 1.11 -16.63
N ALA C 389 -27.26 0.07 -16.27
CA ALA C 389 -28.28 -0.54 -17.13
C ALA C 389 -29.43 0.38 -17.42
N ARG C 390 -30.10 0.89 -16.37
CA ARG C 390 -31.23 1.82 -16.53
C ARG C 390 -30.89 3.03 -17.36
N LEU C 391 -29.66 3.50 -17.26
CA LEU C 391 -29.15 4.55 -18.12
C LEU C 391 -29.02 4.10 -19.58
N ASP C 392 -28.14 3.12 -19.82
CA ASP C 392 -27.90 2.57 -21.16
C ASP C 392 -29.24 2.43 -21.89
N HIS C 393 -30.16 1.66 -21.30
CA HIS C 393 -31.44 1.32 -21.92
C HIS C 393 -32.15 2.55 -22.44
N LYS C 394 -32.16 3.61 -21.65
CA LYS C 394 -32.71 4.90 -22.08
C LYS C 394 -32.09 5.27 -23.42
N PHE C 395 -30.77 5.50 -23.36
CA PHE C 395 -29.96 5.75 -24.52
C PHE C 395 -30.28 4.79 -25.67
N ASP C 396 -30.05 3.51 -25.42
CA ASP C 396 -30.28 2.43 -26.36
C ASP C 396 -31.46 2.72 -27.26
N LEU C 397 -32.54 3.20 -26.64
CA LEU C 397 -33.90 3.19 -27.21
C LEU C 397 -34.25 4.48 -27.92
N MET C 398 -33.59 5.55 -27.49
CA MET C 398 -33.60 6.76 -28.23
C MET C 398 -32.75 6.54 -29.48
N TYR C 399 -31.44 6.31 -29.30
CA TYR C 399 -30.53 6.14 -30.44
C TYR C 399 -31.10 5.23 -31.52
N ALA C 400 -31.93 4.27 -31.10
CA ALA C 400 -32.62 3.35 -32.00
C ALA C 400 -33.37 4.09 -33.11
N LYS C 401 -33.49 5.41 -32.98
CA LYS C 401 -34.14 6.24 -33.98
C LYS C 401 -33.41 7.56 -34.24
N ARG C 402 -32.09 7.57 -34.07
CA ARG C 402 -31.26 8.78 -34.20
C ARG C 402 -31.81 9.96 -33.37
N ALA C 403 -32.72 9.63 -32.46
CA ALA C 403 -33.41 10.60 -31.61
C ALA C 403 -32.93 12.00 -31.86
N PHE C 404 -32.05 12.50 -31.03
CA PHE C 404 -31.66 13.87 -31.16
C PHE C 404 -30.29 13.99 -31.80
N VAL C 405 -29.75 12.83 -32.15
CA VAL C 405 -28.39 12.73 -32.63
C VAL C 405 -27.92 13.97 -33.32
N HIS C 406 -28.60 14.35 -34.38
CA HIS C 406 -28.07 15.31 -35.33
C HIS C 406 -27.77 16.68 -34.71
N TRP C 407 -28.02 16.80 -33.42
CA TRP C 407 -27.67 18.03 -32.72
C TRP C 407 -26.23 18.02 -32.25
N TYR C 408 -25.72 16.83 -32.03
CA TYR C 408 -24.34 16.63 -31.74
C TYR C 408 -23.59 16.55 -33.06
N VAL C 409 -24.11 15.76 -34.01
CA VAL C 409 -23.49 15.64 -35.33
C VAL C 409 -23.36 17.03 -35.88
N GLY C 410 -24.37 17.85 -35.57
CA GLY C 410 -24.47 19.21 -36.05
C GLY C 410 -23.32 20.08 -35.59
N GLU C 411 -22.95 19.96 -34.32
CA GLU C 411 -21.84 20.74 -33.78
C GLU C 411 -20.50 20.11 -34.15
N GLY C 412 -20.55 18.89 -34.67
CA GLY C 412 -19.44 18.35 -35.43
C GLY C 412 -18.92 17.01 -35.01
N MET C 413 -19.80 16.12 -34.60
CA MET C 413 -19.38 14.79 -34.20
C MET C 413 -19.68 13.76 -35.24
N GLU C 414 -18.94 12.66 -35.19
CA GLU C 414 -19.23 11.47 -35.99
C GLU C 414 -20.25 10.65 -35.23
N GLU C 415 -21.23 10.11 -35.96
CA GLU C 415 -22.22 9.21 -35.38
C GLU C 415 -21.52 8.10 -34.64
N GLY C 416 -20.39 7.68 -35.22
CA GLY C 416 -19.61 6.59 -34.69
C GLY C 416 -19.04 6.77 -33.31
N GLU C 417 -18.97 8.01 -32.81
CA GLU C 417 -18.63 8.23 -31.42
C GLU C 417 -19.72 7.59 -30.57
N PHE C 418 -20.95 7.64 -31.07
CA PHE C 418 -22.09 7.08 -30.35
C PHE C 418 -22.04 5.56 -30.22
N SER C 419 -22.20 4.84 -31.34
CA SER C 419 -22.10 3.39 -31.32
C SER C 419 -20.84 2.92 -30.58
N GLU C 420 -19.72 3.61 -30.81
CA GLU C 420 -18.44 3.28 -30.19
C GLU C 420 -18.36 3.69 -28.69
N ALA C 421 -19.26 4.56 -28.24
CA ALA C 421 -19.31 4.89 -26.82
C ALA C 421 -20.18 3.88 -26.13
N ARG C 422 -21.43 3.80 -26.57
CA ARG C 422 -22.35 2.88 -25.93
C ARG C 422 -21.74 1.51 -25.88
N GLU C 423 -20.91 1.22 -26.86
CA GLU C 423 -20.34 -0.09 -27.00
C GLU C 423 -19.23 -0.30 -25.99
N ASP C 424 -18.90 0.75 -25.26
CA ASP C 424 -17.94 0.66 -24.18
C ASP C 424 -18.65 0.28 -22.90
N MET C 425 -19.87 0.76 -22.76
CA MET C 425 -20.73 0.40 -21.64
C MET C 425 -21.06 -1.06 -21.70
N ALA C 426 -21.37 -1.51 -22.92
CA ALA C 426 -21.56 -2.92 -23.20
C ALA C 426 -20.42 -3.68 -22.59
N ALA C 427 -19.20 -3.20 -22.83
CA ALA C 427 -18.00 -3.80 -22.24
C ALA C 427 -18.05 -3.76 -20.70
N LEU C 428 -18.23 -2.57 -20.16
CA LEU C 428 -18.23 -2.37 -18.72
C LEU C 428 -19.32 -3.19 -18.03
N GLU C 429 -20.52 -3.14 -18.59
CA GLU C 429 -21.68 -3.87 -18.08
C GLU C 429 -21.48 -5.40 -17.99
N LYS C 430 -20.70 -5.93 -18.95
CA LYS C 430 -20.24 -7.32 -18.95
C LYS C 430 -19.11 -7.48 -17.95
N ASP C 431 -18.13 -6.56 -18.02
CA ASP C 431 -17.05 -6.49 -17.05
C ASP C 431 -17.64 -6.68 -15.64
N TYR C 432 -18.61 -5.83 -15.30
CA TYR C 432 -19.23 -5.86 -13.99
C TYR C 432 -19.78 -7.22 -13.71
N GLU C 433 -20.88 -7.56 -14.34
CA GLU C 433 -21.43 -8.88 -14.13
C GLU C 433 -20.32 -9.95 -14.11
N GLU C 434 -19.27 -9.77 -14.93
CA GLU C 434 -18.21 -10.79 -15.05
C GLU C 434 -17.46 -11.13 -13.75
N VAL C 435 -17.18 -10.11 -12.96
CA VAL C 435 -16.57 -10.31 -11.66
C VAL C 435 -17.41 -11.23 -10.79
N GLY C 436 -18.72 -11.05 -10.86
CA GLY C 436 -19.67 -11.84 -10.09
C GLY C 436 -19.34 -13.32 -9.89
N VAL C 437 -19.63 -13.76 -8.66
CA VAL C 437 -19.50 -15.15 -8.14
C VAL C 437 -18.70 -16.11 -9.03
N ASP C 438 -17.46 -16.40 -8.63
CA ASP C 438 -16.59 -17.16 -9.52
C ASP C 438 -16.57 -18.67 -9.33
N SER C 439 -15.80 -19.32 -10.20
CA SER C 439 -15.21 -20.63 -9.94
C SER C 439 -13.69 -20.41 -10.01
N ARG D 2 -27.76 33.95 -22.84
CA ARG D 2 -27.56 34.84 -24.03
C ARG D 2 -28.47 36.12 -24.02
N GLU D 3 -29.11 36.49 -25.15
CA GLU D 3 -29.87 37.77 -25.33
C GLU D 3 -30.48 37.85 -26.74
N ILE D 4 -31.78 38.16 -26.91
CA ILE D 4 -32.47 38.07 -28.26
C ILE D 4 -33.09 39.32 -28.91
N VAL D 5 -33.14 39.33 -30.25
CA VAL D 5 -33.78 40.42 -30.95
C VAL D 5 -34.75 39.92 -31.94
N HIS D 6 -35.66 40.82 -32.29
CA HIS D 6 -36.99 40.46 -32.72
C HIS D 6 -37.39 41.22 -33.96
N ILE D 7 -37.92 40.48 -34.91
CA ILE D 7 -38.29 41.03 -36.18
C ILE D 7 -39.77 40.90 -36.28
N GLN D 8 -40.44 41.96 -36.69
CA GLN D 8 -41.88 42.01 -36.64
C GLN D 8 -42.37 42.60 -37.93
N ALA D 9 -42.70 41.73 -38.87
CA ALA D 9 -42.89 42.15 -40.23
C ALA D 9 -44.18 41.62 -40.77
N GLY D 10 -44.90 42.46 -41.51
CA GLY D 10 -46.11 42.03 -42.18
C GLY D 10 -47.35 42.35 -41.35
N GLN D 11 -48.21 43.23 -41.87
CA GLN D 11 -49.40 43.81 -41.19
C GLN D 11 -49.95 43.00 -40.02
N CYS D 12 -50.15 41.70 -40.24
CA CYS D 12 -50.54 40.79 -39.17
C CYS D 12 -49.38 40.62 -38.17
N GLY D 13 -48.29 40.00 -38.63
CA GLY D 13 -47.09 39.87 -37.84
C GLY D 13 -46.87 41.10 -36.99
N ASN D 14 -47.22 42.27 -37.51
CA ASN D 14 -47.06 43.53 -36.80
C ASN D 14 -48.03 43.70 -35.64
N GLN D 15 -49.32 43.61 -35.92
CA GLN D 15 -50.28 43.72 -34.84
C GLN D 15 -49.99 42.66 -33.81
N ILE D 16 -49.67 41.45 -34.27
CA ILE D 16 -49.34 40.35 -33.36
C ILE D 16 -48.23 40.74 -32.40
N GLY D 17 -47.22 41.41 -32.95
CA GLY D 17 -46.03 41.73 -32.21
C GLY D 17 -46.31 42.91 -31.36
N ALA D 18 -47.05 43.87 -31.89
CA ALA D 18 -47.41 45.02 -31.09
C ALA D 18 -48.24 44.58 -29.89
N LYS D 19 -49.39 43.93 -30.15
CA LYS D 19 -50.22 43.40 -29.07
C LYS D 19 -49.37 42.46 -28.18
N PHE D 20 -48.39 41.77 -28.76
CA PHE D 20 -47.38 41.09 -27.93
C PHE D 20 -46.72 42.16 -27.07
N TRP D 21 -45.88 42.98 -27.70
CA TRP D 21 -45.02 43.91 -26.97
C TRP D 21 -45.71 44.58 -25.81
N GLU D 22 -46.92 45.08 -26.03
CA GLU D 22 -47.58 45.81 -24.96
C GLU D 22 -48.10 44.90 -23.86
N VAL D 23 -48.28 43.61 -24.14
CA VAL D 23 -48.67 42.70 -23.06
C VAL D 23 -47.47 42.35 -22.18
N ILE D 24 -46.34 42.02 -22.78
CA ILE D 24 -45.16 41.63 -22.04
C ILE D 24 -44.57 42.84 -21.37
N SER D 25 -44.65 43.99 -22.02
CA SER D 25 -44.06 45.16 -21.46
C SER D 25 -44.65 45.48 -20.13
N ASP D 26 -45.96 45.41 -20.01
CA ASP D 26 -46.58 45.75 -18.76
C ASP D 26 -46.60 44.53 -17.82
N GLU D 27 -45.90 43.47 -18.21
CA GLU D 27 -45.62 42.38 -17.29
C GLU D 27 -44.40 42.76 -16.49
N HIS D 28 -43.49 43.49 -17.14
CA HIS D 28 -42.24 43.94 -16.54
C HIS D 28 -42.33 45.38 -16.04
N GLY D 29 -43.47 46.03 -16.27
CA GLY D 29 -43.75 47.36 -15.73
C GLY D 29 -43.11 48.53 -16.47
N ILE D 30 -43.35 48.61 -17.78
CA ILE D 30 -42.80 49.66 -18.60
C ILE D 30 -43.89 50.59 -19.10
N ASP D 31 -43.61 51.87 -19.09
CA ASP D 31 -44.54 52.88 -19.51
C ASP D 31 -44.32 53.17 -20.96
N PRO D 32 -45.23 53.88 -21.63
CA PRO D 32 -45.09 54.16 -23.06
C PRO D 32 -43.65 54.49 -23.49
N THR D 33 -42.92 55.23 -22.66
CA THR D 33 -41.49 55.38 -22.82
C THR D 33 -40.90 54.90 -21.55
N GLY D 34 -41.32 55.56 -20.47
CA GLY D 34 -40.79 55.41 -19.14
C GLY D 34 -40.22 54.06 -18.77
N SER D 35 -39.76 54.00 -17.53
CA SER D 35 -39.06 52.84 -17.00
C SER D 35 -39.95 51.92 -16.18
N TYR D 36 -39.51 51.65 -14.97
CA TYR D 36 -40.17 50.72 -14.08
C TYR D 36 -41.21 51.44 -13.22
N HIS D 37 -42.31 50.75 -13.01
CA HIS D 37 -43.41 51.25 -12.19
C HIS D 37 -44.19 50.07 -11.59
N GLY D 38 -43.46 49.16 -10.95
CA GLY D 38 -44.06 48.03 -10.26
C GLY D 38 -43.13 47.64 -9.13
N ASP D 39 -43.34 48.22 -7.94
CA ASP D 39 -42.49 47.97 -6.74
C ASP D 39 -42.43 46.49 -6.32
N SER D 40 -42.56 45.59 -7.31
CA SER D 40 -42.21 44.17 -7.22
C SER D 40 -40.85 43.99 -7.93
N ASP D 41 -39.94 43.22 -7.32
CA ASP D 41 -38.53 43.24 -7.73
C ASP D 41 -38.16 42.44 -8.96
N LEU D 42 -38.56 41.16 -8.98
CA LEU D 42 -38.24 40.21 -10.04
C LEU D 42 -38.00 40.85 -11.41
N GLN D 43 -39.06 40.86 -12.21
CA GLN D 43 -39.18 41.53 -13.51
C GLN D 43 -37.90 41.88 -14.27
N LEU D 44 -37.09 42.74 -13.70
CA LEU D 44 -35.95 43.22 -14.44
C LEU D 44 -34.84 42.24 -14.65
N GLU D 45 -34.60 40.95 -13.73
CA GLU D 45 -33.34 40.32 -14.03
C GLU D 45 -33.13 40.19 -15.52
N ARG D 46 -34.12 39.64 -16.18
CA ARG D 46 -33.94 39.29 -17.57
C ARG D 46 -34.48 40.33 -18.54
N ILE D 47 -35.11 41.39 -18.04
CA ILE D 47 -35.61 42.44 -18.92
C ILE D 47 -34.59 42.63 -20.04
N ASN D 48 -33.29 42.47 -19.65
CA ASN D 48 -32.19 42.04 -20.50
C ASN D 48 -32.55 41.59 -21.89
N VAL D 49 -33.00 40.33 -21.97
CA VAL D 49 -33.18 39.58 -23.20
C VAL D 49 -34.12 40.21 -24.21
N TYR D 50 -34.96 41.15 -23.77
CA TYR D 50 -35.95 41.66 -24.69
C TYR D 50 -35.90 43.14 -24.89
N TYR D 51 -35.14 43.82 -24.03
CA TYR D 51 -34.94 45.29 -24.07
C TYR D 51 -33.48 45.83 -24.01
N ASN D 52 -32.94 46.30 -25.15
CA ASN D 52 -31.76 47.17 -25.15
C ASN D 52 -32.23 48.48 -24.54
N GLU D 53 -31.44 49.09 -23.65
CA GLU D 53 -31.87 50.30 -22.93
C GLU D 53 -31.00 51.56 -23.17
N ALA D 54 -31.59 52.57 -23.80
CA ALA D 54 -30.89 53.83 -24.15
C ALA D 54 -31.06 54.90 -23.09
N ALA D 55 -30.61 56.13 -23.39
CA ALA D 55 -30.34 57.24 -22.44
C ALA D 55 -31.33 57.50 -21.30
N GLY D 56 -30.82 57.97 -20.16
CA GLY D 56 -31.63 58.24 -18.98
C GLY D 56 -32.35 57.03 -18.42
N ASN D 57 -33.65 57.16 -18.15
CA ASN D 57 -34.47 56.02 -17.71
C ASN D 57 -34.72 55.10 -18.88
N LYS D 58 -35.81 55.37 -19.59
CA LYS D 58 -36.36 54.61 -20.74
C LYS D 58 -35.84 53.20 -20.99
N TYR D 59 -36.66 52.39 -21.67
CA TYR D 59 -36.34 50.97 -21.83
C TYR D 59 -36.25 50.32 -23.24
N VAL D 60 -36.91 50.90 -24.26
CA VAL D 60 -36.84 50.48 -25.69
C VAL D 60 -36.56 49.02 -26.04
N PRO D 61 -37.56 48.34 -26.64
CA PRO D 61 -37.40 46.94 -27.06
C PRO D 61 -36.46 46.79 -28.25
N ARG D 62 -35.72 45.69 -28.25
CA ARG D 62 -34.91 45.32 -29.39
C ARG D 62 -35.88 44.76 -30.41
N ALA D 63 -36.55 45.68 -31.11
CA ALA D 63 -37.55 45.27 -32.08
C ALA D 63 -37.45 46.03 -33.39
N ILE D 64 -37.65 45.30 -34.46
CA ILE D 64 -37.55 45.86 -35.76
C ILE D 64 -38.87 45.69 -36.54
N LEU D 65 -39.36 46.81 -37.09
CA LEU D 65 -40.67 46.89 -37.76
C LEU D 65 -40.56 47.00 -39.26
N VAL D 66 -41.22 46.09 -39.94
CA VAL D 66 -41.04 46.02 -41.37
C VAL D 66 -42.38 45.89 -42.04
N ASP D 67 -42.62 46.69 -43.08
CA ASP D 67 -43.79 46.52 -43.96
C ASP D 67 -43.52 47.13 -45.30
N LEU D 68 -44.34 46.78 -46.28
CA LEU D 68 -44.15 47.28 -47.63
C LEU D 68 -45.23 48.28 -48.05
N GLU D 69 -45.85 48.90 -47.05
CA GLU D 69 -46.83 49.99 -47.21
C GLU D 69 -46.87 50.68 -45.87
N PRO D 70 -46.89 52.02 -45.84
CA PRO D 70 -46.90 52.78 -44.58
C PRO D 70 -47.97 52.31 -43.59
N GLY D 71 -49.14 52.94 -43.61
CA GLY D 71 -50.31 52.51 -42.85
C GLY D 71 -50.10 51.74 -41.55
N THR D 72 -49.85 50.42 -41.68
CA THR D 72 -49.91 49.46 -40.57
C THR D 72 -48.89 49.64 -39.40
N MET D 73 -47.77 50.33 -39.66
CA MET D 73 -46.86 50.80 -38.60
C MET D 73 -47.40 52.02 -37.84
N ASP D 74 -47.90 53.01 -38.61
CA ASP D 74 -48.54 54.24 -38.10
C ASP D 74 -49.84 53.92 -37.35
N SER D 75 -50.16 52.63 -37.29
CA SER D 75 -51.25 52.11 -36.49
C SER D 75 -50.70 51.65 -35.15
N VAL D 76 -49.40 51.38 -35.11
CA VAL D 76 -48.75 51.15 -33.83
C VAL D 76 -48.25 52.50 -33.34
N ARG D 77 -47.60 53.26 -34.22
CA ARG D 77 -47.03 54.57 -33.86
C ARG D 77 -48.06 55.52 -33.19
N SER D 78 -49.18 55.73 -33.86
CA SER D 78 -50.34 56.33 -33.21
C SER D 78 -51.14 55.14 -32.68
N GLY D 79 -51.33 55.09 -31.37
CA GLY D 79 -52.07 53.99 -30.75
C GLY D 79 -51.45 53.48 -29.46
N PRO D 80 -51.36 52.15 -29.32
CA PRO D 80 -51.03 51.47 -28.04
C PRO D 80 -49.83 51.98 -27.23
N PHE D 81 -48.78 51.17 -27.22
CA PHE D 81 -47.49 51.60 -26.76
C PHE D 81 -46.76 52.03 -28.01
N GLY D 82 -47.18 53.18 -28.54
CA GLY D 82 -46.63 53.67 -29.78
C GLY D 82 -45.27 54.26 -29.55
N GLN D 83 -45.20 55.10 -28.52
CA GLN D 83 -44.04 55.90 -28.23
C GLN D 83 -42.86 55.05 -27.74
N ILE D 84 -42.99 53.73 -27.78
CA ILE D 84 -41.92 52.92 -27.25
C ILE D 84 -40.75 52.68 -28.21
N PHE D 85 -41.05 52.30 -29.46
CA PHE D 85 -40.03 51.81 -30.40
C PHE D 85 -39.19 52.93 -30.96
N ARG D 86 -37.89 52.69 -31.11
CA ARG D 86 -37.00 53.72 -31.63
C ARG D 86 -37.27 53.96 -33.12
N PRO D 87 -37.30 55.22 -33.53
CA PRO D 87 -37.76 55.62 -34.88
C PRO D 87 -36.99 55.06 -36.09
N ASP D 88 -35.65 55.07 -36.09
CA ASP D 88 -34.91 54.50 -37.22
C ASP D 88 -35.02 52.96 -37.22
N ASN D 89 -35.81 52.43 -36.31
CA ASN D 89 -36.10 51.00 -36.26
C ASN D 89 -37.33 50.62 -37.05
N PHE D 90 -38.13 51.62 -37.47
CA PHE D 90 -39.23 51.43 -38.42
C PHE D 90 -38.64 51.35 -39.86
N VAL D 91 -39.14 50.42 -40.67
CA VAL D 91 -38.70 50.34 -42.06
C VAL D 91 -39.93 50.27 -42.97
N PHE D 92 -40.56 51.42 -43.21
CA PHE D 92 -41.72 51.54 -44.14
C PHE D 92 -41.31 51.28 -45.60
N GLY D 93 -42.15 50.57 -46.33
CA GLY D 93 -41.80 50.14 -47.67
C GLY D 93 -42.18 51.10 -48.78
N GLN D 94 -43.09 52.03 -48.48
CA GLN D 94 -43.78 52.86 -49.49
C GLN D 94 -44.59 51.98 -50.46
N SER D 95 -43.98 51.68 -51.61
CA SER D 95 -44.25 50.51 -52.49
C SER D 95 -45.70 49.99 -52.72
N GLY D 96 -45.81 49.02 -53.64
CA GLY D 96 -46.96 48.14 -53.73
C GLY D 96 -46.96 47.21 -52.52
N ALA D 97 -48.16 46.93 -52.03
CA ALA D 97 -48.37 46.03 -50.90
C ALA D 97 -47.62 44.72 -51.13
N GLY D 98 -48.21 43.92 -52.01
CA GLY D 98 -47.89 42.52 -52.15
C GLY D 98 -49.22 41.82 -52.12
N ASN D 99 -49.37 40.92 -51.16
CA ASN D 99 -50.47 39.97 -51.13
C ASN D 99 -50.28 38.90 -52.19
N ASN D 100 -49.06 38.86 -52.74
CA ASN D 100 -48.50 37.65 -53.37
C ASN D 100 -47.03 37.43 -53.02
N TRP D 101 -46.79 36.43 -52.20
CA TRP D 101 -45.45 35.99 -51.86
C TRP D 101 -44.40 36.48 -52.82
N ALA D 102 -44.56 36.14 -54.08
CA ALA D 102 -43.70 36.62 -55.16
C ALA D 102 -43.28 38.07 -54.98
N LYS D 103 -44.26 38.96 -54.84
CA LYS D 103 -43.98 40.37 -54.59
C LYS D 103 -42.94 40.51 -53.45
N GLY D 104 -43.26 40.01 -52.24
CA GLY D 104 -42.43 40.20 -51.06
C GLY D 104 -41.15 39.37 -50.91
N HIS D 105 -40.96 38.37 -51.77
CA HIS D 105 -39.76 37.55 -51.75
C HIS D 105 -38.86 37.85 -52.95
N TYR D 106 -39.42 38.50 -53.97
CA TYR D 106 -38.63 38.83 -55.16
C TYR D 106 -38.58 40.31 -55.51
N THR D 107 -39.70 40.88 -55.95
CA THR D 107 -39.73 42.26 -56.47
C THR D 107 -39.60 43.35 -55.40
N GLU D 108 -40.74 43.80 -54.87
CA GLU D 108 -40.73 44.80 -53.81
C GLU D 108 -40.09 44.24 -52.53
N GLY D 109 -39.89 42.92 -52.49
CA GLY D 109 -39.17 42.26 -51.41
C GLY D 109 -37.70 42.67 -51.33
N ALA D 110 -36.90 42.19 -52.26
CA ALA D 110 -35.48 42.55 -52.32
C ALA D 110 -35.25 44.06 -52.29
N GLU D 111 -36.19 44.81 -52.84
CA GLU D 111 -36.23 46.27 -52.78
C GLU D 111 -35.85 46.82 -51.39
N LEU D 112 -36.33 46.16 -50.34
CA LEU D 112 -36.14 46.61 -48.95
C LEU D 112 -35.03 45.82 -48.24
N VAL D 113 -35.18 44.49 -48.18
CA VAL D 113 -34.18 43.57 -47.62
C VAL D 113 -33.10 44.31 -46.89
N ASP D 114 -32.11 44.79 -47.66
CA ASP D 114 -30.92 45.46 -47.14
C ASP D 114 -31.17 46.55 -46.09
N SER D 115 -32.19 47.36 -46.32
CA SER D 115 -32.54 48.47 -45.44
C SER D 115 -32.87 47.93 -44.07
N VAL D 116 -33.67 46.86 -44.10
CA VAL D 116 -33.99 46.10 -42.91
C VAL D 116 -32.76 45.27 -42.48
N LEU D 117 -32.28 44.41 -43.38
CA LEU D 117 -31.21 43.47 -43.08
C LEU D 117 -30.09 44.17 -42.33
N ASP D 118 -29.97 45.46 -42.60
CA ASP D 118 -28.91 46.29 -42.05
C ASP D 118 -29.25 46.85 -40.65
N VAL D 119 -30.45 47.39 -40.46
CA VAL D 119 -30.85 47.79 -39.11
C VAL D 119 -30.81 46.56 -38.15
N VAL D 120 -31.16 45.37 -38.64
CA VAL D 120 -31.05 44.14 -37.82
C VAL D 120 -29.61 43.85 -37.35
N ARG D 121 -28.67 44.06 -38.26
CA ARG D 121 -27.25 43.92 -38.00
C ARG D 121 -26.84 44.89 -36.88
N LYS D 122 -27.21 46.17 -36.99
CA LYS D 122 -26.81 47.20 -36.02
C LYS D 122 -27.41 46.99 -34.64
N GLU D 123 -28.39 46.10 -34.52
CA GLU D 123 -29.05 45.83 -33.23
C GLU D 123 -28.51 44.58 -32.58
N SER D 124 -28.06 43.66 -33.42
CA SER D 124 -27.56 42.35 -33.00
C SER D 124 -26.07 42.43 -32.75
N GLU D 125 -25.42 43.28 -33.55
CA GLU D 125 -24.05 43.63 -33.30
C GLU D 125 -23.93 44.50 -32.03
N SER D 126 -25.00 45.23 -31.68
CA SER D 126 -25.03 46.05 -30.45
C SER D 126 -25.16 45.17 -29.20
N CYS D 127 -26.17 44.29 -29.21
CA CYS D 127 -26.43 43.28 -28.17
C CYS D 127 -25.18 42.45 -27.73
N ASP D 128 -25.11 42.04 -26.45
CA ASP D 128 -23.84 41.53 -25.82
C ASP D 128 -23.27 40.16 -26.26
N CYS D 129 -24.01 39.08 -25.99
CA CYS D 129 -23.84 37.81 -26.69
C CYS D 129 -25.22 37.46 -27.20
N LEU D 130 -25.35 37.36 -28.52
CA LEU D 130 -26.63 37.16 -29.20
C LEU D 130 -27.25 35.78 -28.96
N GLN D 131 -28.56 35.67 -28.95
CA GLN D 131 -29.17 34.36 -28.85
C GLN D 131 -29.50 33.92 -30.24
N GLY D 132 -30.42 34.68 -30.86
CA GLY D 132 -31.02 34.43 -32.16
C GLY D 132 -32.13 35.44 -32.45
N PHE D 133 -33.07 35.10 -33.34
CA PHE D 133 -34.14 36.05 -33.60
C PHE D 133 -35.49 35.39 -33.57
N GLN D 134 -36.46 36.11 -33.06
CA GLN D 134 -37.84 35.72 -33.25
C GLN D 134 -38.54 36.71 -34.16
N LEU D 135 -39.14 36.16 -35.21
CA LEU D 135 -39.87 36.95 -36.19
C LEU D 135 -41.32 36.56 -36.16
N THR D 136 -42.17 37.57 -36.21
CA THR D 136 -43.61 37.40 -36.21
C THR D 136 -44.12 37.94 -37.51
N HIS D 137 -44.96 37.13 -38.16
CA HIS D 137 -45.37 37.36 -39.54
C HIS D 137 -46.61 36.52 -39.90
N SER D 138 -47.19 36.80 -41.07
CA SER D 138 -48.35 36.07 -41.60
C SER D 138 -48.01 35.12 -42.76
N LEU D 139 -48.31 33.84 -42.59
CA LEU D 139 -47.84 32.82 -43.53
C LEU D 139 -48.61 32.80 -44.83
N GLY D 140 -49.77 33.45 -44.86
CA GLY D 140 -50.59 33.61 -46.07
C GLY D 140 -50.74 35.07 -46.43
N GLY D 141 -50.76 35.40 -47.73
CA GLY D 141 -50.62 36.79 -48.15
C GLY D 141 -49.17 37.30 -48.06
N GLY D 142 -48.75 38.15 -49.01
CA GLY D 142 -47.35 38.55 -49.25
C GLY D 142 -46.38 39.07 -48.21
N THR D 143 -46.43 40.38 -47.95
CA THR D 143 -45.42 41.11 -47.14
C THR D 143 -45.09 40.52 -45.74
N GLY D 144 -44.26 39.52 -45.68
CA GLY D 144 -44.05 38.91 -44.39
C GLY D 144 -44.37 37.45 -44.46
N SER D 145 -45.13 37.07 -45.46
CA SER D 145 -45.11 35.69 -45.86
C SER D 145 -43.93 35.53 -46.81
N GLY D 146 -43.75 36.49 -47.72
CA GLY D 146 -42.70 36.43 -48.71
C GLY D 146 -41.46 37.19 -48.27
N MET D 147 -41.67 38.37 -47.70
CA MET D 147 -40.59 39.17 -47.15
C MET D 147 -39.91 38.39 -46.04
N GLY D 148 -40.66 38.07 -44.98
CA GLY D 148 -40.11 37.41 -43.81
C GLY D 148 -39.35 36.13 -44.11
N THR D 149 -39.89 35.34 -45.02
CA THR D 149 -39.25 34.10 -45.46
C THR D 149 -37.94 34.38 -46.17
N LEU D 150 -37.85 35.52 -46.86
CA LEU D 150 -36.58 35.98 -47.42
C LEU D 150 -35.71 36.46 -46.30
N LEU D 151 -36.27 37.36 -45.51
CA LEU D 151 -35.55 37.90 -44.40
C LEU D 151 -34.74 36.79 -43.77
N ILE D 152 -35.42 35.73 -43.32
CA ILE D 152 -34.70 34.66 -42.64
C ILE D 152 -33.61 34.06 -43.52
N SER D 153 -33.97 33.72 -44.75
CA SER D 153 -33.04 33.14 -45.71
C SER D 153 -31.90 34.10 -46.04
N LYS D 154 -31.87 35.21 -45.32
CA LYS D 154 -30.78 36.18 -45.44
C LYS D 154 -30.20 36.47 -44.07
N ILE D 155 -30.97 36.20 -43.02
CA ILE D 155 -30.48 36.27 -41.65
C ILE D 155 -29.56 35.09 -41.46
N ARG D 156 -30.17 33.93 -41.33
CA ARG D 156 -29.48 32.68 -41.55
C ARG D 156 -28.68 32.87 -42.81
N GLU D 157 -27.35 32.93 -42.65
CA GLU D 157 -26.44 33.23 -43.75
C GLU D 157 -25.52 34.29 -43.23
N GLU D 158 -26.09 35.24 -42.49
CA GLU D 158 -25.28 36.26 -41.83
C GLU D 158 -25.14 35.84 -40.38
N TYR D 159 -26.04 34.97 -39.99
CA TYR D 159 -26.04 34.50 -38.64
C TYR D 159 -26.40 33.03 -38.71
N PRO D 160 -25.46 32.20 -39.09
CA PRO D 160 -25.64 30.75 -39.11
C PRO D 160 -25.35 30.10 -37.77
N ASP D 161 -24.61 30.78 -36.90
CA ASP D 161 -24.41 30.25 -35.56
C ASP D 161 -25.73 30.38 -34.82
N ARG D 162 -26.21 31.62 -34.71
CA ARG D 162 -27.35 31.97 -33.87
C ARG D 162 -28.69 31.47 -34.38
N ILE D 163 -29.66 31.25 -33.49
CA ILE D 163 -30.81 30.46 -33.90
C ILE D 163 -32.09 31.19 -34.17
N MET D 164 -32.99 30.45 -34.78
CA MET D 164 -34.06 30.98 -35.62
C MET D 164 -35.50 30.61 -35.24
N ASN D 165 -36.28 31.63 -34.91
CA ASN D 165 -37.60 31.47 -34.30
C ASN D 165 -38.68 32.27 -35.00
N THR D 166 -39.88 31.70 -35.09
CA THR D 166 -40.99 32.41 -35.71
C THR D 166 -42.31 32.03 -35.08
N PHE D 167 -43.20 33.00 -35.11
CA PHE D 167 -44.60 32.78 -34.84
C PHE D 167 -45.24 33.01 -36.18
N SER D 168 -45.74 31.93 -36.78
CA SER D 168 -46.41 32.01 -38.07
C SER D 168 -47.92 31.76 -37.97
N VAL D 169 -48.67 32.68 -38.57
CA VAL D 169 -50.11 32.58 -38.58
C VAL D 169 -50.57 32.00 -39.90
N VAL D 170 -50.84 30.71 -39.84
CA VAL D 170 -51.26 29.92 -40.98
C VAL D 170 -52.75 30.16 -41.22
N PRO D 171 -53.14 30.62 -42.41
CA PRO D 171 -54.50 31.11 -42.64
C PRO D 171 -55.52 30.03 -42.99
N SER D 172 -56.77 30.44 -42.86
CA SER D 172 -57.95 29.58 -42.91
C SER D 172 -58.70 29.78 -44.24
N PRO D 173 -59.87 29.14 -44.41
CA PRO D 173 -60.86 29.64 -45.37
C PRO D 173 -61.89 30.54 -44.67
N LYS D 174 -61.88 30.52 -43.33
CA LYS D 174 -62.85 31.23 -42.49
C LYS D 174 -62.15 32.40 -41.81
N VAL D 175 -62.64 33.63 -42.04
CA VAL D 175 -61.88 34.87 -41.75
C VAL D 175 -60.39 34.83 -42.20
N SER D 176 -60.28 34.47 -43.47
CA SER D 176 -59.18 34.79 -44.34
C SER D 176 -59.76 35.76 -45.37
N ASP D 177 -58.88 36.31 -46.19
CA ASP D 177 -59.17 37.48 -47.02
C ASP D 177 -59.23 37.19 -48.51
N THR D 178 -58.36 36.27 -48.93
CA THR D 178 -58.02 36.04 -50.32
C THR D 178 -58.17 34.55 -50.66
N VAL D 179 -58.50 34.24 -51.90
CA VAL D 179 -58.33 32.84 -52.25
C VAL D 179 -57.00 32.48 -52.88
N VAL D 180 -55.96 33.27 -52.59
CA VAL D 180 -54.58 32.87 -52.90
C VAL D 180 -53.88 32.20 -51.71
N GLU D 181 -54.41 32.40 -50.48
CA GLU D 181 -53.73 31.97 -49.22
C GLU D 181 -52.86 30.70 -49.32
N PRO D 182 -53.44 29.52 -49.63
CA PRO D 182 -52.65 28.32 -49.87
C PRO D 182 -51.34 28.61 -50.58
N TYR D 183 -51.39 29.18 -51.78
CA TYR D 183 -50.19 29.50 -52.54
C TYR D 183 -49.17 30.12 -51.60
N ASN D 184 -49.56 31.18 -50.90
CA ASN D 184 -48.63 31.89 -50.03
C ASN D 184 -48.09 31.01 -48.90
N ALA D 185 -49.01 30.40 -48.14
CA ALA D 185 -48.63 29.49 -47.05
C ALA D 185 -47.68 28.42 -47.56
N THR D 186 -48.13 27.62 -48.51
CA THR D 186 -47.32 26.55 -49.09
C THR D 186 -45.96 26.98 -49.68
N LEU D 187 -45.77 28.29 -49.90
CA LEU D 187 -44.53 28.80 -50.48
C LEU D 187 -43.58 29.19 -49.38
N SER D 188 -44.17 29.77 -48.34
CA SER D 188 -43.49 30.09 -47.12
C SER D 188 -43.18 28.83 -46.36
N VAL D 189 -44.19 28.00 -46.20
CA VAL D 189 -44.10 26.79 -45.42
C VAL D 189 -42.96 25.90 -45.91
N HIS D 190 -42.65 26.02 -47.20
CA HIS D 190 -41.49 25.36 -47.79
C HIS D 190 -40.23 26.00 -47.24
N GLN D 191 -40.11 27.30 -47.45
CA GLN D 191 -39.02 28.07 -46.86
C GLN D 191 -38.85 27.80 -45.36
N LEU D 192 -39.93 28.00 -44.61
CA LEU D 192 -39.97 27.73 -43.19
C LEU D 192 -39.18 26.47 -42.85
N VAL D 193 -39.66 25.32 -43.34
CA VAL D 193 -39.12 23.99 -42.98
C VAL D 193 -37.61 23.91 -43.07
N GLU D 194 -37.00 24.83 -43.82
CA GLU D 194 -35.62 24.67 -44.21
C GLU D 194 -34.67 25.55 -43.47
N ASN D 195 -35.17 26.63 -42.87
CA ASN D 195 -34.32 27.58 -42.14
C ASN D 195 -34.88 28.18 -40.85
N THR D 196 -35.73 27.45 -40.16
CA THR D 196 -36.04 27.81 -38.78
C THR D 196 -35.67 26.59 -38.00
N ASP D 197 -35.14 26.84 -36.82
CA ASP D 197 -34.70 25.77 -35.97
C ASP D 197 -35.93 25.33 -35.15
N GLU D 198 -36.95 26.19 -35.13
CA GLU D 198 -38.23 25.99 -34.44
C GLU D 198 -39.27 27.01 -34.91
N THR D 199 -40.47 26.56 -35.19
CA THR D 199 -41.54 27.52 -35.43
C THR D 199 -42.80 27.18 -34.67
N TYR D 200 -43.51 28.21 -34.20
CA TYR D 200 -44.82 28.02 -33.59
C TYR D 200 -45.89 28.23 -34.63
N CYS D 201 -46.83 27.30 -34.77
CA CYS D 201 -47.97 27.55 -35.63
C CYS D 201 -49.18 27.96 -34.85
N ILE D 202 -49.57 29.18 -35.13
CA ILE D 202 -50.86 29.66 -34.71
C ILE D 202 -51.72 29.61 -35.99
N ASP D 203 -52.66 28.66 -36.03
CA ASP D 203 -53.57 28.53 -37.16
C ASP D 203 -54.81 29.30 -36.77
N ASN D 204 -55.21 30.19 -37.66
CA ASN D 204 -56.31 31.09 -37.41
C ASN D 204 -57.58 30.34 -37.19
N GLU D 205 -57.64 29.14 -37.76
CA GLU D 205 -58.77 28.24 -37.64
C GLU D 205 -59.13 27.89 -36.19
N ALA D 206 -58.12 27.54 -35.39
CA ALA D 206 -58.32 27.27 -33.97
C ALA D 206 -58.65 28.61 -33.33
N LEU D 207 -57.85 29.59 -33.74
CA LEU D 207 -58.00 30.95 -33.29
C LEU D 207 -59.41 31.48 -33.45
N TYR D 208 -60.09 31.12 -34.54
CA TYR D 208 -61.53 31.47 -34.72
C TYR D 208 -62.41 30.54 -33.92
N ASP D 209 -62.08 29.24 -34.01
CA ASP D 209 -62.86 28.18 -33.42
C ASP D 209 -63.00 28.36 -31.90
N ILE D 210 -61.89 28.72 -31.24
CA ILE D 210 -61.92 29.04 -29.83
C ILE D 210 -62.79 30.28 -29.50
N CYS D 211 -62.90 31.21 -30.45
CA CYS D 211 -63.42 32.56 -30.21
C CYS D 211 -64.92 32.59 -30.17
N PHE D 212 -65.49 31.64 -30.90
CA PHE D 212 -66.91 31.59 -31.16
C PHE D 212 -67.44 30.24 -30.68
N ARG D 213 -66.81 29.15 -31.13
CA ARG D 213 -67.22 27.79 -30.76
C ARG D 213 -67.06 27.51 -29.25
N THR D 214 -66.17 28.26 -28.59
CA THR D 214 -65.99 28.21 -27.12
C THR D 214 -65.52 29.55 -26.51
N LEU D 215 -66.33 30.60 -26.63
CA LEU D 215 -66.01 31.89 -25.99
C LEU D 215 -67.08 32.92 -26.32
N LYS D 216 -68.30 32.43 -26.57
CA LYS D 216 -69.51 33.24 -26.75
C LYS D 216 -69.52 34.30 -27.89
N LEU D 217 -68.34 34.74 -28.32
CA LEU D 217 -68.15 35.90 -29.24
C LEU D 217 -68.65 35.71 -30.69
N THR D 218 -69.72 36.43 -31.08
CA THR D 218 -70.41 36.22 -32.37
C THR D 218 -69.69 36.70 -33.66
N THR D 219 -69.24 37.96 -33.71
CA THR D 219 -68.40 38.46 -34.82
C THR D 219 -66.95 38.66 -34.38
N PRO D 220 -66.06 37.68 -34.61
CA PRO D 220 -64.67 37.75 -34.13
C PRO D 220 -63.88 38.87 -34.80
N THR D 221 -63.52 39.88 -33.98
CA THR D 221 -62.70 41.01 -34.38
C THR D 221 -61.43 40.45 -35.00
N TYR D 222 -60.61 41.30 -35.58
CA TYR D 222 -59.23 40.88 -35.75
C TYR D 222 -58.53 41.02 -34.38
N GLY D 223 -59.04 41.93 -33.55
CA GLY D 223 -58.55 42.14 -32.20
C GLY D 223 -59.01 41.07 -31.21
N ASP D 224 -60.27 41.15 -30.76
CA ASP D 224 -60.88 40.06 -30.01
C ASP D 224 -60.67 38.84 -30.91
N LEU D 225 -59.45 38.29 -30.83
CA LEU D 225 -58.93 37.20 -31.66
C LEU D 225 -57.43 37.26 -31.50
N ASN D 226 -56.86 38.41 -31.84
CA ASN D 226 -55.43 38.64 -31.66
C ASN D 226 -55.04 38.49 -30.19
N HIS D 227 -55.76 39.15 -29.29
CA HIS D 227 -55.41 39.14 -27.86
C HIS D 227 -55.10 37.69 -27.40
N LEU D 228 -55.71 36.73 -28.10
CA LEU D 228 -55.41 35.31 -27.95
C LEU D 228 -53.94 35.01 -28.16
N VAL D 229 -53.51 35.15 -29.41
CA VAL D 229 -52.13 34.92 -29.81
C VAL D 229 -51.14 35.71 -28.99
N SER D 230 -51.48 36.96 -28.76
CA SER D 230 -50.70 37.76 -27.86
C SER D 230 -50.52 36.94 -26.57
N ALA D 231 -51.60 36.75 -25.81
CA ALA D 231 -51.49 36.07 -24.51
C ALA D 231 -50.72 34.74 -24.58
N THR D 232 -50.91 33.99 -25.66
CA THR D 232 -50.15 32.76 -25.88
C THR D 232 -48.69 33.08 -25.90
N MET D 233 -48.29 34.00 -26.78
CA MET D 233 -46.90 34.41 -26.91
C MET D 233 -46.22 34.86 -25.61
N SER D 234 -46.95 35.54 -24.74
CA SER D 234 -46.41 35.85 -23.43
C SER D 234 -45.98 34.53 -22.79
N GLY D 235 -46.98 33.71 -22.47
CA GLY D 235 -46.78 32.43 -21.83
C GLY D 235 -45.89 31.45 -22.57
N VAL D 236 -45.40 31.75 -23.76
CA VAL D 236 -44.53 30.81 -24.47
C VAL D 236 -43.09 31.23 -24.28
N THR D 237 -42.91 32.52 -24.08
CA THR D 237 -41.60 33.12 -23.90
C THR D 237 -41.25 33.22 -22.44
N THR D 238 -42.26 33.37 -21.60
CA THR D 238 -42.08 33.37 -20.16
C THR D 238 -40.65 33.03 -19.75
N CYS D 239 -40.34 31.74 -19.76
CA CYS D 239 -39.07 31.26 -19.21
C CYS D 239 -37.82 31.95 -19.67
N LEU D 240 -37.75 32.33 -20.93
CA LEU D 240 -36.57 33.07 -21.36
C LEU D 240 -36.60 34.52 -20.94
N ARG D 241 -37.77 34.99 -20.48
CA ARG D 241 -37.93 36.35 -19.96
C ARG D 241 -37.67 36.51 -18.45
N PHE D 242 -37.83 35.43 -17.70
CA PHE D 242 -38.11 35.57 -16.26
C PHE D 242 -37.06 35.06 -15.23
N PRO D 243 -37.43 34.11 -14.35
CA PRO D 243 -36.82 34.03 -13.02
C PRO D 243 -35.44 33.35 -13.02
N GLY D 244 -35.23 32.43 -12.06
CA GLY D 244 -33.99 31.67 -11.91
C GLY D 244 -34.09 30.29 -12.56
N GLN D 245 -35.21 29.58 -12.30
CA GLN D 245 -35.50 28.24 -12.86
C GLN D 245 -35.43 28.14 -14.39
N LEU D 246 -34.37 27.44 -14.83
CA LEU D 246 -33.98 27.21 -16.24
C LEU D 246 -33.44 28.45 -17.04
N ASN D 247 -34.38 29.28 -17.54
CA ASN D 247 -34.12 30.53 -18.29
C ASN D 247 -34.06 30.31 -19.80
N ALA D 248 -33.83 29.08 -20.21
CA ALA D 248 -34.15 28.64 -21.58
C ALA D 248 -33.42 29.34 -22.78
N ASP D 249 -32.22 28.87 -23.14
CA ASP D 249 -31.49 29.52 -24.26
C ASP D 249 -32.10 29.29 -25.65
N LEU D 250 -33.41 29.09 -25.77
CA LEU D 250 -33.99 29.01 -27.12
C LEU D 250 -33.34 27.87 -27.86
N ARG D 251 -32.01 27.86 -27.84
CA ARG D 251 -31.17 26.73 -28.14
C ARG D 251 -31.62 25.59 -27.28
N LYS D 252 -31.61 25.87 -25.97
CA LYS D 252 -32.01 24.89 -24.98
C LYS D 252 -33.39 24.42 -25.36
N LEU D 253 -34.23 25.37 -25.79
CA LEU D 253 -35.56 25.04 -26.25
C LEU D 253 -35.58 24.52 -27.66
N ALA D 254 -34.48 24.07 -28.19
CA ALA D 254 -34.61 23.48 -29.50
C ALA D 254 -34.25 22.05 -29.32
N VAL D 255 -33.00 21.84 -28.92
CA VAL D 255 -32.46 20.52 -28.73
C VAL D 255 -33.08 19.92 -27.47
N ASN D 256 -34.35 20.19 -27.32
CA ASN D 256 -35.06 19.60 -26.24
C ASN D 256 -36.46 19.36 -26.72
N MET D 257 -36.81 20.12 -27.76
CA MET D 257 -38.13 20.08 -28.33
C MET D 257 -38.15 19.33 -29.65
N VAL D 258 -37.06 19.37 -30.41
CA VAL D 258 -37.08 18.73 -31.72
C VAL D 258 -36.13 17.57 -31.83
N PRO D 259 -36.67 16.40 -32.13
CA PRO D 259 -35.87 15.20 -32.35
C PRO D 259 -35.33 15.24 -33.75
N PHE D 260 -35.96 16.00 -34.62
CA PHE D 260 -35.55 15.87 -36.00
C PHE D 260 -35.33 17.14 -36.77
N PRO D 261 -34.30 17.14 -37.63
CA PRO D 261 -33.79 18.37 -38.24
C PRO D 261 -34.97 19.18 -38.75
N ARG D 262 -35.92 18.49 -39.39
CA ARG D 262 -37.11 19.06 -40.06
C ARG D 262 -38.02 19.84 -39.08
N LEU D 263 -37.33 20.69 -38.30
CA LEU D 263 -37.79 21.81 -37.41
C LEU D 263 -39.15 21.72 -36.75
N HIS D 264 -39.94 20.75 -37.18
CA HIS D 264 -41.12 20.34 -36.47
C HIS D 264 -41.67 21.50 -35.62
N PHE D 265 -42.88 21.86 -35.96
CA PHE D 265 -43.44 23.07 -35.47
C PHE D 265 -44.37 22.68 -34.36
N PHE D 266 -44.33 23.52 -33.33
CA PHE D 266 -45.08 23.27 -32.12
C PHE D 266 -46.44 23.87 -32.25
N MET D 267 -47.44 23.10 -31.90
CA MET D 267 -48.67 23.76 -31.62
C MET D 267 -48.60 24.16 -30.17
N PRO D 268 -48.90 25.43 -29.89
CA PRO D 268 -49.06 25.90 -28.52
C PRO D 268 -50.49 25.60 -28.03
N GLY D 269 -50.79 26.02 -26.82
CA GLY D 269 -52.11 25.86 -26.25
C GLY D 269 -52.05 26.72 -25.02
N PHE D 270 -53.17 27.34 -24.68
CA PHE D 270 -53.19 28.20 -23.50
C PHE D 270 -54.05 27.65 -22.39
N ALA D 271 -54.06 28.34 -21.25
CA ALA D 271 -54.85 27.94 -20.09
C ALA D 271 -56.29 28.50 -20.07
N PRO D 272 -56.54 29.54 -19.25
CA PRO D 272 -57.84 30.20 -19.25
C PRO D 272 -57.86 31.40 -20.24
N LEU D 273 -59.02 31.70 -20.84
CA LEU D 273 -59.05 32.59 -22.02
C LEU D 273 -60.15 33.67 -22.01
N THR D 274 -59.97 34.73 -22.83
CA THR D 274 -61.03 35.58 -23.50
C THR D 274 -61.40 37.06 -23.10
N SER D 275 -61.39 37.95 -24.11
CA SER D 275 -61.82 39.38 -24.04
C SER D 275 -61.87 40.12 -22.67
N ARG D 276 -63.00 40.07 -21.95
CA ARG D 276 -63.11 40.75 -20.65
C ARG D 276 -64.31 40.40 -19.74
N GLY D 277 -65.46 40.11 -20.34
CA GLY D 277 -66.75 40.07 -19.64
C GLY D 277 -67.06 38.91 -18.69
N SER D 278 -66.01 38.20 -18.22
CA SER D 278 -66.07 37.14 -17.18
C SER D 278 -65.04 35.98 -17.34
N GLN D 279 -65.25 34.90 -16.58
CA GLN D 279 -64.26 33.82 -16.28
C GLN D 279 -62.89 34.26 -15.67
N GLN D 280 -63.00 35.33 -14.87
CA GLN D 280 -62.10 35.64 -13.77
C GLN D 280 -62.84 35.15 -12.48
N TYR D 281 -63.06 33.83 -12.50
CA TYR D 281 -63.53 33.03 -11.39
C TYR D 281 -62.36 32.82 -10.48
N ARG D 282 -61.17 32.84 -11.11
CA ARG D 282 -59.88 32.52 -10.48
C ARG D 282 -59.75 31.00 -10.26
N ALA D 283 -60.74 30.44 -9.51
CA ALA D 283 -60.91 29.00 -9.19
C ALA D 283 -60.75 28.09 -10.42
N LEU D 284 -59.48 28.02 -10.88
CA LEU D 284 -58.97 27.29 -12.04
C LEU D 284 -58.02 26.23 -11.48
N THR D 285 -58.61 25.33 -10.70
CA THR D 285 -57.98 24.57 -9.61
C THR D 285 -56.52 24.09 -9.81
N VAL D 286 -56.20 23.66 -11.05
CA VAL D 286 -54.87 23.16 -11.49
C VAL D 286 -54.94 21.77 -12.14
N PRO D 287 -55.71 20.82 -11.56
CA PRO D 287 -56.38 19.79 -12.38
C PRO D 287 -57.12 20.53 -13.47
N GLU D 288 -58.07 21.39 -13.05
CA GLU D 288 -58.87 22.22 -13.95
C GLU D 288 -58.05 23.04 -14.97
N LEU D 289 -56.84 23.42 -14.57
CA LEU D 289 -55.93 24.09 -15.48
C LEU D 289 -55.40 23.11 -16.51
N THR D 290 -54.65 22.11 -16.07
CA THR D 290 -54.13 21.09 -16.97
C THR D 290 -55.20 20.54 -17.92
N GLN D 291 -56.27 19.98 -17.37
CA GLN D 291 -57.35 19.41 -18.18
C GLN D 291 -57.68 20.31 -19.37
N GLN D 292 -57.93 21.59 -19.09
CA GLN D 292 -58.29 22.59 -20.12
C GLN D 292 -57.12 22.91 -21.06
N MET D 293 -55.90 22.56 -20.65
CA MET D 293 -54.70 22.91 -21.38
C MET D 293 -54.30 21.89 -22.42
N PHE D 294 -54.52 20.62 -22.09
CA PHE D 294 -54.23 19.49 -22.98
C PHE D 294 -55.41 19.06 -23.84
N ASP D 295 -56.27 20.02 -24.16
CA ASP D 295 -57.54 19.79 -24.81
C ASP D 295 -57.50 20.11 -26.28
N ALA D 296 -58.15 19.27 -27.05
CA ALA D 296 -58.38 19.49 -28.46
C ALA D 296 -58.95 20.89 -28.67
N LYS D 297 -60.16 21.13 -28.14
CA LYS D 297 -60.89 22.39 -28.27
C LYS D 297 -60.18 23.58 -27.60
N ASN D 298 -58.89 23.40 -27.26
CA ASN D 298 -58.06 24.41 -26.59
C ASN D 298 -56.60 24.62 -27.10
N MET D 299 -56.29 24.00 -28.24
CA MET D 299 -54.98 24.11 -28.88
C MET D 299 -54.94 25.35 -29.75
N MET D 300 -53.71 25.79 -30.06
CA MET D 300 -53.50 26.99 -30.89
C MET D 300 -53.45 26.73 -32.40
N ALA D 301 -53.38 25.46 -32.78
CA ALA D 301 -53.49 25.07 -34.18
C ALA D 301 -54.68 24.16 -34.31
N ALA D 302 -55.42 24.36 -35.40
CA ALA D 302 -56.52 23.47 -35.81
C ALA D 302 -55.96 22.07 -35.95
N CYS D 303 -56.25 21.27 -34.92
CA CYS D 303 -55.57 20.03 -34.61
C CYS D 303 -56.09 19.58 -33.26
N ASP D 304 -56.40 18.29 -33.17
CA ASP D 304 -56.77 17.69 -31.90
C ASP D 304 -55.82 16.56 -31.71
N PRO D 305 -54.72 16.81 -30.96
CA PRO D 305 -53.88 15.71 -30.44
C PRO D 305 -54.87 14.62 -30.09
N ARG D 306 -54.47 13.37 -30.27
CA ARG D 306 -55.41 12.25 -30.41
C ARG D 306 -54.99 11.60 -31.72
N HIS D 307 -55.30 12.31 -32.80
CA HIS D 307 -54.95 11.91 -34.15
C HIS D 307 -53.46 12.12 -34.43
N GLY D 308 -52.71 12.30 -33.34
CA GLY D 308 -51.28 12.45 -33.42
C GLY D 308 -50.73 12.35 -32.03
N ARG D 309 -49.71 11.50 -31.90
CA ARG D 309 -48.97 11.28 -30.67
C ARG D 309 -48.12 12.49 -30.39
N TYR D 310 -47.65 12.61 -29.17
CA TYR D 310 -46.77 13.72 -28.83
C TYR D 310 -45.33 13.26 -28.85
N LEU D 311 -44.49 14.06 -29.50
CA LEU D 311 -43.05 13.85 -29.53
C LEU D 311 -42.46 14.31 -28.21
N THR D 312 -42.53 15.61 -27.99
CA THR D 312 -41.96 16.20 -26.80
C THR D 312 -42.84 17.36 -26.49
N VAL D 313 -43.00 17.62 -25.21
CA VAL D 313 -43.89 18.67 -24.75
C VAL D 313 -43.36 19.41 -23.54
N ALA D 314 -43.57 20.72 -23.56
CA ALA D 314 -43.14 21.59 -22.50
C ALA D 314 -44.30 22.46 -22.06
N ALA D 315 -44.56 22.49 -20.77
CA ALA D 315 -45.67 23.26 -20.26
C ALA D 315 -45.24 24.10 -19.08
N VAL D 316 -45.56 25.38 -19.09
CA VAL D 316 -45.26 26.22 -17.93
C VAL D 316 -46.47 26.83 -17.29
N PHE D 317 -46.42 26.84 -15.97
CA PHE D 317 -47.50 27.34 -15.14
C PHE D 317 -47.10 28.70 -14.62
N ARG D 318 -48.12 29.48 -14.28
CA ARG D 318 -47.91 30.85 -13.87
C ARG D 318 -48.84 31.24 -12.76
N GLY D 319 -48.27 31.62 -11.62
CA GLY D 319 -49.03 32.12 -10.48
C GLY D 319 -48.61 31.72 -9.08
N ARG D 320 -49.59 31.70 -8.17
CA ARG D 320 -49.36 31.31 -6.79
C ARG D 320 -49.96 29.92 -6.52
N MET D 321 -49.23 28.88 -6.88
CA MET D 321 -49.69 27.54 -6.57
C MET D 321 -48.58 26.65 -6.04
N SER D 322 -48.70 25.34 -6.29
CA SER D 322 -47.69 24.40 -5.85
C SER D 322 -47.37 23.28 -6.85
N MET D 323 -46.10 23.27 -7.26
CA MET D 323 -45.47 22.13 -7.91
C MET D 323 -45.80 20.83 -7.11
N LYS D 324 -46.26 21.03 -5.89
CA LYS D 324 -46.78 19.96 -5.05
C LYS D 324 -47.94 19.28 -5.71
N GLU D 325 -48.82 20.08 -6.30
CA GLU D 325 -49.98 19.55 -6.99
C GLU D 325 -49.68 19.37 -8.47
N VAL D 326 -48.86 20.26 -9.01
CA VAL D 326 -48.61 20.28 -10.45
C VAL D 326 -47.84 19.05 -10.92
N ASP D 327 -46.71 18.75 -10.26
CA ASP D 327 -45.88 17.60 -10.65
C ASP D 327 -46.77 16.34 -10.52
N GLU D 328 -47.62 16.34 -9.49
CA GLU D 328 -48.65 15.31 -9.28
C GLU D 328 -49.71 15.27 -10.37
N GLN D 329 -50.20 16.44 -10.77
CA GLN D 329 -51.23 16.53 -11.78
C GLN D 329 -50.69 16.13 -13.14
N MET D 330 -49.55 16.69 -13.53
CA MET D 330 -48.95 16.42 -14.83
C MET D 330 -48.86 14.92 -15.07
N LEU D 331 -48.47 14.18 -14.04
CA LEU D 331 -48.31 12.74 -14.16
C LEU D 331 -49.62 12.00 -14.46
N ASN D 332 -50.71 12.35 -13.77
CA ASN D 332 -52.00 11.71 -14.07
C ASN D 332 -52.54 12.06 -15.47
N VAL D 333 -51.85 12.95 -16.18
CA VAL D 333 -52.17 13.20 -17.59
C VAL D 333 -51.49 12.12 -18.43
N GLN D 334 -50.17 12.04 -18.33
CA GLN D 334 -49.37 11.08 -19.10
C GLN D 334 -49.63 9.61 -18.69
N ASN D 335 -50.75 9.38 -18.02
CA ASN D 335 -51.21 8.03 -17.77
C ASN D 335 -52.60 7.84 -18.29
N LYS D 336 -53.54 8.65 -17.79
CA LYS D 336 -54.89 8.74 -18.38
C LYS D 336 -54.80 9.26 -19.86
N ASN D 337 -53.56 9.33 -20.38
CA ASN D 337 -53.23 9.62 -21.78
C ASN D 337 -51.96 8.89 -22.26
N SER D 338 -51.36 8.09 -21.38
CA SER D 338 -50.09 7.41 -21.64
C SER D 338 -49.93 6.89 -23.06
N SER D 339 -51.00 6.32 -23.64
CA SER D 339 -50.98 5.81 -25.00
C SER D 339 -50.31 6.73 -26.03
N TYR D 340 -50.85 7.95 -26.21
CA TYR D 340 -50.38 8.90 -27.23
C TYR D 340 -49.32 9.87 -26.67
N PHE D 341 -48.06 9.48 -26.83
CA PHE D 341 -46.93 10.06 -26.10
C PHE D 341 -45.69 9.21 -26.31
N VAL D 342 -45.15 9.22 -27.52
CA VAL D 342 -43.94 8.46 -27.85
C VAL D 342 -43.19 7.92 -26.62
N GLU D 343 -43.13 6.61 -26.45
CA GLU D 343 -42.29 6.00 -25.40
C GLU D 343 -40.77 6.08 -25.69
N TRP D 344 -40.39 6.19 -26.98
CA TRP D 344 -38.96 6.19 -27.39
C TRP D 344 -38.23 7.51 -27.14
N ILE D 345 -38.88 8.40 -26.39
CA ILE D 345 -38.25 9.64 -25.96
C ILE D 345 -38.50 9.78 -24.46
N PRO D 346 -37.67 9.14 -23.64
CA PRO D 346 -37.98 8.86 -22.24
C PRO D 346 -38.73 9.95 -21.52
N ASN D 347 -38.21 11.18 -21.47
CA ASN D 347 -38.84 12.14 -20.57
C ASN D 347 -39.58 13.30 -21.18
N ASN D 348 -39.94 13.14 -22.45
CA ASN D 348 -40.66 14.09 -23.33
C ASN D 348 -41.59 15.19 -22.77
N VAL D 349 -41.74 15.25 -21.44
CA VAL D 349 -42.61 16.26 -20.82
C VAL D 349 -42.06 16.88 -19.53
N LYS D 350 -41.59 18.12 -19.67
CA LYS D 350 -41.09 18.89 -18.53
C LYS D 350 -41.97 20.10 -18.29
N THR D 351 -41.93 20.57 -17.04
CA THR D 351 -42.96 21.42 -16.47
C THR D 351 -42.40 22.46 -15.57
N ALA D 352 -42.69 23.71 -15.92
CA ALA D 352 -42.18 24.79 -15.13
C ALA D 352 -43.28 25.63 -14.49
N VAL D 353 -42.88 26.28 -13.41
CA VAL D 353 -43.72 27.10 -12.57
C VAL D 353 -43.08 28.49 -12.56
N CYS D 354 -43.90 29.52 -12.40
CA CYS D 354 -43.37 30.87 -12.20
C CYS D 354 -44.34 31.73 -11.39
N ASP D 355 -43.81 32.44 -10.39
CA ASP D 355 -44.63 33.09 -9.35
C ASP D 355 -45.40 34.37 -9.76
N ILE D 356 -45.25 34.82 -11.02
CA ILE D 356 -45.86 36.08 -11.47
C ILE D 356 -46.87 35.94 -12.67
N PRO D 357 -48.16 35.94 -12.31
CA PRO D 357 -49.26 35.87 -13.29
C PRO D 357 -49.16 36.77 -14.52
N PRO D 358 -49.82 36.34 -15.60
CA PRO D 358 -49.96 37.17 -16.78
C PRO D 358 -50.77 38.37 -16.45
N ARG D 359 -51.85 38.29 -17.48
CA ARG D 359 -53.06 39.03 -17.45
C ARG D 359 -53.82 38.67 -16.14
N GLY D 360 -55.06 39.22 -16.00
CA GLY D 360 -55.96 39.05 -14.86
C GLY D 360 -55.52 37.92 -13.94
N LEU D 361 -56.00 36.73 -14.32
CA LEU D 361 -55.58 35.40 -13.85
C LEU D 361 -54.62 35.22 -12.64
N LYS D 362 -55.11 34.62 -11.54
CA LYS D 362 -54.23 34.21 -10.45
C LYS D 362 -53.56 32.86 -10.71
N MET D 363 -54.20 32.02 -11.54
CA MET D 363 -53.65 30.74 -11.98
C MET D 363 -53.71 30.70 -13.52
N SER D 364 -52.60 30.36 -14.20
CA SER D 364 -52.60 30.28 -15.68
C SER D 364 -51.41 29.52 -16.24
N ALA D 365 -51.69 28.49 -17.03
CA ALA D 365 -50.60 27.78 -17.68
C ALA D 365 -50.59 27.92 -19.19
N THR D 366 -49.58 27.30 -19.79
CA THR D 366 -49.49 27.24 -21.23
C THR D 366 -48.49 26.18 -21.67
N PHE D 367 -48.58 25.87 -22.95
CA PHE D 367 -48.22 24.56 -23.44
C PHE D 367 -47.45 24.70 -24.76
N ILE D 368 -46.32 24.01 -24.87
CA ILE D 368 -45.59 23.94 -26.14
C ILE D 368 -45.55 22.49 -26.59
N GLY D 369 -45.97 22.25 -27.81
CA GLY D 369 -46.24 20.89 -28.21
C GLY D 369 -45.80 20.44 -29.58
N ASN D 370 -44.66 19.75 -29.61
CA ASN D 370 -44.27 19.01 -30.78
C ASN D 370 -44.97 17.65 -30.83
N SER D 371 -46.04 17.58 -31.67
CA SER D 371 -46.93 16.40 -31.86
C SER D 371 -47.09 16.06 -33.34
N THR D 372 -46.94 14.78 -33.70
CA THR D 372 -47.14 14.39 -35.10
C THR D 372 -48.53 14.88 -35.54
N ALA D 373 -49.38 15.20 -34.56
CA ALA D 373 -50.75 15.70 -34.78
C ALA D 373 -50.79 16.88 -35.73
N ILE D 374 -49.74 17.69 -35.70
CA ILE D 374 -49.67 18.94 -36.45
C ILE D 374 -49.87 18.75 -37.93
N GLN D 375 -49.45 17.58 -38.42
CA GLN D 375 -49.57 17.21 -39.83
C GLN D 375 -50.98 17.53 -40.37
N GLU D 376 -52.02 17.17 -39.62
CA GLU D 376 -53.41 17.49 -39.92
C GLU D 376 -53.55 18.82 -40.62
N LEU D 377 -52.88 19.83 -40.06
CA LEU D 377 -52.93 21.23 -40.51
C LEU D 377 -52.23 21.45 -41.86
N PHE D 378 -51.08 20.82 -42.04
CA PHE D 378 -50.35 20.93 -43.30
C PHE D 378 -51.12 20.27 -44.46
N LYS D 379 -51.56 19.04 -44.21
CA LYS D 379 -52.32 18.26 -45.17
C LYS D 379 -53.47 19.10 -45.70
N ARG D 380 -54.03 19.97 -44.86
CA ARG D 380 -55.15 20.82 -45.24
C ARG D 380 -54.76 21.93 -46.21
N ILE D 381 -53.69 22.67 -45.91
CA ILE D 381 -53.26 23.75 -46.82
C ILE D 381 -52.93 23.13 -48.18
N SER D 382 -52.15 22.04 -48.13
CA SER D 382 -51.87 21.26 -49.31
C SER D 382 -53.18 20.91 -50.02
N GLU D 383 -54.15 20.32 -49.31
CA GLU D 383 -55.44 19.99 -49.90
C GLU D 383 -56.07 21.12 -50.71
N GLN D 384 -56.07 22.36 -50.20
CA GLN D 384 -56.62 23.48 -50.98
C GLN D 384 -55.69 23.83 -52.13
N PHE D 385 -54.41 23.93 -51.82
CA PHE D 385 -53.39 24.16 -52.81
C PHE D 385 -53.40 23.09 -53.93
N THR D 386 -53.12 21.83 -53.56
CA THR D 386 -53.09 20.63 -54.46
C THR D 386 -54.27 20.62 -55.45
N ALA D 387 -55.41 21.15 -55.00
CA ALA D 387 -56.64 21.24 -55.79
C ALA D 387 -56.71 22.52 -56.63
N MET D 388 -56.02 23.56 -56.19
CA MET D 388 -55.94 24.80 -56.95
C MET D 388 -54.87 24.78 -58.05
N PHE D 389 -53.59 24.74 -57.65
CA PHE D 389 -52.47 24.65 -58.60
C PHE D 389 -52.64 23.49 -59.60
N ARG D 390 -53.57 22.57 -59.29
CA ARG D 390 -53.99 21.48 -60.18
C ARG D 390 -54.15 22.01 -61.59
N ARG D 391 -55.36 22.44 -61.93
CA ARG D 391 -55.62 23.11 -63.20
C ARG D 391 -55.08 24.55 -63.10
N LYS D 392 -53.79 24.64 -62.74
CA LYS D 392 -53.04 25.89 -62.52
C LYS D 392 -53.96 27.12 -62.42
N ALA D 393 -54.78 27.17 -61.37
CA ALA D 393 -55.72 28.28 -61.15
C ALA D 393 -54.99 29.64 -61.10
N PHE D 394 -55.26 30.48 -60.09
CA PHE D 394 -54.70 31.85 -60.01
C PHE D 394 -53.22 32.04 -60.32
N LEU D 395 -52.51 30.95 -60.56
CA LEU D 395 -51.06 30.97 -60.66
C LEU D 395 -50.51 32.04 -61.57
N HIS D 396 -51.03 32.17 -62.78
CA HIS D 396 -50.44 33.09 -63.74
C HIS D 396 -50.21 34.46 -63.09
N TRP D 397 -50.45 34.53 -61.78
CA TRP D 397 -50.33 35.75 -61.01
C TRP D 397 -48.98 35.93 -60.37
N TYR D 398 -48.24 34.83 -60.35
CA TYR D 398 -46.88 34.82 -59.89
C TYR D 398 -45.99 34.57 -61.10
N THR D 399 -46.43 33.69 -62.01
CA THR D 399 -45.71 33.45 -63.27
C THR D 399 -45.19 34.81 -63.69
N GLY D 400 -46.08 35.80 -63.56
CA GLY D 400 -45.84 37.17 -63.96
C GLY D 400 -44.80 37.93 -63.16
N GLU D 401 -44.80 37.82 -61.83
CA GLU D 401 -43.79 38.52 -61.03
C GLU D 401 -42.47 37.81 -61.23
N GLY D 402 -42.50 36.68 -61.93
CA GLY D 402 -41.30 36.12 -62.53
C GLY D 402 -40.83 34.83 -61.93
N MET D 403 -41.76 33.92 -61.67
CA MET D 403 -41.41 32.68 -60.99
C MET D 403 -41.54 31.51 -61.95
N ASP D 404 -41.14 30.34 -61.49
CA ASP D 404 -41.26 29.14 -62.30
C ASP D 404 -42.39 28.21 -61.85
N GLU D 405 -43.02 27.57 -62.84
CA GLU D 405 -44.05 26.54 -62.64
C GLU D 405 -43.50 25.42 -61.74
N MET D 406 -42.46 24.74 -62.21
CA MET D 406 -41.72 23.76 -61.41
C MET D 406 -41.40 24.19 -59.94
N GLU D 407 -41.32 25.50 -59.67
CA GLU D 407 -41.02 25.99 -58.31
C GLU D 407 -42.18 25.73 -57.37
N PHE D 408 -43.38 25.71 -57.90
CA PHE D 408 -44.51 25.37 -57.06
C PHE D 408 -44.50 23.90 -56.69
N THR D 409 -44.45 23.03 -57.70
CA THR D 409 -44.37 21.58 -57.45
C THR D 409 -43.24 21.22 -56.47
N GLU D 410 -42.08 21.84 -56.67
CA GLU D 410 -40.89 21.58 -55.87
C GLU D 410 -41.06 22.04 -54.41
N ALA D 411 -41.99 22.97 -54.17
CA ALA D 411 -42.36 23.42 -52.82
C ALA D 411 -43.52 22.57 -52.33
N GLU D 412 -44.40 22.23 -53.25
CA GLU D 412 -45.54 21.38 -52.97
C GLU D 412 -45.08 20.04 -52.43
N SER D 413 -44.20 19.36 -53.17
CA SER D 413 -43.73 18.04 -52.73
C SER D 413 -42.61 18.15 -51.70
N ASN D 414 -42.36 19.33 -51.14
CA ASN D 414 -41.56 19.44 -49.91
C ASN D 414 -42.48 19.28 -48.73
N MET D 415 -43.49 20.12 -48.71
CA MET D 415 -44.67 19.90 -47.91
C MET D 415 -45.11 18.44 -47.87
N ASN D 416 -45.57 17.95 -49.02
CA ASN D 416 -46.10 16.59 -49.14
C ASN D 416 -45.14 15.49 -48.72
N ASP D 417 -43.90 15.89 -48.45
CA ASP D 417 -42.98 15.03 -47.78
C ASP D 417 -43.18 15.17 -46.29
N LEU D 418 -43.04 16.40 -45.80
CA LEU D 418 -43.16 16.72 -44.37
C LEU D 418 -44.31 15.92 -43.72
N VAL D 419 -45.51 16.09 -44.24
CA VAL D 419 -46.64 15.26 -43.90
C VAL D 419 -46.20 13.79 -43.75
N SER D 420 -45.70 13.22 -44.83
CA SER D 420 -45.31 11.81 -44.92
C SER D 420 -44.06 11.44 -44.12
N GLU D 421 -43.62 12.33 -43.24
CA GLU D 421 -42.54 12.01 -42.33
C GLU D 421 -43.11 11.97 -40.93
N TYR D 422 -43.95 12.96 -40.63
CA TYR D 422 -44.71 13.01 -39.38
C TYR D 422 -45.53 11.72 -39.23
N GLN D 423 -46.24 11.38 -40.32
CA GLN D 423 -47.07 10.17 -40.45
C GLN D 423 -46.25 8.89 -40.29
N GLN D 424 -44.95 9.00 -40.62
CA GLN D 424 -43.96 7.92 -40.56
C GLN D 424 -43.48 7.72 -39.12
N TYR D 425 -43.58 8.78 -38.33
CA TYR D 425 -43.06 8.72 -36.99
C TYR D 425 -44.17 8.35 -36.00
N GLN D 426 -45.28 7.89 -36.51
CA GLN D 426 -46.21 7.16 -35.64
C GLN D 426 -45.84 5.66 -35.64
N ASP D 427 -44.61 5.39 -35.15
CA ASP D 427 -43.94 4.08 -35.12
C ASP D 427 -43.65 3.63 -33.68
N MET E 3 56.25 -63.12 40.88
CA MET E 3 55.85 -61.67 41.01
C MET E 3 56.87 -60.63 40.44
N GLU E 4 58.15 -60.75 40.83
CA GLU E 4 59.28 -59.83 40.52
C GLU E 4 59.02 -58.46 39.83
N VAL E 5 59.73 -57.43 40.29
CA VAL E 5 59.77 -56.12 39.63
C VAL E 5 60.92 -56.11 38.63
N ILE E 6 61.32 -54.93 38.16
CA ILE E 6 62.50 -54.80 37.29
C ILE E 6 62.87 -53.32 37.22
N GLU E 7 63.87 -52.91 38.00
CA GLU E 7 64.09 -51.47 38.31
C GLU E 7 64.64 -50.56 37.18
N LEU E 8 63.84 -49.61 36.72
CA LEU E 8 64.17 -48.80 35.56
C LEU E 8 64.50 -47.31 35.85
N ASN E 9 65.76 -47.07 36.22
CA ASN E 9 66.35 -45.75 36.57
C ASN E 9 66.20 -45.26 38.04
N LYS E 10 67.13 -44.42 38.45
CA LYS E 10 67.17 -43.88 39.80
C LYS E 10 67.78 -42.47 39.76
N CYS E 11 67.04 -41.47 40.25
CA CYS E 11 67.32 -40.02 40.05
C CYS E 11 67.21 -39.09 41.27
N THR E 12 67.73 -37.88 41.12
CA THR E 12 67.68 -36.88 42.16
C THR E 12 66.30 -36.88 42.80
N SER E 13 65.27 -36.74 41.98
CA SER E 13 63.87 -36.57 42.42
C SER E 13 62.84 -37.68 42.06
N GLY E 14 63.28 -38.95 41.85
CA GLY E 14 62.40 -40.09 41.53
C GLY E 14 62.98 -41.51 41.45
N GLN E 15 62.30 -42.44 40.78
CA GLN E 15 62.73 -43.85 40.51
C GLN E 15 61.62 -44.59 39.70
N SER E 16 61.94 -45.58 38.87
CA SER E 16 60.89 -46.27 38.10
C SER E 16 61.05 -47.76 38.20
N PHE E 17 60.03 -48.51 37.81
CA PHE E 17 60.28 -49.92 37.58
C PHE E 17 59.35 -50.62 36.61
N GLU E 18 58.76 -51.72 37.08
CA GLU E 18 57.89 -52.56 36.29
C GLU E 18 57.55 -53.75 37.18
N VAL E 19 56.27 -53.92 37.50
CA VAL E 19 55.80 -55.23 37.90
C VAL E 19 55.20 -55.84 36.62
N ILE E 20 55.92 -56.76 35.97
CA ILE E 20 55.38 -57.61 34.90
C ILE E 20 54.78 -58.73 35.70
N LEU E 21 53.54 -59.09 35.38
CA LEU E 21 52.69 -59.79 36.34
C LEU E 21 52.44 -61.26 35.94
N LYS E 22 52.12 -61.49 34.66
CA LYS E 22 52.21 -62.78 33.97
C LYS E 22 52.37 -62.39 32.51
N PRO E 23 53.32 -63.01 31.81
CA PRO E 23 53.65 -62.58 30.44
C PRO E 23 52.48 -62.94 29.51
N PRO E 24 52.51 -62.54 28.24
CA PRO E 24 51.27 -62.31 27.45
C PRO E 24 50.40 -63.50 26.98
N SER E 25 50.99 -64.45 26.26
CA SER E 25 50.33 -65.40 25.34
C SER E 25 50.83 -65.04 23.92
N PHE E 26 52.15 -65.08 23.76
CA PHE E 26 52.80 -64.36 22.66
C PHE E 26 53.62 -65.20 21.69
N ASP E 27 53.66 -64.63 20.49
CA ASP E 27 54.60 -64.96 19.42
C ASP E 27 54.44 -63.78 18.47
N GLY E 28 54.23 -62.59 19.05
CA GLY E 28 53.91 -61.37 18.29
C GLY E 28 52.65 -61.64 17.50
N VAL E 29 52.01 -60.62 16.96
CA VAL E 29 50.74 -60.93 16.30
C VAL E 29 50.27 -60.05 15.14
N PRO E 30 49.65 -58.94 15.48
CA PRO E 30 48.52 -58.37 14.72
C PRO E 30 48.72 -57.75 13.31
N GLU E 31 48.80 -56.40 13.28
CA GLU E 31 48.87 -55.55 12.07
C GLU E 31 47.58 -54.70 11.79
N PHE E 32 47.20 -53.86 12.76
CA PHE E 32 45.94 -53.05 12.70
C PHE E 32 46.08 -51.52 12.44
N ASN E 33 45.87 -51.15 11.15
CA ASN E 33 46.41 -49.93 10.48
C ASN E 33 47.91 -49.51 10.78
N ALA E 34 48.74 -50.53 11.17
CA ALA E 34 50.23 -50.53 11.17
C ALA E 34 50.67 -50.78 9.72
N SER E 35 50.19 -49.88 8.85
CA SER E 35 49.99 -50.07 7.39
C SER E 35 51.21 -49.79 6.49
N LEU E 36 51.50 -50.75 5.59
CA LEU E 36 52.66 -50.77 4.66
C LEU E 36 52.73 -49.66 3.56
N PRO E 37 51.64 -49.33 2.85
CA PRO E 37 51.32 -47.93 2.48
C PRO E 37 50.48 -47.08 3.51
N ARG E 38 51.13 -46.40 4.46
CA ARG E 38 50.48 -45.49 5.42
C ARG E 38 51.08 -44.08 5.36
N ARG E 39 50.21 -43.06 5.28
CA ARG E 39 50.71 -41.69 5.20
C ARG E 39 51.28 -41.22 6.53
N PRO E 42 54.51 -39.89 6.94
CA PRO E 42 55.34 -38.82 6.32
C PRO E 42 54.59 -37.84 5.34
N SER E 43 54.12 -36.67 5.82
CA SER E 43 53.37 -35.70 4.96
C SER E 43 54.06 -34.40 4.38
N LEU E 44 53.33 -33.52 3.68
CA LEU E 44 53.99 -32.66 2.65
C LEU E 44 53.62 -31.15 2.47
N GLU E 45 54.58 -30.25 2.72
CA GLU E 45 54.45 -28.78 2.59
C GLU E 45 53.82 -28.28 1.29
N GLU E 46 53.93 -29.09 0.23
CA GLU E 46 53.33 -28.83 -1.09
C GLU E 46 51.82 -28.64 -0.99
N ILE E 47 51.17 -29.40 -0.11
CA ILE E 47 49.74 -29.23 0.20
C ILE E 47 49.45 -28.04 1.13
N GLN E 48 50.05 -26.91 0.78
CA GLN E 48 49.49 -25.60 1.04
C GLN E 48 48.57 -25.34 -0.16
N LYS E 49 48.95 -25.86 -1.33
CA LYS E 49 48.14 -25.80 -2.56
C LYS E 49 46.87 -26.69 -2.52
N LYS E 50 46.55 -27.23 -1.33
CA LYS E 50 45.27 -27.88 -1.07
C LYS E 50 44.44 -26.92 -0.25
N LEU E 51 45.14 -26.00 0.41
CA LEU E 51 44.49 -24.97 1.21
C LEU E 51 43.96 -23.87 0.31
N GLU E 52 44.62 -23.72 -0.84
CA GLU E 52 44.26 -22.72 -1.85
C GLU E 52 43.00 -23.09 -2.63
N ALA E 53 43.01 -24.26 -3.27
CA ALA E 53 41.87 -24.69 -4.10
C ALA E 53 40.52 -24.79 -3.31
N ALA E 54 40.58 -24.54 -2.01
CA ALA E 54 39.39 -24.46 -1.17
C ALA E 54 38.95 -23.02 -1.07
N GLU E 55 39.95 -22.15 -1.00
CA GLU E 55 39.72 -20.72 -0.97
C GLU E 55 39.46 -20.14 -2.38
N GLU E 56 39.80 -20.86 -3.45
CA GLU E 56 39.37 -20.44 -4.81
C GLU E 56 37.89 -20.74 -5.03
N ARG E 57 37.30 -21.54 -4.12
CA ARG E 57 35.88 -21.87 -4.16
C ARG E 57 35.09 -20.77 -3.48
N ARG E 58 35.60 -20.29 -2.35
CA ARG E 58 35.02 -19.14 -1.67
C ARG E 58 35.06 -17.94 -2.60
N LYS E 59 36.25 -17.46 -2.96
CA LYS E 59 36.34 -16.39 -3.93
C LYS E 59 35.28 -16.64 -5.01
N TYR E 60 35.07 -17.91 -5.37
CA TYR E 60 34.01 -18.27 -6.32
C TYR E 60 32.69 -17.82 -5.75
N GLN E 61 31.96 -18.72 -5.08
CA GLN E 61 30.66 -18.44 -4.44
C GLN E 61 30.30 -16.96 -4.23
N GLU E 62 31.21 -16.21 -3.60
CA GLU E 62 31.13 -14.75 -3.48
C GLU E 62 30.93 -14.10 -4.85
N ALA E 63 31.95 -14.18 -5.71
CA ALA E 63 31.91 -13.60 -7.07
C ALA E 63 30.81 -14.15 -8.04
N GLU E 64 30.18 -15.29 -7.72
CA GLU E 64 29.06 -15.81 -8.53
C GLU E 64 27.80 -16.00 -7.70
N LEU E 65 27.34 -14.89 -7.13
CA LEU E 65 26.18 -14.74 -6.23
C LEU E 65 26.36 -13.36 -5.63
N LEU E 66 27.33 -12.66 -6.20
CA LEU E 66 27.41 -11.21 -6.23
C LEU E 66 27.18 -10.95 -7.73
N LYS E 67 27.38 -11.99 -8.55
CA LYS E 67 26.96 -11.97 -9.95
C LYS E 67 25.48 -12.28 -10.01
N HIS E 68 25.02 -13.35 -9.35
CA HIS E 68 23.60 -13.66 -9.30
C HIS E 68 22.82 -12.58 -8.52
N LEU E 69 23.30 -11.32 -8.59
CA LEU E 69 22.84 -10.21 -7.74
C LEU E 69 23.03 -8.79 -8.28
N ALA E 70 24.12 -8.55 -8.99
CA ALA E 70 24.26 -7.32 -9.79
C ALA E 70 23.40 -7.55 -11.02
N GLU E 71 22.98 -8.81 -11.14
CA GLU E 71 22.01 -9.35 -12.11
C GLU E 71 20.62 -8.90 -11.71
N LYS E 72 20.22 -9.29 -10.50
CA LYS E 72 19.00 -8.76 -9.92
C LYS E 72 19.11 -7.23 -9.95
N ARG E 73 20.06 -6.67 -9.19
CA ARG E 73 20.30 -5.21 -9.12
C ARG E 73 19.96 -4.48 -10.43
N GLU E 74 20.49 -4.97 -11.53
CA GLU E 74 20.32 -4.25 -12.76
C GLU E 74 19.18 -4.79 -13.63
N HIS E 75 18.17 -5.31 -12.96
CA HIS E 75 16.84 -5.50 -13.54
C HIS E 75 16.00 -4.39 -12.95
N GLU E 76 16.19 -4.16 -11.65
CA GLU E 76 15.52 -3.08 -10.95
C GLU E 76 15.71 -1.84 -11.78
N ARG E 77 16.96 -1.48 -12.06
CA ARG E 77 17.17 -0.26 -12.80
C ARG E 77 16.32 -0.24 -14.07
N GLU E 78 15.92 -1.42 -14.57
CA GLU E 78 15.12 -1.47 -15.82
C GLU E 78 13.57 -1.60 -15.63
N VAL E 79 13.12 -1.89 -14.40
CA VAL E 79 11.69 -1.87 -14.11
C VAL E 79 11.23 -0.44 -13.89
N ILE E 80 11.89 0.29 -12.98
CA ILE E 80 11.61 1.71 -12.72
C ILE E 80 11.77 2.49 -14.00
N GLN E 81 12.57 1.96 -14.92
CA GLN E 81 12.74 2.52 -16.28
C GLN E 81 11.59 2.19 -17.25
N LYS E 82 11.04 0.97 -17.17
CA LYS E 82 9.90 0.57 -18.02
C LYS E 82 8.56 1.14 -17.51
N ALA E 83 8.65 2.15 -16.63
CA ALA E 83 7.53 2.78 -15.94
C ALA E 83 7.57 4.28 -16.11
N ILE E 84 8.78 4.82 -16.19
CA ILE E 84 8.98 6.08 -16.84
C ILE E 84 8.64 5.82 -18.33
N GLU E 85 8.81 4.55 -18.75
CA GLU E 85 8.51 4.11 -20.14
C GLU E 85 7.02 3.80 -20.41
N GLU E 86 6.34 3.21 -19.41
CA GLU E 86 4.90 2.97 -19.46
C GLU E 86 4.19 4.30 -19.53
N ASN E 87 4.37 5.13 -18.49
CA ASN E 87 3.79 6.47 -18.48
C ASN E 87 4.14 7.32 -19.71
N ASN E 88 5.37 7.84 -19.79
CA ASN E 88 5.80 8.64 -20.95
C ASN E 88 5.09 8.18 -22.22
N ASN E 89 4.79 6.88 -22.27
CA ASN E 89 4.32 6.16 -23.45
C ASN E 89 2.81 6.15 -23.66
N PHE E 90 2.09 6.93 -22.87
CA PHE E 90 0.63 6.96 -22.93
C PHE E 90 0.16 8.40 -22.85
N ILE E 91 1.01 9.25 -22.31
CA ILE E 91 0.90 10.67 -22.56
C ILE E 91 0.96 10.84 -24.09
N LYS E 92 2.05 10.36 -24.70
CA LYS E 92 2.33 10.52 -26.14
C LYS E 92 1.26 9.93 -27.10
N MET E 93 0.31 9.19 -26.52
CA MET E 93 -0.76 8.54 -27.26
C MET E 93 -2.12 9.27 -27.07
N ALA E 94 -2.69 9.24 -25.86
CA ALA E 94 -3.97 9.91 -25.60
C ALA E 94 -3.82 11.45 -25.44
N LYS E 95 -2.58 11.93 -25.52
CA LYS E 95 -2.30 13.36 -25.68
C LYS E 95 -2.43 13.77 -27.12
N GLU E 96 -2.02 12.87 -28.02
CA GLU E 96 -2.03 13.10 -29.48
C GLU E 96 -3.34 12.65 -30.18
N LYS E 97 -3.96 11.59 -29.67
CA LYS E 97 -5.28 11.16 -30.13
C LYS E 97 -6.35 12.10 -29.58
N LEU E 98 -5.90 13.11 -28.83
CA LEU E 98 -6.76 14.17 -28.37
C LEU E 98 -6.94 15.18 -29.49
N ALA E 99 -5.86 15.83 -29.89
CA ALA E 99 -5.94 16.82 -30.95
C ALA E 99 -6.31 16.22 -32.32
N GLN E 100 -6.14 14.91 -32.48
CA GLN E 100 -6.49 14.21 -33.72
C GLN E 100 -7.99 14.11 -33.87
N LYS E 101 -8.66 13.86 -32.75
CA LYS E 101 -10.13 13.94 -32.65
C LYS E 101 -10.61 15.39 -32.76
N MET E 102 -9.70 16.36 -32.71
CA MET E 102 -10.06 17.78 -32.75
C MET E 102 -9.80 18.44 -34.09
N GLU E 103 -9.16 17.72 -35.00
CA GLU E 103 -9.10 18.18 -36.38
C GLU E 103 -10.29 17.54 -37.08
N SER E 104 -10.76 16.41 -36.54
CA SER E 104 -11.96 15.74 -37.06
C SER E 104 -13.27 16.48 -36.71
N ASN E 105 -13.14 17.50 -35.87
CA ASN E 105 -14.26 18.27 -35.36
C ASN E 105 -14.36 19.65 -35.97
N LYS E 106 -13.26 20.39 -35.96
CA LYS E 106 -13.23 21.67 -36.64
C LYS E 106 -13.35 21.44 -38.16
N GLU E 107 -12.91 20.27 -38.65
CA GLU E 107 -13.00 19.92 -40.08
C GLU E 107 -14.41 19.46 -40.55
N ASN E 108 -15.06 18.60 -39.77
CA ASN E 108 -16.42 18.13 -40.05
C ASN E 108 -17.49 19.24 -39.95
N ARG E 109 -17.38 20.11 -38.96
CA ARG E 109 -18.30 21.22 -38.84
C ARG E 109 -17.97 22.30 -39.86
N GLU E 110 -16.71 22.37 -40.27
CA GLU E 110 -16.29 23.23 -41.38
C GLU E 110 -17.08 22.87 -42.64
N ALA E 111 -17.60 21.64 -42.68
CA ALA E 111 -18.38 21.11 -43.80
C ALA E 111 -19.88 21.32 -43.61
N HIS E 112 -20.48 20.60 -42.66
CA HIS E 112 -21.89 20.77 -42.34
C HIS E 112 -22.25 22.27 -42.12
N LEU E 113 -21.26 23.15 -42.25
CA LEU E 113 -21.47 24.61 -42.22
C LEU E 113 -21.48 25.20 -43.62
N ALA E 114 -20.28 25.28 -44.22
CA ALA E 114 -20.06 25.95 -45.50
C ALA E 114 -20.75 25.16 -46.63
N ALA E 115 -21.52 24.16 -46.20
CA ALA E 115 -22.35 23.31 -47.04
C ALA E 115 -23.84 23.46 -46.67
N MET E 116 -24.08 23.99 -45.47
CA MET E 116 -25.38 24.59 -45.15
C MET E 116 -25.40 25.97 -45.77
N LEU E 117 -24.32 26.73 -45.57
CA LEU E 117 -24.13 28.01 -46.22
C LEU E 117 -24.18 27.89 -47.74
N GLU E 118 -23.80 26.73 -48.28
CA GLU E 118 -23.85 26.48 -49.73
C GLU E 118 -25.30 26.52 -50.27
N ARG E 119 -26.25 25.82 -49.65
CA ARG E 119 -27.66 25.86 -50.10
C ARG E 119 -28.09 27.32 -50.19
N LEU E 120 -28.05 28.03 -49.05
CA LEU E 120 -28.52 29.41 -48.94
C LEU E 120 -27.67 30.41 -49.73
N GLN E 121 -27.07 29.95 -50.83
CA GLN E 121 -26.25 30.82 -51.66
C GLN E 121 -26.63 30.69 -53.12
N GLU E 122 -27.24 29.57 -53.51
CA GLU E 122 -27.81 29.42 -54.85
C GLU E 122 -29.38 29.40 -54.78
N LYS E 123 -29.88 29.46 -53.56
CA LYS E 123 -31.20 30.02 -53.34
C LYS E 123 -31.09 31.48 -53.78
N ASP E 124 -29.85 32.01 -53.78
CA ASP E 124 -29.55 33.42 -54.09
C ASP E 124 -29.05 33.79 -55.50
N LYS E 125 -28.27 32.91 -56.13
CA LYS E 125 -27.96 33.04 -57.55
C LYS E 125 -29.16 32.53 -58.38
N HIS E 126 -30.36 32.61 -57.76
CA HIS E 126 -31.68 32.21 -58.30
C HIS E 126 -32.70 33.31 -58.04
N ALA E 127 -32.61 33.94 -56.87
CA ALA E 127 -33.37 35.15 -56.61
C ALA E 127 -32.99 36.16 -57.67
N GLU E 128 -31.69 36.38 -57.84
CA GLU E 128 -31.17 37.38 -58.77
C GLU E 128 -31.02 36.94 -60.24
N GLU E 129 -30.99 35.62 -60.50
CA GLU E 129 -30.94 35.10 -61.90
C GLU E 129 -32.32 34.69 -62.48
N VAL E 130 -33.36 34.74 -61.61
CA VAL E 130 -34.82 34.77 -62.00
C VAL E 130 -35.53 36.09 -61.47
N ARG E 131 -34.75 37.17 -61.37
CA ARG E 131 -35.22 38.56 -61.33
C ARG E 131 -34.74 39.22 -62.62
N LYS E 132 -33.65 38.67 -63.17
CA LYS E 132 -33.24 38.87 -64.57
C LYS E 132 -34.04 37.90 -65.47
N ASN E 133 -35.08 37.30 -64.87
CA ASN E 133 -36.21 36.66 -65.57
C ASN E 133 -37.49 37.49 -65.34
N LYS E 134 -37.35 38.61 -64.58
CA LYS E 134 -38.39 39.65 -64.53
C LYS E 134 -38.49 40.27 -65.91
N GLU E 135 -37.35 40.38 -66.58
CA GLU E 135 -37.27 40.79 -67.98
C GLU E 135 -37.96 39.83 -69.00
N LEU E 136 -38.74 38.83 -68.53
CA LEU E 136 -39.37 37.81 -69.41
C LEU E 136 -40.85 38.09 -69.81
N LYS E 137 -41.78 38.07 -68.85
CA LYS E 137 -43.21 38.09 -69.11
C LYS E 137 -43.73 39.50 -69.41
N GLU E 138 -43.95 40.26 -68.35
CA GLU E 138 -44.26 41.69 -68.44
C GLU E 138 -44.95 42.04 -69.76
#